data_1VHW
#
_entry.id   1VHW
#
_cell.length_a   46.601
_cell.length_b   152.720
_cell.length_c   96.717
_cell.angle_alpha   90.00
_cell.angle_beta   103.91
_cell.angle_gamma   90.00
#
_symmetry.space_group_name_H-M   'P 1 21 1'
#
loop_
_entity.id
_entity.type
_entity.pdbx_description
1 polymer 'purine nucleoside phosphorylase'
2 non-polymer ADENOSINE
3 water water
#
_entity_poly.entity_id   1
_entity_poly.type   'polypeptide(L)'
_entity_poly.pdbx_seq_one_letter_code
;MSLATPHINAQMGDFADVVLMPGDPLRAKYIAENFLDNAVQVCDVRNMFGYTGTYKGRRISVMGHGMGIPSCSIYVTELI
KDYGVKKIIRVGSCGAVNEGIKVRDVVIGMGACTDSKVNRIRFKDHDFAAIADYKMVKAAEEAAKARGIDVKVGNLFSAE
LFYTPDPSMFDVMDKYGIVGVEMEAAGIYGVAAEYGAKALAICTVSDHIKTGEQTTSEERQNTFNEMIEIALDSVLIGDQ
AGYEGGSHHHHHH
;
_entity_poly.pdbx_strand_id   A,B,C,D,E,F
#
# COMPACT_ATOMS: atom_id res chain seq x y z
N ALA A 4 34.34 -13.75 -12.32
CA ALA A 4 34.21 -12.70 -13.32
C ALA A 4 32.95 -11.88 -13.09
N THR A 5 32.25 -12.15 -11.99
CA THR A 5 31.04 -11.36 -11.67
C THR A 5 31.42 -10.46 -10.53
N PRO A 6 30.66 -9.41 -10.24
CA PRO A 6 31.06 -8.51 -9.17
C PRO A 6 31.14 -9.10 -7.80
N HIS A 7 30.39 -10.16 -7.50
CA HIS A 7 30.41 -10.72 -6.15
C HIS A 7 30.94 -12.13 -6.07
N ILE A 8 31.34 -12.71 -7.21
CA ILE A 8 31.81 -14.10 -7.23
C ILE A 8 33.05 -14.15 -8.14
N ASN A 9 34.20 -14.50 -7.60
CA ASN A 9 35.43 -14.54 -8.40
C ASN A 9 35.70 -15.98 -8.86
N ALA A 10 34.82 -16.45 -9.74
CA ALA A 10 34.90 -17.79 -10.27
C ALA A 10 34.70 -17.71 -11.80
N GLN A 11 34.78 -18.87 -12.42
CA GLN A 11 34.62 -18.99 -13.86
C GLN A 11 33.47 -19.94 -14.18
N MET A 12 32.83 -19.75 -15.33
CA MET A 12 31.76 -20.65 -15.75
C MET A 12 32.34 -22.08 -15.74
N GLY A 13 31.60 -22.99 -15.14
CA GLY A 13 32.04 -24.37 -14.99
C GLY A 13 32.54 -24.67 -13.59
N ASP A 14 32.92 -23.64 -12.83
CA ASP A 14 33.42 -23.87 -11.48
C ASP A 14 32.34 -24.41 -10.54
N PHE A 15 31.09 -24.03 -10.79
CA PHE A 15 30.00 -24.52 -9.96
C PHE A 15 29.26 -25.68 -10.66
N ALA A 16 28.81 -26.59 -9.83
CA ALA A 16 27.93 -27.68 -10.31
C ALA A 16 26.60 -27.03 -10.67
N ASP A 17 25.68 -27.77 -11.26
CA ASP A 17 24.37 -27.21 -11.61
C ASP A 17 23.42 -27.19 -10.42
N VAL A 18 23.85 -27.73 -9.30
CA VAL A 18 23.10 -27.74 -8.06
C VAL A 18 23.99 -27.14 -6.97
N VAL A 19 23.51 -26.13 -6.25
CA VAL A 19 24.27 -25.49 -5.21
C VAL A 19 23.50 -25.47 -3.88
N LEU A 20 24.11 -25.99 -2.83
CA LEU A 20 23.55 -25.93 -1.50
C LEU A 20 24.03 -24.60 -0.88
N MET A 21 23.14 -23.89 -0.18
CA MET A 21 23.58 -22.62 0.36
C MET A 21 23.12 -22.31 1.77
N PRO A 22 24.01 -22.29 2.74
CA PRO A 22 23.68 -21.84 4.09
C PRO A 22 23.94 -20.34 4.10
N GLY A 23 23.50 -19.57 5.07
CA GLY A 23 23.83 -18.14 5.07
C GLY A 23 25.29 -17.90 5.41
N ASP A 24 25.84 -18.68 6.33
CA ASP A 24 27.21 -18.50 6.83
C ASP A 24 28.23 -19.17 5.94
N PRO A 25 29.16 -18.41 5.38
CA PRO A 25 30.22 -18.99 4.56
C PRO A 25 31.05 -20.02 5.31
N LEU A 26 31.13 -19.91 6.64
CA LEU A 26 31.87 -20.91 7.42
C LEU A 26 31.09 -22.21 7.53
N ARG A 27 29.77 -22.16 7.40
CA ARG A 27 28.96 -23.39 7.36
C ARG A 27 29.15 -24.04 5.99
N ALA A 28 29.34 -23.20 4.96
CA ALA A 28 29.60 -23.75 3.61
C ALA A 28 30.95 -24.49 3.65
N LYS A 29 31.93 -23.91 4.33
CA LYS A 29 33.24 -24.58 4.48
C LYS A 29 33.09 -25.89 5.22
N TYR A 30 32.32 -25.90 6.31
CA TYR A 30 32.07 -27.10 7.08
C TYR A 30 31.41 -28.18 6.24
N ILE A 31 30.40 -27.82 5.44
CA ILE A 31 29.74 -28.80 4.59
C ILE A 31 30.70 -29.36 3.54
N ALA A 32 31.49 -28.47 2.93
CA ALA A 32 32.44 -28.93 1.91
C ALA A 32 33.47 -29.89 2.47
N GLU A 33 33.98 -29.60 3.66
CA GLU A 33 35.03 -30.42 4.25
C GLU A 33 34.53 -31.73 4.83
N ASN A 34 33.31 -31.78 5.34
CA ASN A 34 32.82 -32.96 6.00
C ASN A 34 31.81 -33.80 5.28
N PHE A 35 31.11 -33.23 4.29
CA PHE A 35 30.09 -34.01 3.58
C PHE A 35 30.42 -34.25 2.12
N LEU A 36 31.32 -33.46 1.54
CA LEU A 36 31.67 -33.66 0.13
C LEU A 36 33.06 -34.30 0.02
N ASP A 37 33.27 -34.96 -1.11
CA ASP A 37 34.57 -35.57 -1.37
C ASP A 37 35.34 -34.64 -2.29
N ASN A 38 36.61 -34.43 -1.94
CA ASN A 38 37.51 -33.63 -2.75
C ASN A 38 36.98 -32.26 -3.13
N ALA A 39 36.40 -31.55 -2.17
CA ALA A 39 35.85 -30.23 -2.43
C ALA A 39 36.97 -29.19 -2.47
N VAL A 40 36.92 -28.35 -3.49
CA VAL A 40 37.88 -27.27 -3.68
C VAL A 40 37.15 -25.92 -3.66
N GLN A 41 37.76 -24.91 -3.07
CA GLN A 41 37.18 -23.56 -2.99
C GLN A 41 37.17 -22.92 -4.36
N VAL A 42 36.03 -22.34 -4.75
CA VAL A 42 35.90 -21.70 -6.05
C VAL A 42 35.67 -20.20 -5.95
N CYS A 43 35.39 -19.67 -4.76
CA CYS A 43 35.20 -18.21 -4.64
C CYS A 43 35.38 -17.77 -3.20
N ASP A 44 35.80 -16.50 -3.05
CA ASP A 44 36.02 -15.94 -1.73
C ASP A 44 35.83 -14.43 -1.67
N VAL A 45 35.21 -13.81 -2.66
CA VAL A 45 34.98 -12.34 -2.62
C VAL A 45 34.10 -12.03 -1.41
N ARG A 46 34.45 -10.97 -0.67
CA ARG A 46 33.73 -10.56 0.54
C ARG A 46 33.66 -11.68 1.56
N ASN A 47 34.60 -12.64 1.53
CA ASN A 47 34.66 -13.78 2.39
C ASN A 47 33.44 -14.71 2.20
N MET A 48 32.77 -14.60 1.06
CA MET A 48 31.59 -15.46 0.85
C MET A 48 32.08 -16.71 0.10
N PHE A 49 32.57 -17.65 0.91
CA PHE A 49 33.18 -18.86 0.43
C PHE A 49 32.23 -19.81 -0.31
N GLY A 50 32.71 -20.38 -1.40
CA GLY A 50 31.95 -21.33 -2.22
C GLY A 50 32.91 -22.44 -2.64
N TYR A 51 32.40 -23.67 -2.70
CA TYR A 51 33.19 -24.84 -2.98
C TYR A 51 32.44 -25.80 -3.91
N THR A 52 33.24 -26.65 -4.59
CA THR A 52 32.65 -27.65 -5.48
C THR A 52 33.36 -28.99 -5.23
N GLY A 53 32.59 -30.03 -4.97
CA GLY A 53 33.17 -31.37 -4.73
C GLY A 53 32.14 -32.41 -5.21
N THR A 54 32.24 -33.63 -4.72
CA THR A 54 31.26 -34.65 -5.12
C THR A 54 30.61 -35.31 -3.91
N TYR A 55 29.38 -35.77 -4.14
CA TYR A 55 28.65 -36.52 -3.12
C TYR A 55 28.23 -37.83 -3.81
N LYS A 56 28.81 -38.95 -3.37
CA LYS A 56 28.53 -40.23 -4.01
C LYS A 56 28.75 -40.17 -5.51
N GLY A 57 29.81 -39.47 -5.94
CA GLY A 57 30.17 -39.31 -7.32
C GLY A 57 29.51 -38.18 -8.07
N ARG A 58 28.47 -37.58 -7.51
CA ARG A 58 27.76 -36.50 -8.17
C ARG A 58 28.33 -35.13 -7.79
N ARG A 59 28.63 -34.32 -8.78
CA ARG A 59 29.19 -33.00 -8.57
C ARG A 59 28.18 -32.07 -7.91
N ILE A 60 28.58 -31.49 -6.77
CA ILE A 60 27.65 -30.59 -6.05
C ILE A 60 28.45 -29.44 -5.49
N SER A 61 27.90 -28.21 -5.49
CA SER A 61 28.60 -27.07 -4.94
C SER A 61 27.89 -26.62 -3.65
N VAL A 62 28.64 -25.88 -2.85
CA VAL A 62 28.10 -25.33 -1.60
C VAL A 62 28.69 -23.94 -1.41
N MET A 63 27.83 -22.96 -1.11
CA MET A 63 28.30 -21.59 -0.99
C MET A 63 27.41 -20.78 -0.06
N GLY A 64 28.03 -19.86 0.69
CA GLY A 64 27.19 -19.03 1.56
C GLY A 64 26.41 -17.99 0.76
N HIS A 65 25.28 -17.52 1.35
CA HIS A 65 24.47 -16.51 0.68
C HIS A 65 24.35 -15.24 1.51
N GLY A 66 24.93 -15.22 2.71
CA GLY A 66 24.82 -14.00 3.54
C GLY A 66 23.45 -13.95 4.23
N MET A 67 23.17 -12.83 4.90
CA MET A 67 21.90 -12.72 5.62
C MET A 67 20.97 -11.71 4.97
N GLY A 68 19.71 -12.13 4.79
CA GLY A 68 18.68 -11.25 4.25
C GLY A 68 18.39 -11.44 2.77
N ILE A 69 17.18 -11.00 2.42
CA ILE A 69 16.73 -11.10 1.03
C ILE A 69 17.64 -10.39 0.07
N PRO A 70 18.01 -9.15 0.25
CA PRO A 70 18.89 -8.47 -0.73
C PRO A 70 20.22 -9.17 -0.92
N SER A 71 20.82 -9.68 0.15
CA SER A 71 22.10 -10.36 0.02
C SER A 71 21.98 -11.65 -0.75
N CYS A 72 21.07 -12.54 -0.32
CA CYS A 72 20.96 -13.81 -1.05
C CYS A 72 20.48 -13.63 -2.48
N SER A 73 19.70 -12.60 -2.78
CA SER A 73 19.25 -12.37 -4.15
C SER A 73 20.44 -12.12 -5.06
N ILE A 74 21.42 -11.33 -4.62
CA ILE A 74 22.58 -11.08 -5.47
C ILE A 74 23.28 -12.39 -5.79
N TYR A 75 23.60 -13.19 -4.77
CA TYR A 75 24.34 -14.43 -5.02
C TYR A 75 23.57 -15.42 -5.87
N VAL A 76 22.29 -15.63 -5.57
CA VAL A 76 21.50 -16.59 -6.34
C VAL A 76 21.32 -16.14 -7.77
N THR A 77 21.08 -14.83 -7.97
CA THR A 77 20.92 -14.31 -9.33
C THR A 77 22.19 -14.61 -10.13
N GLU A 78 23.34 -14.29 -9.56
CA GLU A 78 24.61 -14.51 -10.29
C GLU A 78 24.83 -15.98 -10.55
N LEU A 79 24.55 -16.86 -9.60
CA LEU A 79 24.75 -18.28 -9.82
C LEU A 79 23.91 -18.75 -11.00
N ILE A 80 22.64 -18.36 -11.03
CA ILE A 80 21.78 -18.79 -12.13
C ILE A 80 22.16 -18.17 -13.46
N LYS A 81 22.26 -16.84 -13.51
CA LYS A 81 22.52 -16.20 -14.80
C LYS A 81 23.93 -16.26 -15.30
N ASP A 82 24.92 -16.27 -14.44
CA ASP A 82 26.31 -16.26 -14.87
C ASP A 82 27.01 -17.59 -14.73
N TYR A 83 26.53 -18.51 -13.90
CA TYR A 83 27.23 -19.78 -13.72
C TYR A 83 26.45 -21.00 -14.12
N GLY A 84 25.29 -20.82 -14.74
CA GLY A 84 24.48 -21.92 -15.23
C GLY A 84 23.82 -22.79 -14.19
N VAL A 85 23.73 -22.29 -12.96
CA VAL A 85 23.08 -23.09 -11.90
C VAL A 85 21.60 -23.28 -12.14
N LYS A 86 21.16 -24.53 -12.03
CA LYS A 86 19.76 -24.85 -12.28
C LYS A 86 18.94 -24.99 -10.99
N LYS A 87 19.55 -25.49 -9.93
CA LYS A 87 18.81 -25.74 -8.68
C LYS A 87 19.58 -25.20 -7.49
N ILE A 88 18.87 -24.52 -6.60
CA ILE A 88 19.46 -23.95 -5.40
C ILE A 88 18.76 -24.54 -4.17
N ILE A 89 19.53 -25.13 -3.27
CA ILE A 89 18.94 -25.64 -2.04
C ILE A 89 19.49 -24.84 -0.86
N ARG A 90 18.67 -23.93 -0.31
CA ARG A 90 19.13 -23.20 0.90
C ARG A 90 19.04 -24.22 2.05
N VAL A 91 20.13 -24.35 2.78
CA VAL A 91 20.19 -25.28 3.93
C VAL A 91 20.47 -24.41 5.15
N GLY A 92 19.40 -24.01 5.86
CA GLY A 92 19.63 -23.11 6.98
C GLY A 92 19.04 -23.51 8.31
N SER A 93 18.92 -22.48 9.15
CA SER A 93 18.38 -22.59 10.48
C SER A 93 17.19 -21.62 10.54
N CYS A 94 16.29 -21.89 11.48
CA CYS A 94 15.12 -21.02 11.59
C CYS A 94 14.55 -21.08 13.00
N GLY A 95 13.71 -20.09 13.32
CA GLY A 95 13.08 -20.08 14.65
C GLY A 95 11.63 -20.53 14.46
N ALA A 96 11.11 -21.34 15.40
CA ALA A 96 9.72 -21.78 15.26
C ALA A 96 8.78 -20.85 16.01
N VAL A 97 7.55 -20.75 15.53
CA VAL A 97 6.54 -19.90 16.17
C VAL A 97 5.27 -20.66 16.53
N ASN A 98 5.12 -21.85 16.01
CA ASN A 98 3.91 -22.66 16.26
C ASN A 98 4.24 -23.80 17.21
N GLU A 99 3.27 -24.17 18.06
CA GLU A 99 3.47 -25.26 19.01
C GLU A 99 3.55 -26.62 18.34
N GLY A 100 3.08 -26.74 17.10
CA GLY A 100 3.13 -27.99 16.35
C GLY A 100 4.55 -28.29 15.85
N ILE A 101 5.43 -27.30 15.93
CA ILE A 101 6.82 -27.47 15.48
C ILE A 101 7.75 -27.46 16.69
N LYS A 102 8.69 -28.41 16.74
CA LYS A 102 9.61 -28.45 17.87
C LYS A 102 11.06 -28.15 17.52
N VAL A 103 11.85 -27.74 18.51
CA VAL A 103 13.27 -27.49 18.25
C VAL A 103 13.87 -28.81 17.79
N ARG A 104 14.76 -28.75 16.82
CA ARG A 104 15.43 -29.88 16.20
C ARG A 104 14.62 -30.49 15.07
N ASP A 105 13.42 -29.96 14.80
CA ASP A 105 12.61 -30.49 13.70
C ASP A 105 13.27 -29.99 12.39
N VAL A 106 13.02 -30.74 11.34
CA VAL A 106 13.52 -30.33 10.02
C VAL A 106 12.28 -29.86 9.26
N VAL A 107 12.32 -28.62 8.76
CA VAL A 107 11.18 -28.06 8.06
C VAL A 107 11.56 -27.71 6.63
N ILE A 108 10.55 -27.79 5.74
CA ILE A 108 10.78 -27.47 4.33
C ILE A 108 9.78 -26.39 3.95
N GLY A 109 10.29 -25.31 3.36
CA GLY A 109 9.42 -24.22 2.94
C GLY A 109 8.88 -24.46 1.54
N MET A 110 7.70 -25.10 1.43
CA MET A 110 7.10 -25.25 0.09
C MET A 110 6.74 -23.87 -0.41
N GLY A 111 6.41 -22.96 0.52
CA GLY A 111 6.16 -21.56 0.26
C GLY A 111 6.99 -20.74 1.28
N ALA A 112 7.13 -19.46 1.00
CA ALA A 112 7.78 -18.56 1.95
C ALA A 112 7.05 -17.21 1.95
N CYS A 113 6.43 -16.89 3.09
CA CYS A 113 5.79 -15.60 3.29
C CYS A 113 6.90 -14.58 3.57
N THR A 114 6.57 -13.29 3.55
CA THR A 114 7.62 -12.30 3.86
C THR A 114 7.00 -10.92 4.09
N ASP A 115 7.76 -10.07 4.76
CA ASP A 115 7.40 -8.66 4.95
C ASP A 115 8.26 -7.77 4.03
N SER A 116 9.09 -8.40 3.19
CA SER A 116 9.86 -7.64 2.21
C SER A 116 8.95 -7.13 1.08
N LYS A 117 9.42 -6.07 0.40
CA LYS A 117 8.71 -5.55 -0.75
C LYS A 117 9.27 -6.11 -2.06
N VAL A 118 10.26 -7.00 -2.07
CA VAL A 118 10.84 -7.40 -3.35
C VAL A 118 9.89 -8.03 -4.33
N ASN A 119 9.00 -8.91 -3.85
CA ASN A 119 8.10 -9.56 -4.82
C ASN A 119 7.02 -8.61 -5.29
N ARG A 120 6.65 -7.62 -4.47
CA ARG A 120 5.69 -6.61 -4.89
C ARG A 120 6.33 -5.74 -5.99
N ILE A 121 7.63 -5.48 -5.85
CA ILE A 121 8.36 -4.71 -6.87
C ILE A 121 8.31 -5.47 -8.18
N ARG A 122 8.46 -6.80 -8.13
CA ARG A 122 8.42 -7.61 -9.33
C ARG A 122 7.03 -7.85 -9.92
N PHE A 123 6.04 -7.95 -9.05
CA PHE A 123 4.71 -8.41 -9.45
C PHE A 123 3.59 -7.41 -9.39
N LYS A 124 3.83 -6.19 -9.85
CA LYS A 124 2.87 -5.12 -9.92
C LYS A 124 2.10 -4.86 -8.65
N ASP A 125 2.79 -4.98 -7.51
CA ASP A 125 2.24 -4.76 -6.18
C ASP A 125 1.12 -5.73 -5.82
N HIS A 126 1.07 -6.88 -6.50
CA HIS A 126 0.06 -7.90 -6.15
C HIS A 126 0.74 -8.94 -5.28
N ASP A 127 0.04 -10.02 -4.92
CA ASP A 127 0.63 -11.05 -4.08
C ASP A 127 1.21 -12.20 -4.91
N PHE A 128 2.54 -12.22 -4.94
CA PHE A 128 3.25 -13.33 -5.58
C PHE A 128 3.47 -14.40 -4.49
N ALA A 129 2.97 -15.61 -4.72
CA ALA A 129 3.18 -16.69 -3.76
C ALA A 129 4.60 -17.22 -3.99
N ALA A 130 5.52 -16.85 -3.11
CA ALA A 130 6.93 -17.29 -3.31
C ALA A 130 7.01 -18.77 -2.99
N ILE A 131 7.20 -19.61 -4.02
CA ILE A 131 7.21 -21.04 -3.83
C ILE A 131 8.47 -21.75 -4.31
N ALA A 132 8.71 -22.89 -3.66
CA ALA A 132 9.82 -23.76 -4.07
C ALA A 132 9.39 -24.53 -5.34
N ASP A 133 10.35 -25.29 -5.87
CA ASP A 133 10.04 -26.18 -7.01
C ASP A 133 9.48 -27.48 -6.40
N TYR A 134 8.32 -27.92 -6.89
CA TYR A 134 7.68 -29.11 -6.37
C TYR A 134 8.58 -30.34 -6.39
N LYS A 135 9.20 -30.65 -7.53
CA LYS A 135 10.03 -31.87 -7.55
C LYS A 135 11.15 -31.83 -6.54
N MET A 136 11.73 -30.65 -6.27
CA MET A 136 12.77 -30.52 -5.25
C MET A 136 12.18 -30.77 -3.87
N VAL A 137 10.98 -30.22 -3.60
CA VAL A 137 10.36 -30.49 -2.29
C VAL A 137 10.13 -31.99 -2.10
N LYS A 138 9.56 -32.62 -3.13
CA LYS A 138 9.28 -34.06 -3.07
C LYS A 138 10.52 -34.89 -2.84
N ALA A 139 11.60 -34.54 -3.57
CA ALA A 139 12.86 -35.27 -3.41
C ALA A 139 13.40 -35.13 -1.99
N ALA A 140 13.31 -33.93 -1.39
CA ALA A 140 13.81 -33.72 -0.02
C ALA A 140 12.94 -34.47 0.97
N GLU A 141 11.61 -34.47 0.79
CA GLU A 141 10.74 -35.21 1.72
C GLU A 141 11.00 -36.70 1.60
N GLU A 142 11.19 -37.22 0.38
CA GLU A 142 11.49 -38.65 0.23
C GLU A 142 12.85 -38.99 0.80
N ALA A 143 13.83 -38.09 0.64
CA ALA A 143 15.16 -38.37 1.19
C ALA A 143 15.09 -38.46 2.71
N ALA A 144 14.30 -37.57 3.32
CA ALA A 144 14.15 -37.56 4.77
C ALA A 144 13.45 -38.84 5.21
N LYS A 145 12.41 -39.25 4.49
CA LYS A 145 11.69 -40.48 4.86
C LYS A 145 12.61 -41.69 4.82
N ALA A 146 13.53 -41.75 3.87
CA ALA A 146 14.48 -42.83 3.73
C ALA A 146 15.47 -42.85 4.88
N ARG A 147 15.67 -41.70 5.54
CA ARG A 147 16.57 -41.61 6.68
C ARG A 147 15.82 -41.74 7.99
N GLY A 148 14.50 -41.92 7.94
CA GLY A 148 13.68 -42.06 9.13
C GLY A 148 13.39 -40.74 9.83
N ILE A 149 13.39 -39.65 9.08
CA ILE A 149 13.13 -38.32 9.62
C ILE A 149 11.84 -37.74 9.04
N ASP A 150 10.93 -37.27 9.90
CA ASP A 150 9.68 -36.70 9.44
C ASP A 150 9.76 -35.19 9.27
N VAL A 151 9.86 -34.72 8.04
CA VAL A 151 9.95 -33.28 7.82
C VAL A 151 8.55 -32.64 7.84
N LYS A 152 8.50 -31.39 8.25
CA LYS A 152 7.26 -30.63 8.29
C LYS A 152 7.32 -29.71 7.04
N VAL A 153 6.39 -29.86 6.13
CA VAL A 153 6.38 -29.07 4.89
C VAL A 153 5.27 -28.03 4.94
N GLY A 154 5.66 -26.75 4.79
CA GLY A 154 4.67 -25.67 4.85
C GLY A 154 5.30 -24.35 4.48
N ASN A 155 4.83 -23.27 5.10
CA ASN A 155 5.34 -21.97 4.80
C ASN A 155 6.39 -21.47 5.78
N LEU A 156 7.51 -21.00 5.23
CA LEU A 156 8.48 -20.31 6.07
C LEU A 156 8.04 -18.82 6.05
N PHE A 157 8.60 -18.04 6.97
CA PHE A 157 8.41 -16.59 6.96
C PHE A 157 9.82 -15.99 6.81
N SER A 158 10.06 -15.27 5.71
CA SER A 158 11.38 -14.66 5.49
C SER A 158 11.33 -13.21 5.96
N ALA A 159 11.86 -12.99 7.17
CA ALA A 159 11.83 -11.68 7.77
C ALA A 159 12.86 -10.67 7.28
N GLU A 160 12.44 -9.40 7.29
CA GLU A 160 13.31 -8.30 6.94
C GLU A 160 14.13 -7.82 8.15
N LEU A 161 13.51 -7.81 9.32
CA LEU A 161 14.18 -7.32 10.51
C LEU A 161 14.25 -8.39 11.60
N PHE A 162 15.47 -8.92 11.73
CA PHE A 162 15.74 -9.94 12.75
C PHE A 162 15.33 -9.36 14.09
N TYR A 163 15.72 -8.11 14.35
CA TYR A 163 15.29 -7.44 15.60
C TYR A 163 14.01 -6.70 15.27
N THR A 164 12.92 -7.48 15.14
CA THR A 164 11.68 -6.86 14.69
C THR A 164 11.09 -5.86 15.64
N PRO A 165 10.61 -4.74 15.11
CA PRO A 165 9.90 -3.76 15.92
C PRO A 165 8.46 -4.22 16.13
N ASP A 166 8.03 -5.32 15.51
CA ASP A 166 6.68 -5.84 15.64
C ASP A 166 6.65 -7.31 16.02
N PRO A 167 6.96 -7.65 17.28
CA PRO A 167 6.92 -9.02 17.73
C PRO A 167 5.52 -9.59 17.73
N SER A 168 4.47 -8.76 17.70
CA SER A 168 3.10 -9.29 17.63
C SER A 168 2.90 -10.09 16.34
N MET A 169 3.73 -9.83 15.31
CA MET A 169 3.58 -10.58 14.06
C MET A 169 3.87 -12.04 14.25
N PHE A 170 4.70 -12.41 15.25
CA PHE A 170 4.95 -13.83 15.47
C PHE A 170 3.68 -14.58 15.80
N ASP A 171 2.72 -13.94 16.47
CA ASP A 171 1.45 -14.59 16.80
C ASP A 171 0.61 -14.81 15.55
N VAL A 172 0.71 -13.89 14.60
CA VAL A 172 0.00 -14.00 13.32
C VAL A 172 0.60 -15.17 12.54
N MET A 173 1.93 -15.23 12.53
CA MET A 173 2.60 -16.35 11.84
C MET A 173 2.16 -17.67 12.46
N ASP A 174 2.10 -17.72 13.80
CA ASP A 174 1.69 -18.94 14.51
C ASP A 174 0.28 -19.34 14.07
N LYS A 175 -0.63 -18.38 14.12
CA LYS A 175 -2.03 -18.62 13.72
C LYS A 175 -2.14 -19.15 12.30
N TYR A 176 -1.32 -18.67 11.36
CA TYR A 176 -1.38 -19.10 9.99
C TYR A 176 -0.52 -20.28 9.62
N GLY A 177 0.02 -20.95 10.61
CA GLY A 177 0.79 -22.15 10.49
C GLY A 177 2.18 -22.06 9.95
N ILE A 178 2.80 -20.89 10.02
CA ILE A 178 4.20 -20.78 9.55
C ILE A 178 5.06 -21.82 10.27
N VAL A 179 5.91 -22.54 9.55
CA VAL A 179 6.75 -23.59 10.15
C VAL A 179 8.06 -23.09 10.69
N GLY A 180 8.55 -21.95 10.25
CA GLY A 180 9.83 -21.44 10.76
C GLY A 180 10.09 -20.05 10.19
N VAL A 181 10.85 -19.26 10.93
CA VAL A 181 11.20 -17.90 10.54
C VAL A 181 12.68 -17.85 10.20
N GLU A 182 12.96 -17.38 8.98
CA GLU A 182 14.34 -17.21 8.52
C GLU A 182 14.39 -15.89 7.74
N MET A 183 15.36 -15.59 6.86
CA MET A 183 15.34 -14.24 6.26
C MET A 183 15.64 -14.27 4.77
N GLU A 184 15.48 -15.45 4.13
CA GLU A 184 15.90 -15.56 2.74
C GLU A 184 15.04 -16.30 1.77
N ALA A 185 14.36 -17.37 2.14
CA ALA A 185 13.61 -18.19 1.20
C ALA A 185 12.70 -17.43 0.24
N ALA A 186 11.93 -16.45 0.73
CA ALA A 186 11.03 -15.73 -0.18
C ALA A 186 11.81 -14.98 -1.26
N GLY A 187 12.99 -14.51 -0.92
CA GLY A 187 13.83 -13.79 -1.91
C GLY A 187 14.43 -14.80 -2.89
N ILE A 188 14.90 -15.94 -2.40
CA ILE A 188 15.46 -16.96 -3.30
C ILE A 188 14.39 -17.45 -4.26
N TYR A 189 13.18 -17.67 -3.74
CA TYR A 189 12.09 -18.14 -4.60
C TYR A 189 11.69 -17.10 -5.63
N GLY A 190 11.74 -15.83 -5.27
CA GLY A 190 11.42 -14.75 -6.20
C GLY A 190 12.45 -14.70 -7.33
N VAL A 191 13.73 -14.87 -6.98
CA VAL A 191 14.76 -14.88 -8.03
C VAL A 191 14.55 -16.09 -8.92
N ALA A 192 14.29 -17.25 -8.33
CA ALA A 192 14.12 -18.46 -9.15
C ALA A 192 12.98 -18.26 -10.14
N ALA A 193 11.88 -17.62 -9.76
CA ALA A 193 10.78 -17.43 -10.69
C ALA A 193 11.19 -16.41 -11.75
N GLU A 194 11.86 -15.32 -11.33
CA GLU A 194 12.27 -14.29 -12.29
C GLU A 194 13.25 -14.78 -13.33
N TYR A 195 14.18 -15.61 -12.92
CA TYR A 195 15.24 -16.10 -13.82
C TYR A 195 15.01 -17.49 -14.34
N GLY A 196 13.86 -18.08 -14.11
CA GLY A 196 13.52 -19.40 -14.62
C GLY A 196 14.34 -20.55 -14.11
N ALA A 197 14.64 -20.59 -12.81
CA ALA A 197 15.38 -21.67 -12.21
C ALA A 197 14.52 -22.26 -11.09
N LYS A 198 15.12 -23.16 -10.33
CA LYS A 198 14.40 -23.90 -9.30
C LYS A 198 15.07 -23.79 -7.94
N ALA A 199 14.27 -23.65 -6.88
CA ALA A 199 14.84 -23.54 -5.56
C ALA A 199 14.03 -24.23 -4.48
N LEU A 200 14.70 -24.40 -3.35
CA LEU A 200 14.11 -25.06 -2.19
C LEU A 200 14.84 -24.58 -0.95
N ALA A 201 14.11 -24.41 0.13
CA ALA A 201 14.71 -24.02 1.41
C ALA A 201 14.35 -25.09 2.45
N ILE A 202 15.36 -25.73 3.01
CA ILE A 202 15.20 -26.74 4.07
C ILE A 202 15.88 -26.16 5.31
N CYS A 203 15.25 -26.17 6.48
CA CYS A 203 15.90 -25.60 7.64
C CYS A 203 15.71 -26.45 8.89
N THR A 204 16.69 -26.34 9.78
CA THR A 204 16.52 -27.02 11.08
C THR A 204 16.00 -25.96 12.05
N VAL A 205 15.15 -26.38 12.97
CA VAL A 205 14.61 -25.43 13.96
C VAL A 205 15.62 -25.32 15.09
N SER A 206 16.26 -24.16 15.20
CA SER A 206 17.30 -24.02 16.23
C SER A 206 16.80 -23.37 17.49
N ASP A 207 15.66 -22.71 17.44
CA ASP A 207 15.12 -22.02 18.62
C ASP A 207 13.61 -21.88 18.48
N HIS A 208 12.91 -21.79 19.60
CA HIS A 208 11.46 -21.61 19.56
C HIS A 208 11.19 -20.19 20.04
N ILE A 209 10.77 -19.34 19.11
CA ILE A 209 10.50 -17.94 19.36
C ILE A 209 9.42 -17.71 20.40
N LYS A 210 8.42 -18.57 20.44
CA LYS A 210 7.34 -18.44 21.40
C LYS A 210 7.66 -19.07 22.74
N THR A 211 8.23 -20.28 22.74
CA THR A 211 8.51 -20.94 24.02
C THR A 211 9.90 -20.68 24.57
N GLY A 212 10.88 -20.45 23.72
CA GLY A 212 12.25 -20.20 24.17
C GLY A 212 13.00 -21.50 24.43
N GLU A 213 12.44 -22.62 23.98
CA GLU A 213 13.05 -23.92 24.19
C GLU A 213 14.52 -23.94 23.76
N GLN A 214 15.32 -24.67 24.53
CA GLN A 214 16.75 -24.78 24.26
C GLN A 214 17.23 -26.21 24.20
N THR A 215 18.44 -26.40 23.68
CA THR A 215 19.04 -27.73 23.58
C THR A 215 20.55 -27.60 23.74
N THR A 216 21.25 -28.72 23.62
CA THR A 216 22.72 -28.65 23.75
C THR A 216 23.29 -28.34 22.38
N SER A 217 24.53 -27.86 22.33
CA SER A 217 25.19 -27.54 21.05
C SER A 217 25.34 -28.82 20.24
N GLU A 218 25.63 -29.92 20.92
CA GLU A 218 25.77 -31.22 20.30
C GLU A 218 24.48 -31.62 19.57
N GLU A 219 23.35 -31.46 20.25
CA GLU A 219 22.07 -31.81 19.64
C GLU A 219 21.82 -31.00 18.38
N ARG A 220 22.11 -29.71 18.41
CA ARG A 220 21.93 -28.83 17.26
C ARG A 220 22.83 -29.25 16.10
N GLN A 221 24.07 -29.61 16.41
CA GLN A 221 25.01 -30.04 15.35
C GLN A 221 24.54 -31.32 14.71
N ASN A 222 24.06 -32.26 15.52
CA ASN A 222 23.52 -33.52 15.02
C ASN A 222 22.35 -33.28 14.07
N THR A 223 21.42 -32.40 14.45
CA THR A 223 20.28 -32.12 13.59
C THR A 223 20.73 -31.45 12.29
N PHE A 224 21.66 -30.51 12.38
CA PHE A 224 22.19 -29.84 11.19
C PHE A 224 22.79 -30.88 10.25
N ASN A 225 23.60 -31.80 10.78
CA ASN A 225 24.22 -32.85 9.99
C ASN A 225 23.17 -33.72 9.28
N GLU A 226 22.10 -34.05 9.99
CA GLU A 226 21.02 -34.85 9.45
C GLU A 226 20.37 -34.11 8.27
N MET A 227 20.14 -32.81 8.44
CA MET A 227 19.54 -32.00 7.38
C MET A 227 20.44 -31.91 6.15
N ILE A 228 21.76 -31.77 6.33
CA ILE A 228 22.64 -31.71 5.18
C ILE A 228 22.63 -33.01 4.42
N GLU A 229 22.61 -34.16 5.12
CA GLU A 229 22.56 -35.45 4.45
C GLU A 229 21.28 -35.58 3.64
N ILE A 230 20.18 -35.10 4.19
CA ILE A 230 18.89 -35.13 3.48
C ILE A 230 18.96 -34.27 2.22
N ALA A 231 19.54 -33.07 2.35
CA ALA A 231 19.64 -32.22 1.16
C ALA A 231 20.48 -32.87 0.07
N LEU A 232 21.64 -33.42 0.45
CA LEU A 232 22.50 -34.07 -0.55
C LEU A 232 21.85 -35.30 -1.15
N ASP A 233 21.20 -36.12 -0.32
CA ASP A 233 20.50 -37.29 -0.84
C ASP A 233 19.40 -36.85 -1.81
N SER A 234 18.74 -35.72 -1.50
CA SER A 234 17.66 -35.22 -2.35
C SER A 234 18.16 -34.85 -3.74
N VAL A 235 19.44 -34.46 -3.87
CA VAL A 235 19.97 -34.13 -5.19
C VAL A 235 20.02 -35.41 -6.04
N LEU A 236 20.47 -36.51 -5.44
CA LEU A 236 20.52 -37.77 -6.17
C LEU A 236 19.13 -38.25 -6.56
N ILE A 237 18.17 -38.11 -5.65
CA ILE A 237 16.80 -38.51 -5.97
C ILE A 237 16.28 -37.63 -7.11
N GLY A 238 16.56 -36.33 -7.03
CA GLY A 238 16.13 -35.39 -8.05
C GLY A 238 16.72 -35.69 -9.43
N ASP A 239 17.91 -36.29 -9.50
CA ASP A 239 18.52 -36.62 -10.78
C ASP A 239 17.82 -37.76 -11.50
N GLN A 240 17.10 -38.62 -10.78
CA GLN A 240 16.43 -39.75 -11.44
C GLN A 240 15.43 -39.29 -12.47
N ALA B 4 1.77 36.28 -14.98
CA ALA B 4 0.65 36.19 -14.04
C ALA B 4 0.21 34.74 -13.87
N THR B 5 0.27 34.25 -12.64
CA THR B 5 -0.16 32.87 -12.37
C THR B 5 -1.53 32.93 -11.69
N PRO B 6 -2.20 31.78 -11.59
CA PRO B 6 -3.51 31.73 -10.98
C PRO B 6 -3.56 32.11 -9.52
N HIS B 7 -2.49 31.90 -8.75
CA HIS B 7 -2.51 32.21 -7.33
C HIS B 7 -1.63 33.36 -6.91
N ILE B 8 -0.86 33.93 -7.83
CA ILE B 8 0.06 35.03 -7.47
C ILE B 8 -0.10 36.11 -8.53
N ASN B 9 -0.48 37.33 -8.13
CA ASN B 9 -0.69 38.40 -9.12
C ASN B 9 0.52 39.33 -9.19
N ALA B 10 1.67 38.75 -9.51
CA ALA B 10 2.92 39.51 -9.60
C ALA B 10 3.51 39.32 -10.99
N GLN B 11 4.61 39.98 -11.30
CA GLN B 11 5.27 39.84 -12.59
C GLN B 11 6.70 39.34 -12.38
N MET B 12 7.29 38.72 -13.40
CA MET B 12 8.66 38.23 -13.25
C MET B 12 9.58 39.36 -12.79
N GLY B 13 10.41 39.07 -11.80
CA GLY B 13 11.32 40.07 -11.26
C GLY B 13 10.79 40.70 -9.99
N ASP B 14 9.50 40.49 -9.68
CA ASP B 14 8.94 41.06 -8.47
C ASP B 14 9.46 40.36 -7.22
N PHE B 15 9.85 39.08 -7.37
CA PHE B 15 10.37 38.37 -6.22
C PHE B 15 11.89 38.23 -6.33
N ALA B 16 12.51 38.20 -5.16
CA ALA B 16 13.97 37.97 -5.12
C ALA B 16 14.17 36.48 -5.41
N ASP B 17 15.42 36.02 -5.47
CA ASP B 17 15.65 34.60 -5.74
C ASP B 17 15.57 33.78 -4.45
N VAL B 18 15.39 34.41 -3.31
CA VAL B 18 15.25 33.77 -2.02
C VAL B 18 13.95 34.27 -1.38
N VAL B 19 13.07 33.37 -0.97
CA VAL B 19 11.81 33.75 -0.36
C VAL B 19 11.58 33.07 0.99
N LEU B 20 11.35 33.84 2.04
CA LEU B 20 11.04 33.37 3.37
C LEU B 20 9.52 33.14 3.42
N MET B 21 9.08 32.01 3.97
CA MET B 21 7.65 31.77 3.99
C MET B 21 7.08 31.18 5.27
N PRO B 22 6.27 31.96 5.96
CA PRO B 22 5.50 31.51 7.11
C PRO B 22 4.15 31.02 6.54
N GLY B 23 3.31 30.39 7.34
CA GLY B 23 2.00 29.95 6.80
C GLY B 23 1.02 31.10 6.74
N ASP B 24 1.09 31.98 7.73
CA ASP B 24 0.15 33.11 7.83
C ASP B 24 0.60 34.28 7.00
N PRO B 25 -0.24 34.82 6.13
CA PRO B 25 0.08 35.97 5.32
C PRO B 25 0.32 37.22 6.18
N LEU B 26 -0.33 37.26 7.34
CA LEU B 26 -0.14 38.39 8.25
C LEU B 26 1.23 38.31 8.89
N ARG B 27 1.83 37.11 8.97
CA ARG B 27 3.19 36.99 9.50
C ARG B 27 4.17 37.42 8.44
N ALA B 28 3.83 37.20 7.17
CA ALA B 28 4.66 37.62 6.06
C ALA B 28 4.72 39.16 6.11
N LYS B 29 3.55 39.75 6.37
CA LYS B 29 3.44 41.20 6.48
C LYS B 29 4.32 41.71 7.62
N TYR B 30 4.22 41.09 8.78
CA TYR B 30 5.03 41.49 9.94
C TYR B 30 6.50 41.38 9.64
N ILE B 31 6.92 40.33 8.91
CA ILE B 31 8.34 40.18 8.58
C ILE B 31 8.80 41.28 7.64
N ALA B 32 8.04 41.54 6.59
CA ALA B 32 8.37 42.55 5.60
C ALA B 32 8.51 43.95 6.22
N GLU B 33 7.57 44.31 7.08
CA GLU B 33 7.58 45.61 7.73
C GLU B 33 8.61 45.78 8.82
N ASN B 34 8.95 44.73 9.58
CA ASN B 34 9.87 44.91 10.69
C ASN B 34 11.28 44.39 10.49
N PHE B 35 11.56 43.60 9.46
CA PHE B 35 12.90 43.06 9.29
C PHE B 35 13.51 43.42 7.95
N LEU B 36 12.70 43.86 6.99
CA LEU B 36 13.23 44.22 5.68
C LEU B 36 13.17 45.74 5.47
N ASP B 37 14.01 46.23 4.58
CA ASP B 37 14.00 47.66 4.29
C ASP B 37 13.25 47.93 2.98
N ASN B 38 12.46 48.98 2.96
CA ASN B 38 11.71 49.39 1.78
C ASN B 38 10.91 48.27 1.15
N ALA B 39 10.26 47.48 1.97
CA ALA B 39 9.48 46.35 1.45
C ALA B 39 8.21 46.86 0.76
N VAL B 40 7.86 46.22 -0.34
CA VAL B 40 6.66 46.62 -1.07
C VAL B 40 5.82 45.34 -1.26
N GLN B 41 4.50 45.48 -1.24
CA GLN B 41 3.67 44.27 -1.44
C GLN B 41 3.66 43.92 -2.92
N VAL B 42 3.88 42.65 -3.26
CA VAL B 42 3.90 42.25 -4.64
C VAL B 42 2.75 41.34 -5.04
N CYS B 43 2.02 40.82 -4.06
CA CYS B 43 0.88 39.94 -4.44
C CYS B 43 -0.14 39.89 -3.33
N ASP B 44 -1.40 39.57 -3.66
CA ASP B 44 -2.45 39.50 -2.66
C ASP B 44 -3.63 38.63 -3.08
N VAL B 45 -3.45 37.77 -4.07
CA VAL B 45 -4.56 36.88 -4.47
C VAL B 45 -4.94 36.00 -3.29
N ARG B 46 -6.23 35.87 -3.01
CA ARG B 46 -6.75 35.08 -1.89
C ARG B 46 -6.23 35.56 -0.54
N ASN B 47 -5.83 36.83 -0.45
CA ASN B 47 -5.26 37.43 0.73
C ASN B 47 -3.90 36.80 1.09
N MET B 48 -3.26 36.12 0.15
CA MET B 48 -1.96 35.48 0.45
C MET B 48 -0.88 36.51 0.07
N PHE B 49 -0.61 37.35 1.06
CA PHE B 49 0.32 38.46 0.87
C PHE B 49 1.76 38.03 0.67
N GLY B 50 2.43 38.69 -0.27
CA GLY B 50 3.84 38.48 -0.60
C GLY B 50 4.49 39.87 -0.76
N TYR B 51 5.72 39.99 -0.27
CA TYR B 51 6.46 41.25 -0.28
C TYR B 51 7.91 41.06 -0.73
N THR B 52 8.56 42.16 -1.14
CA THR B 52 9.96 42.11 -1.54
C THR B 52 10.63 43.39 -1.01
N GLY B 53 11.75 43.20 -0.33
CA GLY B 53 12.50 44.33 0.23
C GLY B 53 13.98 43.92 0.30
N THR B 54 14.76 44.61 1.12
CA THR B 54 16.18 44.26 1.21
C THR B 54 16.59 44.04 2.66
N TYR B 55 17.63 43.24 2.80
CA TYR B 55 18.26 42.93 4.08
C TYR B 55 19.76 43.19 3.86
N LYS B 56 20.28 44.25 4.48
CA LYS B 56 21.68 44.63 4.28
C LYS B 56 21.98 44.83 2.81
N GLY B 57 21.03 45.39 2.05
CA GLY B 57 21.17 45.65 0.64
C GLY B 57 20.85 44.48 -0.26
N ARG B 58 20.68 43.28 0.30
CA ARG B 58 20.38 42.08 -0.47
C ARG B 58 18.87 41.87 -0.62
N ARG B 59 18.43 41.70 -1.87
CA ARG B 59 17.00 41.50 -2.12
C ARG B 59 16.49 40.21 -1.50
N ILE B 60 15.42 40.32 -0.74
CA ILE B 60 14.78 39.18 -0.09
C ILE B 60 13.27 39.32 -0.16
N SER B 61 12.57 38.22 -0.43
CA SER B 61 11.11 38.24 -0.47
C SER B 61 10.53 37.43 0.69
N VAL B 62 9.27 37.72 1.03
CA VAL B 62 8.60 37.00 2.11
C VAL B 62 7.13 36.84 1.71
N MET B 63 6.60 35.62 1.85
CA MET B 63 5.21 35.40 1.43
C MET B 63 4.59 34.26 2.20
N GLY B 64 3.29 34.34 2.46
CA GLY B 64 2.62 33.25 3.18
C GLY B 64 2.44 32.06 2.24
N HIS B 65 2.34 30.85 2.85
CA HIS B 65 2.15 29.66 2.02
C HIS B 65 0.85 28.95 2.35
N GLY B 66 0.10 29.44 3.34
CA GLY B 66 -1.17 28.78 3.70
C GLY B 66 -0.91 27.57 4.57
N MET B 67 -1.93 26.74 4.83
CA MET B 67 -1.73 25.58 5.67
C MET B 67 -1.85 24.26 4.91
N GLY B 68 -0.88 23.38 5.16
CA GLY B 68 -0.93 22.06 4.55
C GLY B 68 -0.11 21.89 3.31
N ILE B 69 0.23 20.59 3.05
CA ILE B 69 1.05 20.26 1.90
C ILE B 69 0.51 20.73 0.58
N PRO B 70 -0.75 20.48 0.24
CA PRO B 70 -1.28 20.91 -1.06
C PRO B 70 -1.24 22.42 -1.25
N SER B 71 -1.52 23.19 -0.20
CA SER B 71 -1.49 24.65 -0.26
C SER B 71 -0.08 25.18 -0.48
N CYS B 72 0.88 24.78 0.37
CA CYS B 72 2.24 25.32 0.19
C CYS B 72 2.83 24.81 -1.11
N SER B 73 2.46 23.63 -1.60
CA SER B 73 2.97 23.14 -2.86
C SER B 73 2.62 24.07 -4.02
N ILE B 74 1.38 24.55 -4.04
CA ILE B 74 0.97 25.46 -5.12
C ILE B 74 1.87 26.71 -5.14
N TYR B 75 1.99 27.37 -3.99
CA TYR B 75 2.78 28.60 -3.92
C TYR B 75 4.24 28.40 -4.22
N VAL B 76 4.87 27.36 -3.60
CA VAL B 76 6.28 27.10 -3.86
C VAL B 76 6.53 26.73 -5.30
N THR B 77 5.67 25.91 -5.92
CA THR B 77 5.88 25.53 -7.31
C THR B 77 5.84 26.76 -8.22
N GLU B 78 4.83 27.60 -7.98
CA GLU B 78 4.71 28.82 -8.79
C GLU B 78 5.91 29.74 -8.60
N LEU B 79 6.36 29.90 -7.36
CA LEU B 79 7.53 30.77 -7.15
C LEU B 79 8.73 30.26 -7.92
N ILE B 80 8.98 28.95 -7.90
CA ILE B 80 10.11 28.37 -8.60
C ILE B 80 9.96 28.39 -10.10
N LYS B 81 8.87 27.81 -10.62
CA LYS B 81 8.72 27.72 -12.06
C LYS B 81 8.31 29.01 -12.75
N ASP B 82 7.56 29.90 -12.14
CA ASP B 82 7.14 31.13 -12.82
C ASP B 82 7.85 32.38 -12.38
N TYR B 83 8.50 32.38 -11.20
CA TYR B 83 9.15 33.61 -10.74
C TYR B 83 10.64 33.49 -10.54
N GLY B 84 11.25 32.39 -10.97
CA GLY B 84 12.67 32.15 -10.89
C GLY B 84 13.29 31.98 -9.52
N VAL B 85 12.49 31.71 -8.50
CA VAL B 85 12.99 31.55 -7.14
C VAL B 85 13.87 30.32 -7.03
N LYS B 86 15.04 30.49 -6.44
CA LYS B 86 16.02 29.43 -6.27
C LYS B 86 16.00 28.80 -4.89
N LYS B 87 15.74 29.59 -3.85
CA LYS B 87 15.75 29.04 -2.50
C LYS B 87 14.52 29.45 -1.72
N ILE B 88 13.95 28.51 -0.97
CA ILE B 88 12.77 28.75 -0.15
C ILE B 88 13.11 28.46 1.31
N ILE B 89 12.84 29.41 2.20
CA ILE B 89 13.06 29.16 3.61
C ILE B 89 11.72 29.24 4.37
N ARG B 90 11.15 28.09 4.69
CA ARG B 90 9.91 28.10 5.47
C ARG B 90 10.31 28.57 6.87
N VAL B 91 9.63 29.58 7.38
CA VAL B 91 9.90 30.11 8.73
C VAL B 91 8.61 29.90 9.50
N GLY B 92 8.52 28.80 10.22
CA GLY B 92 7.27 28.49 10.87
C GLY B 92 7.25 28.17 12.33
N SER B 93 6.09 27.60 12.73
CA SER B 93 5.86 27.18 14.09
C SER B 93 5.55 25.66 14.04
N CYS B 94 5.84 25.00 15.14
CA CYS B 94 5.57 23.56 15.21
C CYS B 94 5.30 23.14 16.64
N GLY B 95 4.81 21.92 16.80
CA GLY B 95 4.58 21.38 18.15
C GLY B 95 5.63 20.31 18.44
N ALA B 96 6.16 20.20 19.65
CA ALA B 96 7.16 19.18 19.92
C ALA B 96 6.55 17.90 20.50
N VAL B 97 7.17 16.76 20.26
CA VAL B 97 6.71 15.47 20.74
C VAL B 97 7.78 14.72 21.53
N ASN B 98 9.02 15.18 21.48
CA ASN B 98 10.11 14.48 22.17
C ASN B 98 10.59 15.29 23.36
N GLU B 99 10.99 14.63 24.45
CA GLU B 99 11.45 15.35 25.64
C GLU B 99 12.78 16.05 25.46
N GLY B 100 13.55 15.71 24.43
CA GLY B 100 14.83 16.36 24.15
C GLY B 100 14.62 17.75 23.57
N ILE B 101 13.41 18.02 23.08
CA ILE B 101 13.04 19.30 22.52
C ILE B 101 12.16 20.07 23.52
N LYS B 102 12.48 21.34 23.72
CA LYS B 102 11.73 22.18 24.64
C LYS B 102 10.97 23.28 23.92
N VAL B 103 9.92 23.78 24.56
CA VAL B 103 9.15 24.87 23.97
C VAL B 103 10.06 26.09 23.86
N ARG B 104 9.94 26.87 22.82
CA ARG B 104 10.75 28.04 22.53
C ARG B 104 12.06 27.67 21.83
N ASP B 105 12.27 26.38 21.58
CA ASP B 105 13.46 25.93 20.89
C ASP B 105 13.31 26.23 19.39
N VAL B 106 14.45 26.38 18.73
CA VAL B 106 14.45 26.58 17.28
C VAL B 106 14.90 25.25 16.68
N VAL B 107 14.07 24.70 15.78
CA VAL B 107 14.40 23.41 15.18
C VAL B 107 14.55 23.55 13.69
N ILE B 108 15.38 22.69 13.09
CA ILE B 108 15.58 22.72 11.65
C ILE B 108 15.29 21.32 11.10
N GLY B 109 14.45 21.29 10.06
CA GLY B 109 14.11 19.99 9.47
C GLY B 109 15.12 19.62 8.39
N MET B 110 16.19 18.88 8.77
CA MET B 110 17.12 18.45 7.70
C MET B 110 16.34 17.46 6.84
N GLY B 111 15.41 16.76 7.46
CA GLY B 111 14.47 15.84 6.78
C GLY B 111 13.07 16.19 7.30
N ALA B 112 12.06 15.69 6.61
CA ALA B 112 10.68 15.88 7.01
C ALA B 112 9.89 14.61 6.65
N CYS B 113 9.47 13.91 7.70
CA CYS B 113 8.63 12.72 7.55
C CYS B 113 7.21 13.23 7.24
N THR B 114 6.34 12.33 6.78
CA THR B 114 4.95 12.78 6.54
C THR B 114 4.01 11.61 6.40
N ASP B 115 2.71 11.87 6.58
CA ASP B 115 1.70 10.84 6.33
C ASP B 115 1.00 11.18 5.00
N SER B 116 1.47 12.18 4.27
CA SER B 116 0.89 12.51 2.96
C SER B 116 1.34 11.49 1.92
N LYS B 117 0.56 11.37 0.84
CA LYS B 117 0.92 10.48 -0.25
C LYS B 117 1.63 11.27 -1.36
N VAL B 118 1.90 12.57 -1.20
CA VAL B 118 2.48 13.29 -2.35
C VAL B 118 3.82 12.79 -2.82
N ASN B 119 4.75 12.42 -1.94
CA ASN B 119 6.05 11.95 -2.43
C ASN B 119 5.95 10.55 -3.00
N ARG B 120 5.01 9.73 -2.51
CA ARG B 120 4.81 8.41 -3.13
C ARG B 120 4.29 8.61 -4.56
N ILE B 121 3.42 9.60 -4.76
CA ILE B 121 2.91 9.90 -6.10
C ILE B 121 4.07 10.27 -7.01
N ARG B 122 5.03 11.03 -6.50
CA ARG B 122 6.19 11.41 -7.29
C ARG B 122 7.23 10.32 -7.50
N PHE B 123 7.41 9.48 -6.48
CA PHE B 123 8.53 8.52 -6.47
C PHE B 123 8.21 7.07 -6.61
N LYS B 124 7.30 6.75 -7.52
CA LYS B 124 6.91 5.39 -7.84
C LYS B 124 6.51 4.56 -6.62
N ASP B 125 5.85 5.18 -5.65
CA ASP B 125 5.38 4.54 -4.43
C ASP B 125 6.48 3.98 -3.55
N HIS B 126 7.69 4.51 -3.72
CA HIS B 126 8.81 4.09 -2.85
C HIS B 126 8.99 5.16 -1.78
N ASP B 127 10.03 5.05 -0.98
CA ASP B 127 10.28 6.02 0.08
C ASP B 127 11.24 7.11 -0.38
N PHE B 128 10.67 8.30 -0.59
CA PHE B 128 11.53 9.45 -0.92
C PHE B 128 11.88 10.12 0.42
N ALA B 129 13.15 10.30 0.71
CA ALA B 129 13.52 10.98 1.98
C ALA B 129 13.40 12.47 1.68
N ALA B 130 12.37 13.13 2.20
CA ALA B 130 12.17 14.56 1.90
C ALA B 130 13.20 15.35 2.67
N ILE B 131 14.20 15.88 1.95
CA ILE B 131 15.28 16.61 2.63
C ILE B 131 15.47 18.05 2.19
N ALA B 132 15.99 18.82 3.16
CA ALA B 132 16.38 20.20 2.88
C ALA B 132 17.70 20.18 2.10
N ASP B 133 18.10 21.36 1.62
CA ASP B 133 19.40 21.54 0.96
C ASP B 133 20.44 21.62 2.09
N TYR B 134 21.52 20.83 2.00
CA TYR B 134 22.51 20.83 3.06
C TYR B 134 23.15 22.18 3.33
N LYS B 135 23.58 22.86 2.28
CA LYS B 135 24.22 24.18 2.48
C LYS B 135 23.30 25.16 3.16
N MET B 136 21.99 25.08 2.90
CA MET B 136 21.06 25.98 3.60
C MET B 136 20.94 25.59 5.06
N VAL B 137 20.91 24.27 5.35
CA VAL B 137 20.85 23.82 6.73
C VAL B 137 22.09 24.35 7.47
N LYS B 138 23.27 24.13 6.89
CA LYS B 138 24.52 24.57 7.53
C LYS B 138 24.52 26.08 7.76
N ALA B 139 24.11 26.87 6.76
CA ALA B 139 24.09 28.32 6.92
C ALA B 139 23.20 28.74 8.08
N ALA B 140 22.00 28.13 8.17
CA ALA B 140 21.09 28.47 9.27
C ALA B 140 21.65 28.03 10.60
N GLU B 141 22.26 26.85 10.68
CA GLU B 141 22.83 26.38 11.94
C GLU B 141 23.98 27.29 12.37
N GLU B 142 24.81 27.69 11.42
CA GLU B 142 25.94 28.58 11.78
C GLU B 142 25.43 29.95 12.19
N ALA B 143 24.40 30.46 11.52
CA ALA B 143 23.83 31.77 11.87
C ALA B 143 23.29 31.73 13.30
N ALA B 144 22.62 30.65 13.67
CA ALA B 144 22.09 30.49 15.01
C ALA B 144 23.22 30.38 16.04
N LYS B 145 24.23 29.58 15.75
CA LYS B 145 25.37 29.40 16.67
C LYS B 145 26.06 30.71 16.97
N ALA B 146 26.15 31.60 15.99
CA ALA B 146 26.78 32.90 16.16
C ALA B 146 25.96 33.81 17.08
N ARG B 147 24.70 33.50 17.30
CA ARG B 147 23.80 34.26 18.15
C ARG B 147 23.57 33.58 19.48
N GLY B 148 24.28 32.50 19.74
CA GLY B 148 24.17 31.75 20.98
C GLY B 148 22.93 30.89 21.09
N ILE B 149 22.34 30.52 19.97
CA ILE B 149 21.13 29.68 20.01
C ILE B 149 21.47 28.30 19.45
N ASP B 150 21.21 27.26 20.25
CA ASP B 150 21.50 25.89 19.86
C ASP B 150 20.30 25.25 19.16
N VAL B 151 20.33 25.25 17.84
CA VAL B 151 19.25 24.68 17.05
C VAL B 151 19.27 23.15 17.08
N LYS B 152 18.08 22.58 17.09
CA LYS B 152 17.92 21.12 17.08
C LYS B 152 17.67 20.73 15.62
N VAL B 153 18.66 20.08 14.99
CA VAL B 153 18.55 19.69 13.58
C VAL B 153 18.17 18.22 13.47
N GLY B 154 17.02 17.96 12.84
CA GLY B 154 16.59 16.57 12.71
C GLY B 154 15.41 16.47 11.74
N ASN B 155 14.50 15.57 12.07
CA ASN B 155 13.32 15.36 11.23
C ASN B 155 12.08 16.07 11.73
N LEU B 156 11.44 16.83 10.86
CA LEU B 156 10.12 17.37 11.22
C LEU B 156 9.12 16.28 10.78
N PHE B 157 7.88 16.40 11.23
CA PHE B 157 6.82 15.50 10.74
C PHE B 157 5.77 16.45 10.14
N SER B 158 5.53 16.38 8.85
CA SER B 158 4.53 17.26 8.19
C SER B 158 3.21 16.48 8.16
N ALA B 159 2.30 16.87 9.04
CA ALA B 159 1.03 16.20 9.19
C ALA B 159 -0.04 16.62 8.19
N GLU B 160 -0.89 15.65 7.83
CA GLU B 160 -2.01 15.90 6.95
C GLU B 160 -3.24 16.38 7.73
N LEU B 161 -3.44 15.81 8.90
CA LEU B 161 -4.60 16.13 9.73
C LEU B 161 -4.21 16.73 11.08
N PHE B 162 -4.39 18.05 11.14
CA PHE B 162 -4.09 18.78 12.39
C PHE B 162 -4.87 18.12 13.53
N TYR B 163 -6.15 17.83 13.28
CA TYR B 163 -7.00 17.15 14.26
C TYR B 163 -6.93 15.65 13.93
N THR B 164 -5.76 15.07 14.23
CA THR B 164 -5.53 13.69 13.87
C THR B 164 -6.45 12.68 14.50
N PRO B 165 -6.95 11.74 13.69
CA PRO B 165 -7.75 10.64 14.21
C PRO B 165 -6.85 9.58 14.83
N ASP B 166 -5.52 9.71 14.75
CA ASP B 166 -4.55 8.79 15.31
C ASP B 166 -3.50 9.46 16.16
N PRO B 167 -3.85 9.92 17.37
CA PRO B 167 -2.91 10.54 18.27
C PRO B 167 -1.82 9.60 18.73
N SER B 168 -1.99 8.28 18.64
CA SER B 168 -0.95 7.33 19.01
C SER B 168 0.28 7.52 18.12
N MET B 169 0.11 8.11 16.94
CA MET B 169 1.27 8.36 16.06
C MET B 169 2.24 9.34 16.70
N PHE B 170 1.78 10.22 17.61
CA PHE B 170 2.72 11.13 18.25
C PHE B 170 3.76 10.37 19.07
N ASP B 171 3.42 9.23 19.65
CA ASP B 171 4.35 8.42 20.43
C ASP B 171 5.39 7.78 19.51
N VAL B 172 4.96 7.45 18.28
CA VAL B 172 5.92 6.90 17.30
C VAL B 172 6.88 7.99 16.87
N MET B 173 6.36 9.21 16.65
CA MET B 173 7.22 10.34 16.28
C MET B 173 8.26 10.58 17.38
N ASP B 174 7.80 10.53 18.63
CA ASP B 174 8.69 10.74 19.77
C ASP B 174 9.80 9.68 19.77
N LYS B 175 9.42 8.42 19.65
CA LYS B 175 10.42 7.34 19.64
C LYS B 175 11.43 7.49 18.53
N TYR B 176 11.00 7.95 17.35
CA TYR B 176 11.90 8.11 16.22
C TYR B 176 12.65 9.42 16.18
N GLY B 177 12.54 10.24 17.22
CA GLY B 177 13.29 11.49 17.30
C GLY B 177 12.80 12.69 16.54
N ILE B 178 11.52 12.72 16.17
CA ILE B 178 10.98 13.87 15.42
C ILE B 178 11.15 15.12 16.27
N VAL B 179 11.67 16.18 15.68
CA VAL B 179 11.93 17.42 16.42
C VAL B 179 10.75 18.35 16.47
N GLY B 180 9.81 18.23 15.55
CA GLY B 180 8.66 19.12 15.56
C GLY B 180 7.61 18.67 14.55
N VAL B 181 6.36 18.98 14.86
CA VAL B 181 5.23 18.65 14.04
C VAL B 181 4.67 19.90 13.38
N GLU B 182 4.66 19.95 12.06
CA GLU B 182 4.10 21.07 11.29
C GLU B 182 3.32 20.46 10.13
N MET B 183 3.00 21.13 9.04
CA MET B 183 2.17 20.48 7.99
C MET B 183 2.64 20.77 6.59
N GLU B 184 3.92 21.19 6.42
CA GLU B 184 4.36 21.64 5.11
C GLU B 184 5.72 21.23 4.61
N ALA B 185 6.73 21.16 5.47
CA ALA B 185 8.08 20.87 5.05
C ALA B 185 8.23 19.69 4.10
N ALA B 186 7.62 18.55 4.36
CA ALA B 186 7.80 17.42 3.43
C ALA B 186 7.29 17.75 2.04
N GLY B 187 6.23 18.54 1.93
CA GLY B 187 5.68 18.94 0.63
C GLY B 187 6.61 19.95 -0.06
N ILE B 188 7.14 20.91 0.71
CA ILE B 188 8.06 21.90 0.10
C ILE B 188 9.32 21.21 -0.40
N TYR B 189 9.82 20.26 0.39
CA TYR B 189 11.02 19.50 0.03
C TYR B 189 10.78 18.65 -1.21
N GLY B 190 9.57 18.11 -1.35
CA GLY B 190 9.21 17.31 -2.51
C GLY B 190 9.17 18.20 -3.75
N VAL B 191 8.58 19.39 -3.62
CA VAL B 191 8.55 20.32 -4.76
C VAL B 191 9.98 20.75 -5.13
N ALA B 192 10.81 21.04 -4.14
CA ALA B 192 12.18 21.47 -4.45
C ALA B 192 12.93 20.38 -5.21
N ALA B 193 12.75 19.11 -4.82
CA ALA B 193 13.44 18.05 -5.55
C ALA B 193 12.87 17.90 -6.95
N GLU B 194 11.54 17.95 -7.09
CA GLU B 194 10.94 17.78 -8.40
C GLU B 194 11.36 18.86 -9.40
N TYR B 195 11.40 20.10 -8.92
CA TYR B 195 11.72 21.25 -9.76
C TYR B 195 13.18 21.65 -9.74
N GLY B 196 14.04 20.95 -9.02
CA GLY B 196 15.48 21.27 -9.01
C GLY B 196 15.82 22.55 -8.29
N ALA B 197 15.11 22.86 -7.21
CA ALA B 197 15.38 24.06 -6.42
C ALA B 197 15.87 23.62 -5.04
N LYS B 198 16.04 24.59 -4.15
CA LYS B 198 16.56 24.31 -2.81
C LYS B 198 15.65 24.84 -1.71
N ALA B 199 15.49 24.06 -0.64
CA ALA B 199 14.62 24.52 0.44
C ALA B 199 15.11 24.12 1.82
N LEU B 200 14.52 24.81 2.79
CA LEU B 200 14.82 24.61 4.19
C LEU B 200 13.63 25.04 5.04
N ALA B 201 13.33 24.28 6.07
CA ALA B 201 12.26 24.65 6.99
C ALA B 201 12.86 24.80 8.40
N ILE B 202 12.75 26.01 8.96
CA ILE B 202 13.19 26.32 10.29
C ILE B 202 11.88 26.63 11.07
N CYS B 203 11.73 26.10 12.25
CA CYS B 203 10.51 26.37 13.01
C CYS B 203 10.80 26.64 14.48
N THR B 204 9.88 27.39 15.11
CA THR B 204 10.02 27.63 16.55
C THR B 204 8.99 26.73 17.24
N VAL B 205 9.33 26.16 18.37
CA VAL B 205 8.42 25.27 19.08
C VAL B 205 7.45 26.09 19.93
N SER B 206 6.19 26.07 19.53
CA SER B 206 5.16 26.83 20.25
C SER B 206 4.60 26.06 21.43
N ASP B 207 4.42 24.76 21.26
CA ASP B 207 3.82 23.93 22.31
C ASP B 207 4.42 22.54 22.36
N HIS B 208 4.23 21.84 23.48
CA HIS B 208 4.73 20.48 23.63
C HIS B 208 3.53 19.53 23.72
N ILE B 209 3.46 18.59 22.79
CA ILE B 209 2.38 17.62 22.69
C ILE B 209 2.51 16.48 23.69
N LYS B 210 3.73 16.07 24.01
CA LYS B 210 3.95 14.98 24.95
C LYS B 210 3.82 15.38 26.41
N THR B 211 4.58 16.37 26.84
CA THR B 211 4.58 16.81 28.23
C THR B 211 3.44 17.76 28.57
N GLY B 212 3.02 18.58 27.61
CA GLY B 212 1.93 19.52 27.83
C GLY B 212 2.41 20.95 27.99
N GLU B 213 3.72 21.15 28.11
CA GLU B 213 4.24 22.51 28.27
C GLU B 213 3.71 23.43 27.18
N GLN B 214 3.29 24.62 27.59
CA GLN B 214 2.76 25.62 26.67
C GLN B 214 3.59 26.90 26.75
N THR B 215 3.23 27.89 25.94
CA THR B 215 3.87 29.18 25.91
C THR B 215 2.83 30.31 25.90
N THR B 216 3.36 31.53 25.93
CA THR B 216 2.52 32.73 25.88
C THR B 216 2.74 33.43 24.54
N SER B 217 2.00 34.50 24.30
CA SER B 217 2.14 35.23 23.04
C SER B 217 3.46 36.00 23.01
N GLU B 218 3.83 36.56 24.16
CA GLU B 218 5.07 37.32 24.30
C GLU B 218 6.30 36.47 24.07
N GLU B 219 6.36 35.32 24.74
CA GLU B 219 7.50 34.41 24.60
C GLU B 219 7.64 33.96 23.15
N ARG B 220 6.51 33.63 22.53
CA ARG B 220 6.45 33.20 21.14
C ARG B 220 6.98 34.28 20.20
N GLN B 221 6.55 35.51 20.40
CA GLN B 221 6.97 36.64 19.57
C GLN B 221 8.48 36.83 19.61
N ASN B 222 9.07 36.75 20.79
CA ASN B 222 10.50 36.89 21.00
C ASN B 222 11.27 35.79 20.27
N THR B 223 10.81 34.55 20.41
CA THR B 223 11.45 33.41 19.75
C THR B 223 11.30 33.52 18.24
N PHE B 224 10.15 33.99 17.78
CA PHE B 224 9.91 34.16 16.35
C PHE B 224 10.89 35.16 15.76
N ASN B 225 11.10 36.28 16.46
CA ASN B 225 12.02 37.30 15.98
C ASN B 225 13.42 36.72 15.78
N GLU B 226 13.89 35.93 16.73
CA GLU B 226 15.18 35.26 16.67
C GLU B 226 15.26 34.37 15.42
N MET B 227 14.21 33.59 15.19
CA MET B 227 14.17 32.71 14.01
C MET B 227 14.35 33.51 12.73
N ILE B 228 13.62 34.63 12.60
CA ILE B 228 13.73 35.43 11.38
C ILE B 228 15.13 36.02 11.22
N GLU B 229 15.73 36.47 12.32
CA GLU B 229 17.10 37.00 12.25
C GLU B 229 18.06 35.90 11.78
N ILE B 230 17.86 34.69 12.29
CA ILE B 230 18.71 33.57 11.86
C ILE B 230 18.49 33.30 10.38
N ALA B 231 17.23 33.24 9.93
CA ALA B 231 16.95 32.98 8.53
C ALA B 231 17.60 33.99 7.61
N LEU B 232 17.43 35.30 7.89
CA LEU B 232 18.01 36.33 7.05
C LEU B 232 19.54 36.30 7.02
N ASP B 233 20.15 36.08 8.17
CA ASP B 233 21.62 35.99 8.21
C ASP B 233 22.08 34.77 7.42
N SER B 234 21.28 33.69 7.47
CA SER B 234 21.65 32.48 6.72
C SER B 234 21.63 32.71 5.23
N VAL B 235 20.78 33.62 4.74
CA VAL B 235 20.76 33.95 3.32
C VAL B 235 22.11 34.56 2.91
N LEU B 236 22.62 35.49 3.71
CA LEU B 236 23.90 36.11 3.37
C LEU B 236 25.04 35.10 3.47
N ILE B 237 25.04 34.24 4.48
CA ILE B 237 26.07 33.20 4.61
C ILE B 237 26.06 32.32 3.37
N GLY B 238 24.84 31.93 2.95
CA GLY B 238 24.64 31.09 1.79
C GLY B 238 25.14 31.71 0.51
N ASP B 239 25.08 33.04 0.39
CA ASP B 239 25.56 33.77 -0.77
C ASP B 239 27.09 33.70 -0.85
N GLN B 240 27.74 33.62 0.30
CA GLN B 240 29.19 33.53 0.41
C GLN B 240 29.88 34.81 -0.05
N ALA C 4 -23.81 -16.07 -27.36
CA ALA C 4 -23.87 -16.07 -25.92
C ALA C 4 -22.52 -15.68 -25.30
N THR C 5 -22.56 -15.44 -24.00
CA THR C 5 -21.34 -15.06 -23.26
C THR C 5 -20.95 -16.24 -22.40
N PRO C 6 -19.75 -16.24 -21.83
CA PRO C 6 -19.30 -17.35 -21.04
C PRO C 6 -20.12 -17.67 -19.81
N HIS C 7 -20.83 -16.70 -19.22
CA HIS C 7 -21.59 -16.96 -18.00
C HIS C 7 -23.08 -16.76 -18.14
N ILE C 8 -23.53 -16.35 -19.33
CA ILE C 8 -24.94 -16.06 -19.57
C ILE C 8 -25.32 -16.70 -20.90
N ASN C 9 -26.27 -17.63 -20.89
CA ASN C 9 -26.67 -18.31 -22.11
C ASN C 9 -27.91 -17.64 -22.70
N ALA C 10 -27.73 -16.41 -23.14
CA ALA C 10 -28.80 -15.62 -23.70
C ALA C 10 -28.31 -14.89 -24.94
N GLN C 11 -29.21 -14.15 -25.58
CA GLN C 11 -28.79 -13.39 -26.76
C GLN C 11 -29.22 -11.94 -26.59
N MET C 12 -28.52 -11.06 -27.31
CA MET C 12 -28.84 -9.64 -27.25
C MET C 12 -30.33 -9.46 -27.50
N GLY C 13 -30.97 -8.68 -26.64
CA GLY C 13 -32.39 -8.43 -26.72
C GLY C 13 -33.17 -9.21 -25.65
N ASP C 14 -32.58 -10.27 -25.09
CA ASP C 14 -33.28 -11.07 -24.09
C ASP C 14 -33.49 -10.34 -22.77
N PHE C 15 -32.59 -9.40 -22.49
CA PHE C 15 -32.73 -8.63 -21.25
C PHE C 15 -33.26 -7.23 -21.56
N ALA C 16 -34.06 -6.73 -20.65
CA ALA C 16 -34.55 -5.35 -20.69
C ALA C 16 -33.32 -4.44 -20.44
N ASP C 17 -33.51 -3.14 -20.60
CA ASP C 17 -32.39 -2.22 -20.35
C ASP C 17 -32.20 -1.96 -18.85
N VAL C 18 -33.07 -2.47 -18.01
CA VAL C 18 -32.99 -2.32 -16.56
C VAL C 18 -33.10 -3.73 -15.96
N VAL C 19 -32.12 -4.10 -15.11
CA VAL C 19 -32.08 -5.41 -14.48
C VAL C 19 -32.01 -5.33 -12.95
N LEU C 20 -32.94 -5.97 -12.28
CA LEU C 20 -32.93 -6.05 -10.81
C LEU C 20 -32.10 -7.28 -10.46
N MET C 21 -31.20 -7.15 -9.47
CA MET C 21 -30.36 -8.28 -9.15
C MET C 21 -30.16 -8.59 -7.67
N PRO C 22 -30.79 -9.63 -7.17
CA PRO C 22 -30.48 -10.12 -5.82
C PRO C 22 -29.25 -11.03 -5.95
N GLY C 23 -28.60 -11.42 -4.86
CA GLY C 23 -27.47 -12.34 -4.99
C GLY C 23 -27.94 -13.77 -5.26
N ASP C 24 -29.06 -14.16 -4.68
CA ASP C 24 -29.58 -15.52 -4.81
C ASP C 24 -30.42 -15.69 -6.04
N PRO C 25 -30.09 -16.62 -6.95
CA PRO C 25 -30.87 -16.86 -8.15
C PRO C 25 -32.28 -17.32 -7.82
N LEU C 26 -32.49 -17.95 -6.68
CA LEU C 26 -33.85 -18.38 -6.27
C LEU C 26 -34.65 -17.16 -5.88
N ARG C 27 -34.03 -16.09 -5.40
CA ARG C 27 -34.77 -14.85 -5.11
C ARG C 27 -35.10 -14.20 -6.45
N ALA C 28 -34.24 -14.35 -7.48
CA ALA C 28 -34.60 -13.80 -8.80
C ALA C 28 -35.85 -14.53 -9.31
N LYS C 29 -35.85 -15.85 -9.15
CA LYS C 29 -37.03 -16.65 -9.55
C LYS C 29 -38.26 -16.18 -8.81
N TYR C 30 -38.19 -15.97 -7.50
CA TYR C 30 -39.32 -15.50 -6.71
C TYR C 30 -39.81 -14.15 -7.20
N ILE C 31 -38.90 -13.22 -7.49
CA ILE C 31 -39.32 -11.90 -7.98
C ILE C 31 -40.03 -12.03 -9.32
N ALA C 32 -39.43 -12.81 -10.23
CA ALA C 32 -40.03 -12.99 -11.55
C ALA C 32 -41.42 -13.58 -11.49
N GLU C 33 -41.62 -14.59 -10.64
CA GLU C 33 -42.91 -15.26 -10.56
C GLU C 33 -43.95 -14.48 -9.79
N ASN C 34 -43.55 -13.67 -8.81
CA ASN C 34 -44.53 -12.95 -8.00
C ASN C 34 -44.69 -11.48 -8.24
N PHE C 35 -43.73 -10.81 -8.89
CA PHE C 35 -43.86 -9.37 -9.08
C PHE C 35 -43.89 -8.95 -10.53
N LEU C 36 -43.52 -9.84 -11.45
CA LEU C 36 -43.54 -9.48 -12.87
C LEU C 36 -44.64 -10.27 -13.57
N ASP C 37 -45.12 -9.69 -14.66
CA ASP C 37 -46.13 -10.39 -15.45
C ASP C 37 -45.43 -11.10 -16.60
N ASN C 38 -45.87 -12.33 -16.88
CA ASN C 38 -45.36 -13.12 -17.99
C ASN C 38 -43.85 -13.21 -18.10
N ALA C 39 -43.18 -13.44 -16.97
CA ALA C 39 -41.73 -13.54 -16.98
C ALA C 39 -41.28 -14.87 -17.55
N VAL C 40 -40.28 -14.80 -18.44
CA VAL C 40 -39.72 -16.01 -19.04
C VAL C 40 -38.23 -16.06 -18.66
N GLN C 41 -37.77 -17.25 -18.36
CA GLN C 41 -36.35 -17.45 -18.01
C GLN C 41 -35.50 -17.26 -19.25
N VAL C 42 -34.46 -16.43 -19.11
CA VAL C 42 -33.55 -16.14 -20.22
C VAL C 42 -32.15 -16.70 -20.00
N CYS C 43 -31.84 -17.18 -18.80
CA CYS C 43 -30.50 -17.77 -18.63
C CYS C 43 -30.45 -18.66 -17.40
N ASP C 44 -29.53 -19.63 -17.46
CA ASP C 44 -29.39 -20.57 -16.34
C ASP C 44 -28.02 -21.18 -16.20
N VAL C 45 -27.00 -20.61 -16.85
CA VAL C 45 -25.63 -21.15 -16.70
C VAL C 45 -25.22 -21.04 -15.23
N ARG C 46 -24.59 -22.08 -14.69
CA ARG C 46 -24.17 -22.15 -13.29
C ARG C 46 -25.32 -21.96 -12.33
N ASN C 47 -26.55 -22.25 -12.77
CA ASN C 47 -27.77 -22.06 -12.02
C ASN C 47 -28.00 -20.59 -11.68
N MET C 48 -27.41 -19.65 -12.43
CA MET C 48 -27.62 -18.22 -12.13
C MET C 48 -28.80 -17.76 -12.98
N PHE C 49 -29.98 -18.07 -12.48
CA PHE C 49 -31.24 -17.78 -13.17
C PHE C 49 -31.48 -16.30 -13.41
N GLY C 50 -31.92 -15.97 -14.62
CA GLY C 50 -32.27 -14.62 -15.06
C GLY C 50 -33.59 -14.72 -15.85
N TYR C 51 -34.44 -13.70 -15.70
CA TYR C 51 -35.78 -13.69 -16.32
C TYR C 51 -36.12 -12.32 -16.88
N THR C 52 -37.05 -12.30 -17.84
CA THR C 52 -37.51 -11.03 -18.37
C THR C 52 -39.04 -11.06 -18.44
N GLY C 53 -39.65 -10.05 -17.86
CA GLY C 53 -41.12 -9.92 -17.85
C GLY C 53 -41.50 -8.45 -17.86
N THR C 54 -42.74 -8.14 -17.48
CA THR C 54 -43.14 -6.74 -17.42
C THR C 54 -43.70 -6.39 -16.04
N TYR C 55 -43.59 -5.10 -15.72
CA TYR C 55 -44.10 -4.54 -14.47
C TYR C 55 -44.93 -3.31 -14.88
N LYS C 56 -46.26 -3.44 -14.78
CA LYS C 56 -47.11 -2.32 -15.23
C LYS C 56 -46.84 -1.99 -16.69
N GLY C 57 -46.60 -3.00 -17.52
CA GLY C 57 -46.34 -2.86 -18.93
C GLY C 57 -44.91 -2.55 -19.31
N ARG C 58 -44.04 -2.25 -18.35
CA ARG C 58 -42.66 -1.90 -18.62
C ARG C 58 -41.75 -3.14 -18.55
N ARG C 59 -40.98 -3.36 -19.60
CA ARG C 59 -40.10 -4.55 -19.63
C ARG C 59 -39.00 -4.42 -18.61
N ILE C 60 -38.89 -5.42 -17.74
CA ILE C 60 -37.85 -5.40 -16.68
C ILE C 60 -37.28 -6.81 -16.53
N SER C 61 -35.97 -6.93 -16.31
CA SER C 61 -35.36 -8.24 -16.11
C SER C 61 -34.91 -8.38 -14.65
N VAL C 62 -34.75 -9.63 -14.22
CA VAL C 62 -34.31 -9.92 -12.85
C VAL C 62 -33.34 -11.10 -12.92
N MET C 63 -32.19 -10.99 -12.26
CA MET C 63 -31.20 -12.06 -12.36
C MET C 63 -30.30 -12.08 -11.14
N GLY C 64 -29.92 -13.27 -10.70
CA GLY C 64 -29.00 -13.32 -9.53
C GLY C 64 -27.60 -12.89 -9.97
N HIS C 65 -26.82 -12.44 -8.97
CA HIS C 65 -25.44 -12.02 -9.25
C HIS C 65 -24.43 -12.83 -8.45
N GLY C 66 -24.89 -13.76 -7.62
CA GLY C 66 -23.91 -14.57 -6.83
C GLY C 66 -23.43 -13.77 -5.63
N MET C 67 -22.42 -14.31 -4.92
CA MET C 67 -21.93 -13.58 -3.75
C MET C 67 -20.52 -13.04 -3.92
N GLY C 68 -20.34 -11.78 -3.54
CA GLY C 68 -19.03 -11.15 -3.59
C GLY C 68 -18.79 -10.29 -4.81
N ILE C 69 -17.79 -9.40 -4.66
CA ILE C 69 -17.44 -8.48 -5.73
C ILE C 69 -17.02 -9.17 -6.99
N PRO C 70 -16.14 -10.15 -6.99
CA PRO C 70 -15.71 -10.79 -8.23
C PRO C 70 -16.86 -11.46 -8.96
N SER C 71 -17.75 -12.13 -8.25
CA SER C 71 -18.90 -12.77 -8.89
C SER C 71 -19.84 -11.79 -9.55
N CYS C 72 -20.30 -10.79 -8.79
CA CYS C 72 -21.25 -9.82 -9.37
C CYS C 72 -20.60 -8.99 -10.47
N SER C 73 -19.28 -8.80 -10.41
CA SER C 73 -18.60 -8.02 -11.44
C SER C 73 -18.70 -8.71 -12.79
N ILE C 74 -18.58 -10.04 -12.79
CA ILE C 74 -18.69 -10.79 -14.05
C ILE C 74 -20.08 -10.58 -14.65
N TYR C 75 -21.10 -10.84 -13.85
CA TYR C 75 -22.47 -10.70 -14.39
C TYR C 75 -22.84 -9.31 -14.83
N VAL C 76 -22.54 -8.29 -14.03
CA VAL C 76 -22.88 -6.92 -14.39
C VAL C 76 -22.11 -6.47 -15.61
N THR C 77 -20.82 -6.83 -15.69
CA THR C 77 -20.05 -6.44 -16.88
C THR C 77 -20.65 -7.03 -18.14
N GLU C 78 -21.00 -8.31 -18.10
CA GLU C 78 -21.60 -8.94 -19.30
C GLU C 78 -22.93 -8.34 -19.63
N LEU C 79 -23.78 -8.06 -18.65
CA LEU C 79 -25.06 -7.44 -18.96
C LEU C 79 -24.90 -6.10 -19.65
N ILE C 80 -23.96 -5.28 -19.18
CA ILE C 80 -23.77 -3.97 -19.80
C ILE C 80 -23.12 -4.07 -21.18
N LYS C 81 -21.96 -4.73 -21.25
CA LYS C 81 -21.25 -4.75 -22.53
C LYS C 81 -21.81 -5.70 -23.56
N ASP C 82 -22.41 -6.81 -23.20
CA ASP C 82 -22.91 -7.76 -24.20
C ASP C 82 -24.41 -7.74 -24.39
N TYR C 83 -25.18 -7.30 -23.40
CA TYR C 83 -26.63 -7.30 -23.48
C TYR C 83 -27.26 -5.92 -23.45
N GLY C 84 -26.46 -4.86 -23.54
CA GLY C 84 -26.94 -3.51 -23.62
C GLY C 84 -27.67 -2.95 -22.42
N VAL C 85 -27.47 -3.55 -21.25
CA VAL C 85 -28.16 -3.06 -20.06
C VAL C 85 -27.64 -1.69 -19.66
N LYS C 86 -28.57 -0.79 -19.33
CA LYS C 86 -28.20 0.57 -18.98
C LYS C 86 -28.24 0.82 -17.48
N LYS C 87 -29.16 0.17 -16.78
CA LYS C 87 -29.33 0.37 -15.35
C LYS C 87 -29.41 -0.96 -14.59
N ILE C 88 -28.65 -1.04 -13.50
CA ILE C 88 -28.63 -2.22 -12.64
C ILE C 88 -29.10 -1.84 -11.24
N ILE C 89 -30.11 -2.53 -10.72
CA ILE C 89 -30.57 -2.26 -9.35
C ILE C 89 -30.32 -3.52 -8.50
N ARG C 90 -29.27 -3.51 -7.68
CA ARG C 90 -29.06 -4.67 -6.78
C ARG C 90 -30.14 -4.56 -5.69
N VAL C 91 -30.84 -5.64 -5.45
CA VAL C 91 -31.91 -5.69 -4.42
C VAL C 91 -31.49 -6.76 -3.43
N GLY C 92 -30.86 -6.41 -2.31
CA GLY C 92 -30.40 -7.45 -1.41
C GLY C 92 -30.69 -7.27 0.05
N SER C 93 -29.97 -8.06 0.85
CA SER C 93 -30.06 -8.02 2.29
C SER C 93 -28.71 -7.51 2.82
N CYS C 94 -28.69 -6.96 4.01
CA CYS C 94 -27.45 -6.46 4.60
C CYS C 94 -27.53 -6.54 6.13
N GLY C 95 -26.37 -6.35 6.72
CA GLY C 95 -26.26 -6.35 8.20
C GLY C 95 -26.00 -4.93 8.66
N ALA C 96 -26.64 -4.50 9.75
CA ALA C 96 -26.45 -3.15 10.25
C ALA C 96 -25.39 -3.10 11.36
N VAL C 97 -24.67 -2.00 11.43
CA VAL C 97 -23.64 -1.81 12.45
C VAL C 97 -23.88 -0.56 13.30
N ASN C 98 -24.76 0.32 12.86
CA ASN C 98 -25.03 1.56 13.58
C ASN C 98 -26.36 1.53 14.30
N GLU C 99 -26.41 2.21 15.45
CA GLU C 99 -27.61 2.29 16.27
C GLU C 99 -28.73 3.05 15.60
N GLY C 100 -28.41 3.93 14.66
CA GLY C 100 -29.39 4.69 13.90
C GLY C 100 -30.13 3.85 12.87
N ILE C 101 -29.68 2.62 12.63
CA ILE C 101 -30.31 1.71 11.68
C ILE C 101 -30.89 0.51 12.40
N LYS C 102 -32.13 0.12 12.06
CA LYS C 102 -32.77 -1.02 12.70
C LYS C 102 -33.10 -2.15 11.76
N VAL C 103 -33.20 -3.36 12.29
CA VAL C 103 -33.58 -4.53 11.47
C VAL C 103 -34.92 -4.22 10.81
N ARG C 104 -35.07 -4.58 9.56
CA ARG C 104 -36.23 -4.38 8.73
C ARG C 104 -36.21 -3.03 8.03
N ASP C 105 -35.21 -2.18 8.31
CA ASP C 105 -35.11 -0.90 7.65
C ASP C 105 -34.70 -1.12 6.18
N VAL C 106 -35.07 -0.19 5.34
CA VAL C 106 -34.67 -0.27 3.92
C VAL C 106 -33.58 0.79 3.75
N VAL C 107 -32.40 0.37 3.27
CA VAL C 107 -31.30 1.31 3.10
C VAL C 107 -30.87 1.37 1.64
N ILE C 108 -30.40 2.55 1.24
CA ILE C 108 -29.94 2.77 -0.13
C ILE C 108 -28.50 3.21 -0.08
N GLY C 109 -27.65 2.51 -0.86
CA GLY C 109 -26.24 2.85 -0.90
C GLY C 109 -25.94 3.93 -1.90
N MET C 110 -25.98 5.22 -1.51
CA MET C 110 -25.57 6.29 -2.43
C MET C 110 -24.09 6.06 -2.74
N GLY C 111 -23.35 5.57 -1.75
CA GLY C 111 -21.96 5.18 -1.92
C GLY C 111 -21.77 3.77 -1.32
N ALA C 112 -20.63 3.17 -1.64
CA ALA C 112 -20.27 1.87 -1.09
C ALA C 112 -18.75 1.82 -0.82
N CYS C 113 -18.44 1.75 0.48
CA CYS C 113 -17.05 1.59 0.92
C CYS C 113 -16.70 0.11 0.72
N THR C 114 -15.42 -0.20 0.81
CA THR C 114 -15.04 -1.62 0.64
C THR C 114 -13.60 -1.87 1.09
N ASP C 115 -13.33 -3.15 1.37
CA ASP C 115 -11.96 -3.55 1.69
C ASP C 115 -11.38 -4.31 0.48
N SER C 116 -12.11 -4.35 -0.63
CA SER C 116 -11.62 -4.98 -1.85
C SER C 116 -10.58 -4.08 -2.51
N LYS C 117 -9.73 -4.70 -3.32
CA LYS C 117 -8.73 -3.99 -4.09
C LYS C 117 -9.20 -3.69 -5.50
N VAL C 118 -10.42 -4.06 -5.91
CA VAL C 118 -10.79 -3.83 -7.32
C VAL C 118 -10.78 -2.41 -7.80
N ASN C 119 -11.25 -1.45 -7.00
CA ASN C 119 -11.25 -0.07 -7.50
C ASN C 119 -9.85 0.53 -7.46
N ARG C 120 -8.97 0.03 -6.59
CA ARG C 120 -7.58 0.50 -6.61
C ARG C 120 -6.90 -0.01 -7.89
N ILE C 121 -7.26 -1.22 -8.30
CA ILE C 121 -6.72 -1.79 -9.54
C ILE C 121 -7.16 -0.94 -10.73
N ARG C 122 -8.39 -0.42 -10.70
CA ARG C 122 -8.89 0.41 -11.78
C ARG C 122 -8.40 1.86 -11.75
N PHE C 123 -8.24 2.41 -10.56
CA PHE C 123 -7.98 3.83 -10.38
C PHE C 123 -6.63 4.25 -9.92
N LYS C 124 -5.58 3.62 -10.46
CA LYS C 124 -4.19 3.94 -10.18
C LYS C 124 -3.86 3.96 -8.71
N ASP C 125 -4.46 3.05 -7.93
CA ASP C 125 -4.25 2.89 -6.51
C ASP C 125 -4.66 4.12 -5.69
N HIS C 126 -5.54 4.96 -6.23
CA HIS C 126 -6.05 6.11 -5.47
C HIS C 126 -7.44 5.73 -4.94
N ASP C 127 -8.11 6.69 -4.32
CA ASP C 127 -9.43 6.40 -3.77
C ASP C 127 -10.54 6.75 -4.77
N PHE C 128 -11.17 5.70 -5.28
CA PHE C 128 -12.33 5.90 -6.15
C PHE C 128 -13.56 5.83 -5.23
N ALA C 129 -14.37 6.88 -5.22
CA ALA C 129 -15.60 6.84 -4.39
C ALA C 129 -16.62 6.02 -5.19
N ALA C 130 -16.88 4.80 -4.76
CA ALA C 130 -17.83 3.95 -5.52
C ALA C 130 -19.24 4.45 -5.26
N ILE C 131 -19.83 5.10 -6.25
CA ILE C 131 -21.16 5.68 -6.04
C ILE C 131 -22.22 5.18 -7.02
N ALA C 132 -23.46 5.28 -6.51
CA ALA C 132 -24.61 4.93 -7.35
C ALA C 132 -24.90 6.13 -8.28
N ASP C 133 -25.81 5.92 -9.21
CA ASP C 133 -26.27 7.02 -10.10
C ASP C 133 -27.29 7.82 -9.27
N TYR C 134 -27.13 9.14 -9.19
CA TYR C 134 -28.01 9.98 -8.40
C TYR C 134 -29.47 9.89 -8.79
N LYS C 135 -29.76 9.95 -10.09
CA LYS C 135 -31.19 9.88 -10.46
C LYS C 135 -31.80 8.56 -10.04
N MET C 136 -31.05 7.46 -10.07
CA MET C 136 -31.60 6.19 -9.58
C MET C 136 -31.84 6.24 -8.08
N VAL C 137 -30.88 6.82 -7.33
CA VAL C 137 -31.09 6.95 -5.88
C VAL C 137 -32.38 7.74 -5.59
N LYS C 138 -32.51 8.89 -6.24
CA LYS C 138 -33.66 9.76 -6.05
C LYS C 138 -34.96 9.06 -6.42
N ALA C 139 -34.97 8.33 -7.53
CA ALA C 139 -36.16 7.60 -7.95
C ALA C 139 -36.57 6.57 -6.89
N ALA C 140 -35.57 5.87 -6.31
CA ALA C 140 -35.88 4.88 -5.29
C ALA C 140 -36.39 5.52 -4.00
N GLU C 141 -35.80 6.64 -3.60
CA GLU C 141 -36.26 7.34 -2.40
C GLU C 141 -37.68 7.88 -2.61
N GLU C 142 -37.94 8.43 -3.79
CA GLU C 142 -39.29 8.92 -4.09
C GLU C 142 -40.26 7.76 -4.20
N ALA C 143 -39.88 6.61 -4.71
CA ALA C 143 -40.77 5.45 -4.80
C ALA C 143 -41.14 4.96 -3.40
N ALA C 144 -40.16 5.00 -2.49
CA ALA C 144 -40.42 4.58 -1.11
C ALA C 144 -41.35 5.61 -0.45
N LYS C 145 -41.15 6.89 -0.74
CA LYS C 145 -42.00 7.94 -0.14
C LYS C 145 -43.44 7.72 -0.56
N ALA C 146 -43.66 7.42 -1.83
CA ALA C 146 -45.02 7.20 -2.34
C ALA C 146 -45.72 6.06 -1.62
N ARG C 147 -45.00 5.04 -1.20
CA ARG C 147 -45.50 3.92 -0.47
C ARG C 147 -45.51 4.11 1.04
N GLY C 148 -45.05 5.26 1.52
CA GLY C 148 -45.01 5.56 2.94
C GLY C 148 -43.92 4.78 3.66
N ILE C 149 -42.86 4.41 2.92
CA ILE C 149 -41.76 3.66 3.50
C ILE C 149 -40.56 4.57 3.68
N ASP C 150 -40.06 4.64 4.91
CA ASP C 150 -38.88 5.47 5.16
C ASP C 150 -37.64 4.69 4.68
N VAL C 151 -36.70 5.41 4.13
CA VAL C 151 -35.46 4.84 3.63
C VAL C 151 -34.29 5.66 4.20
N LYS C 152 -33.17 4.99 4.39
CA LYS C 152 -31.96 5.64 4.90
C LYS C 152 -30.92 5.59 3.77
N VAL C 153 -30.50 6.75 3.30
CA VAL C 153 -29.56 6.83 2.20
C VAL C 153 -28.17 7.16 2.73
N GLY C 154 -27.19 6.30 2.43
CA GLY C 154 -25.84 6.57 2.94
C GLY C 154 -24.84 5.61 2.30
N ASN C 155 -23.78 5.30 3.02
CA ASN C 155 -22.77 4.38 2.54
C ASN C 155 -22.96 2.93 2.99
N LEU C 156 -22.94 2.02 2.02
CA LEU C 156 -22.90 0.61 2.37
C LEU C 156 -21.40 0.28 2.55
N PHE C 157 -21.15 -0.90 3.09
CA PHE C 157 -19.77 -1.40 3.16
C PHE C 157 -19.83 -2.78 2.47
N SER C 158 -19.10 -2.91 1.36
CA SER C 158 -19.07 -4.16 0.60
C SER C 158 -17.86 -4.96 1.04
N ALA C 159 -18.15 -5.97 1.88
CA ALA C 159 -17.08 -6.77 2.46
C ALA C 159 -16.53 -7.87 1.57
N GLU C 160 -15.25 -8.14 1.76
CA GLU C 160 -14.57 -9.22 1.07
C GLU C 160 -14.76 -10.56 1.78
N LEU C 161 -14.69 -10.49 3.12
CA LEU C 161 -14.77 -11.69 3.93
C LEU C 161 -15.97 -11.69 4.87
N PHE C 162 -16.99 -12.45 4.48
CA PHE C 162 -18.21 -12.58 5.31
C PHE C 162 -17.78 -13.00 6.71
N TYR C 163 -16.91 -14.01 6.79
CA TYR C 163 -16.38 -14.46 8.10
C TYR C 163 -15.10 -13.64 8.32
N THR C 164 -15.29 -12.38 8.71
CA THR C 164 -14.12 -11.50 8.80
C THR C 164 -13.15 -11.86 9.90
N PRO C 165 -11.86 -11.80 9.58
CA PRO C 165 -10.83 -11.99 10.59
C PRO C 165 -10.63 -10.70 11.38
N ASP C 166 -11.29 -9.59 10.99
CA ASP C 166 -11.18 -8.31 11.67
C ASP C 166 -12.54 -7.72 12.03
N PRO C 167 -13.22 -8.29 13.03
CA PRO C 167 -14.50 -7.77 13.48
C PRO C 167 -14.40 -6.36 14.05
N SER C 168 -13.21 -5.90 14.47
CA SER C 168 -13.08 -4.54 14.97
C SER C 168 -13.42 -3.51 13.90
N MET C 169 -13.32 -3.90 12.61
CA MET C 169 -13.68 -2.96 11.54
C MET C 169 -15.14 -2.57 11.59
N PHE C 170 -16.02 -3.41 12.19
CA PHE C 170 -17.43 -3.05 12.30
C PHE C 170 -17.60 -1.78 13.12
N ASP C 171 -16.76 -1.60 14.15
CA ASP C 171 -16.84 -0.38 14.96
C ASP C 171 -16.41 0.84 14.16
N VAL C 172 -15.44 0.68 13.25
CA VAL C 172 -15.01 1.80 12.40
C VAL C 172 -16.16 2.12 11.44
N MET C 173 -16.78 1.09 10.86
CA MET C 173 -17.93 1.31 9.98
C MET C 173 -19.03 2.07 10.70
N ASP C 174 -19.29 1.68 11.95
CA ASP C 174 -20.32 2.34 12.76
C ASP C 174 -20.02 3.82 12.93
N LYS C 175 -18.80 4.13 13.36
CA LYS C 175 -18.34 5.49 13.58
C LYS C 175 -18.45 6.34 12.33
N TYR C 176 -18.21 5.74 11.16
CA TYR C 176 -18.25 6.45 9.91
C TYR C 176 -19.59 6.50 9.22
N GLY C 177 -20.65 6.06 9.89
CA GLY C 177 -22.00 6.16 9.39
C GLY C 177 -22.45 5.13 8.37
N ILE C 178 -21.72 4.03 8.26
CA ILE C 178 -22.13 2.98 7.28
C ILE C 178 -23.53 2.52 7.65
N VAL C 179 -24.41 2.41 6.66
CA VAL C 179 -25.81 2.03 6.88
C VAL C 179 -26.06 0.53 6.79
N GLY C 180 -25.19 -0.21 6.12
CA GLY C 180 -25.38 -1.65 6.00
C GLY C 180 -24.12 -2.30 5.41
N VAL C 181 -23.97 -3.57 5.75
CA VAL C 181 -22.84 -4.35 5.27
C VAL C 181 -23.35 -5.44 4.34
N GLU C 182 -22.85 -5.43 3.11
CA GLU C 182 -23.18 -6.47 2.12
C GLU C 182 -21.89 -6.85 1.43
N MET C 183 -21.86 -7.38 0.21
CA MET C 183 -20.59 -7.79 -0.37
C MET C 183 -20.46 -7.47 -1.85
N GLU C 184 -21.28 -6.54 -2.36
CA GLU C 184 -21.27 -6.36 -3.81
C GLU C 184 -21.38 -4.95 -4.32
N ALA C 185 -22.09 -4.04 -3.64
CA ALA C 185 -22.30 -2.71 -4.19
C ALA C 185 -21.07 -1.97 -4.66
N ALA C 186 -19.96 -1.97 -3.93
CA ALA C 186 -18.79 -1.23 -4.39
C ALA C 186 -18.27 -1.78 -5.73
N GLY C 187 -18.41 -3.09 -5.91
CA GLY C 187 -17.96 -3.74 -7.15
C GLY C 187 -18.88 -3.37 -8.30
N ILE C 188 -20.18 -3.42 -8.05
CA ILE C 188 -21.16 -3.05 -9.09
C ILE C 188 -20.95 -1.60 -9.49
N TYR C 189 -20.74 -0.72 -8.53
CA TYR C 189 -20.52 0.70 -8.82
C TYR C 189 -19.25 0.91 -9.61
N GLY C 190 -18.20 0.14 -9.32
CA GLY C 190 -16.93 0.24 -10.05
C GLY C 190 -17.15 -0.18 -11.50
N VAL C 191 -17.85 -1.29 -11.72
CA VAL C 191 -18.15 -1.73 -13.09
C VAL C 191 -18.98 -0.68 -13.81
N ALA C 192 -20.00 -0.12 -13.16
CA ALA C 192 -20.84 0.88 -13.85
C ALA C 192 -20.01 2.06 -14.29
N ALA C 193 -19.08 2.53 -13.45
CA ALA C 193 -18.24 3.65 -13.85
C ALA C 193 -17.29 3.24 -14.96
N GLU C 194 -16.69 2.06 -14.86
CA GLU C 194 -15.74 1.64 -15.91
C GLU C 194 -16.41 1.47 -17.26
N TYR C 195 -17.62 0.93 -17.28
CA TYR C 195 -18.34 0.65 -18.51
C TYR C 195 -19.37 1.68 -18.91
N GLY C 196 -19.45 2.81 -18.22
CA GLY C 196 -20.35 3.87 -18.55
C GLY C 196 -21.83 3.60 -18.41
N ALA C 197 -22.20 2.84 -17.37
CA ALA C 197 -23.60 2.52 -17.11
C ALA C 197 -23.98 3.09 -15.75
N LYS C 198 -25.16 2.75 -15.28
CA LYS C 198 -25.69 3.30 -14.03
C LYS C 198 -26.12 2.20 -13.08
N ALA C 199 -25.89 2.37 -11.78
CA ALA C 199 -26.28 1.34 -10.83
C ALA C 199 -26.73 1.93 -9.50
N LEU C 200 -27.42 1.06 -8.77
CA LEU C 200 -27.97 1.35 -7.46
C LEU C 200 -28.11 0.07 -6.65
N ALA C 201 -27.83 0.16 -5.35
CA ALA C 201 -27.99 -0.96 -4.44
C ALA C 201 -28.98 -0.54 -3.34
N ILE C 202 -30.07 -1.28 -3.25
CA ILE C 202 -31.10 -1.07 -2.23
C ILE C 202 -31.09 -2.35 -1.38
N CYS C 203 -31.06 -2.26 -0.06
CA CYS C 203 -31.03 -3.47 0.75
C CYS C 203 -31.94 -3.32 1.97
N THR C 204 -32.37 -4.48 2.47
CA THR C 204 -33.16 -4.50 3.70
C THR C 204 -32.23 -5.00 4.80
N VAL C 205 -32.34 -4.45 6.00
CA VAL C 205 -31.47 -4.91 7.10
C VAL C 205 -32.03 -6.23 7.64
N SER C 206 -31.28 -7.32 7.49
CA SER C 206 -31.78 -8.62 7.95
C SER C 206 -31.27 -8.97 9.34
N ASP C 207 -30.18 -8.33 9.74
CA ASP C 207 -29.59 -8.60 11.04
C ASP C 207 -28.81 -7.40 11.55
N HIS C 208 -28.68 -7.34 12.86
CA HIS C 208 -27.92 -6.23 13.45
C HIS C 208 -26.66 -6.89 14.03
N ILE C 209 -25.55 -6.67 13.34
CA ILE C 209 -24.26 -7.23 13.71
C ILE C 209 -23.87 -6.92 15.14
N LYS C 210 -24.32 -5.81 15.68
CA LYS C 210 -24.04 -5.43 17.05
C LYS C 210 -25.03 -5.97 18.06
N THR C 211 -26.33 -5.82 17.84
CA THR C 211 -27.31 -6.29 18.81
C THR C 211 -27.90 -7.66 18.50
N GLY C 212 -27.87 -8.09 17.26
CA GLY C 212 -28.43 -9.40 16.89
C GLY C 212 -29.95 -9.36 16.96
N GLU C 213 -30.55 -8.23 16.55
CA GLU C 213 -32.00 -8.07 16.60
C GLU C 213 -32.70 -9.20 15.86
N GLN C 214 -33.94 -9.53 16.25
CA GLN C 214 -34.64 -10.64 15.61
C GLN C 214 -36.09 -10.47 15.22
N THR C 215 -36.49 -11.24 14.20
CA THR C 215 -37.82 -11.26 13.64
C THR C 215 -38.32 -12.64 13.23
N THR C 216 -39.55 -12.64 12.69
CA THR C 216 -40.20 -13.85 12.21
C THR C 216 -39.99 -13.95 10.69
N SER C 217 -40.12 -15.14 10.13
CA SER C 217 -39.94 -15.31 8.68
C SER C 217 -40.92 -14.44 7.91
N GLU C 218 -42.16 -14.38 8.35
CA GLU C 218 -43.22 -13.59 7.74
C GLU C 218 -42.85 -12.11 7.68
N GLU C 219 -42.36 -11.57 8.79
CA GLU C 219 -41.94 -10.17 8.83
C GLU C 219 -40.81 -9.93 7.83
N ARG C 220 -39.87 -10.86 7.75
CA ARG C 220 -38.75 -10.79 6.83
C ARG C 220 -39.24 -10.78 5.38
N GLN C 221 -40.19 -11.67 5.10
CA GLN C 221 -40.74 -11.78 3.75
C GLN C 221 -41.48 -10.48 3.39
N ASN C 222 -42.21 -9.90 4.34
CA ASN C 222 -42.92 -8.66 4.12
C ASN C 222 -41.98 -7.50 3.77
N THR C 223 -40.86 -7.39 4.48
CA THR C 223 -39.88 -6.33 4.22
C THR C 223 -39.23 -6.49 2.86
N PHE C 224 -38.93 -7.73 2.48
CA PHE C 224 -38.33 -8.01 1.17
C PHE C 224 -39.32 -7.57 0.09
N ASN C 225 -40.60 -7.94 0.25
CA ASN C 225 -41.59 -7.53 -0.75
C ASN C 225 -41.64 -6.02 -0.87
N GLU C 226 -41.52 -5.31 0.25
CA GLU C 226 -41.53 -3.86 0.26
C GLU C 226 -40.36 -3.33 -0.58
N MET C 227 -39.16 -3.86 -0.36
CA MET C 227 -37.97 -3.46 -1.10
C MET C 227 -38.20 -3.68 -2.60
N ILE C 228 -38.74 -4.85 -2.97
CA ILE C 228 -38.96 -5.11 -4.41
C ILE C 228 -39.94 -4.16 -5.04
N GLU C 229 -41.03 -3.85 -4.33
CA GLU C 229 -42.00 -2.88 -4.85
C GLU C 229 -41.34 -1.52 -5.05
N ILE C 230 -40.55 -1.08 -4.07
CA ILE C 230 -39.82 0.19 -4.20
C ILE C 230 -38.91 0.15 -5.41
N ALA C 231 -38.12 -0.93 -5.55
CA ALA C 231 -37.21 -1.04 -6.68
C ALA C 231 -37.94 -0.99 -8.02
N LEU C 232 -38.99 -1.80 -8.16
CA LEU C 232 -39.74 -1.80 -9.43
C LEU C 232 -40.40 -0.47 -9.70
N ASP C 233 -41.02 0.14 -8.68
CA ASP C 233 -41.64 1.47 -8.86
C ASP C 233 -40.59 2.50 -9.26
N SER C 234 -39.35 2.36 -8.74
CA SER C 234 -38.30 3.29 -9.08
C SER C 234 -37.94 3.27 -10.56
N VAL C 235 -38.09 2.11 -11.21
CA VAL C 235 -37.80 2.00 -12.63
C VAL C 235 -38.79 2.88 -13.41
N LEU C 236 -40.06 2.76 -13.06
CA LEU C 236 -41.09 3.58 -13.74
C LEU C 236 -40.84 5.05 -13.49
N ILE C 237 -40.54 5.43 -12.24
CA ILE C 237 -40.26 6.84 -11.94
C ILE C 237 -39.06 7.31 -12.74
N GLY C 238 -38.02 6.49 -12.79
CA GLY C 238 -36.81 6.80 -13.53
C GLY C 238 -37.02 7.02 -15.01
N ASP C 239 -38.01 6.37 -15.59
CA ASP C 239 -38.35 6.51 -16.99
C ASP C 239 -39.08 7.84 -17.29
N GLN C 240 -39.62 8.49 -16.27
CA GLN C 240 -40.34 9.75 -16.52
C GLN C 240 -39.44 10.88 -16.97
N ALA D 4 29.06 -11.81 22.59
CA ALA D 4 28.08 -12.67 23.24
C ALA D 4 26.74 -12.56 22.51
N THR D 5 26.79 -11.96 21.33
CA THR D 5 25.57 -11.80 20.53
C THR D 5 25.57 -12.86 19.45
N PRO D 6 24.43 -13.16 18.84
CA PRO D 6 24.36 -14.18 17.82
C PRO D 6 25.18 -13.96 16.58
N HIS D 7 25.53 -12.72 16.22
CA HIS D 7 26.27 -12.47 14.99
C HIS D 7 27.63 -11.83 15.22
N ILE D 8 27.95 -11.54 16.48
CA ILE D 8 29.23 -10.89 16.81
C ILE D 8 29.83 -11.62 18.02
N ASN D 9 31.01 -12.22 17.85
CA ASN D 9 31.64 -12.96 18.94
C ASN D 9 32.64 -12.06 19.67
N ALA D 10 32.11 -11.06 20.34
CA ALA D 10 32.93 -10.10 21.08
C ALA D 10 32.28 -9.82 22.44
N GLN D 11 32.90 -8.93 23.21
CA GLN D 11 32.32 -8.59 24.50
C GLN D 11 32.25 -7.06 24.61
N MET D 12 31.30 -6.62 25.45
CA MET D 12 31.15 -5.18 25.66
C MET D 12 32.53 -4.59 26.00
N GLY D 13 32.85 -3.50 25.33
CA GLY D 13 34.12 -2.85 25.51
C GLY D 13 35.08 -3.13 24.35
N ASP D 14 34.83 -4.21 23.57
CA ASP D 14 35.73 -4.53 22.48
C ASP D 14 35.66 -3.51 21.34
N PHE D 15 34.50 -2.89 21.17
CA PHE D 15 34.36 -1.89 20.13
C PHE D 15 34.43 -0.47 20.71
N ALA D 16 35.00 0.42 19.92
CA ALA D 16 35.03 1.84 20.25
C ALA D 16 33.57 2.36 20.14
N ASP D 17 33.35 3.60 20.58
CA ASP D 17 32.00 4.15 20.48
C ASP D 17 31.70 4.61 19.06
N VAL D 18 32.66 4.59 18.15
CA VAL D 18 32.49 4.96 16.75
C VAL D 18 32.99 3.80 15.89
N VAL D 19 32.18 3.33 14.96
CA VAL D 19 32.52 2.23 14.08
C VAL D 19 32.36 2.59 12.60
N LEU D 20 33.42 2.41 11.83
CA LEU D 20 33.39 2.63 10.39
C LEU D 20 32.98 1.28 9.78
N MET D 21 32.06 1.30 8.82
CA MET D 21 31.62 0.05 8.25
C MET D 21 31.48 0.00 6.73
N PRO D 22 32.38 -0.68 6.06
CA PRO D 22 32.21 -0.95 4.63
C PRO D 22 31.34 -2.23 4.56
N GLY D 23 30.80 -2.59 3.40
CA GLY D 23 30.03 -3.82 3.30
C GLY D 23 30.92 -5.06 3.32
N ASP D 24 32.09 -4.95 2.69
CA ASP D 24 33.01 -6.10 2.57
C ASP D 24 33.91 -6.23 3.78
N PRO D 25 33.90 -7.36 4.49
CA PRO D 25 34.75 -7.57 5.64
C PRO D 25 36.23 -7.50 5.30
N LEU D 26 36.58 -7.79 4.04
CA LEU D 26 37.99 -7.68 3.62
C LEU D 26 38.39 -6.23 3.50
N ARG D 27 37.43 -5.33 3.21
CA ARG D 27 37.73 -3.90 3.19
C ARG D 27 37.88 -3.43 4.65
N ALA D 28 37.14 -4.02 5.59
CA ALA D 28 37.36 -3.63 7.01
C ALA D 28 38.79 -4.04 7.41
N LYS D 29 39.22 -5.22 6.97
CA LYS D 29 40.58 -5.70 7.25
C LYS D 29 41.59 -4.73 6.66
N TYR D 30 41.39 -4.32 5.41
CA TYR D 30 42.31 -3.37 4.76
C TYR D 30 42.37 -2.06 5.53
N ILE D 31 41.21 -1.53 5.95
CA ILE D 31 41.23 -0.27 6.70
C ILE D 31 41.96 -0.45 8.01
N ALA D 32 41.67 -1.54 8.73
CA ALA D 32 42.33 -1.79 10.01
C ALA D 32 43.85 -1.88 9.87
N GLU D 33 44.32 -2.59 8.86
CA GLU D 33 45.77 -2.77 8.68
C GLU D 33 46.48 -1.56 8.12
N ASN D 34 45.82 -0.73 7.32
CA ASN D 34 46.51 0.39 6.69
C ASN D 34 46.19 1.77 7.21
N PHE D 35 45.08 1.96 7.93
CA PHE D 35 44.74 3.30 8.40
C PHE D 35 44.69 3.42 9.92
N LEU D 36 44.66 2.28 10.61
CA LEU D 36 44.62 2.35 12.07
C LEU D 36 45.94 1.82 12.64
N ASP D 37 46.23 2.29 13.84
CA ASP D 37 47.43 1.83 14.53
C ASP D 37 47.04 0.74 15.50
N ASN D 38 47.83 -0.34 15.51
CA ASN D 38 47.65 -1.45 16.44
C ASN D 38 46.23 -2.00 16.52
N ALA D 39 45.63 -2.20 15.35
CA ALA D 39 44.28 -2.76 15.31
C ALA D 39 44.29 -4.25 15.57
N VAL D 40 43.38 -4.68 16.44
CA VAL D 40 43.23 -6.09 16.78
C VAL D 40 41.84 -6.55 16.34
N GLN D 41 41.77 -7.76 15.79
CA GLN D 41 40.46 -8.29 15.37
C GLN D 41 39.62 -8.63 16.59
N VAL D 42 38.36 -8.17 16.58
CA VAL D 42 37.45 -8.39 17.68
C VAL D 42 36.28 -9.32 17.31
N CYS D 43 36.06 -9.60 16.02
CA CYS D 43 34.96 -10.53 15.69
C CYS D 43 35.22 -11.17 14.34
N ASP D 44 34.64 -12.37 14.17
CA ASP D 44 34.81 -13.08 12.90
C ASP D 44 33.67 -14.04 12.61
N VAL D 45 32.56 -13.97 13.34
CA VAL D 45 31.43 -14.87 13.05
C VAL D 45 30.94 -14.61 11.63
N ARG D 46 30.66 -15.67 10.88
CA ARG D 46 30.22 -15.59 9.49
C ARG D 46 31.23 -14.88 8.61
N ASN D 47 32.50 -14.86 9.01
CA ASN D 47 33.56 -14.16 8.34
C ASN D 47 33.31 -12.65 8.29
N MET D 48 32.48 -12.11 9.19
CA MET D 48 32.23 -10.65 9.18
C MET D 48 33.22 -10.03 10.17
N PHE D 49 34.42 -9.81 9.65
CA PHE D 49 35.53 -9.27 10.41
C PHE D 49 35.29 -7.88 10.94
N GLY D 50 35.69 -7.69 12.20
CA GLY D 50 35.60 -6.40 12.91
C GLY D 50 36.91 -6.22 13.69
N TYR D 51 37.40 -4.99 13.78
CA TYR D 51 38.67 -4.66 14.42
C TYR D 51 38.58 -3.38 15.24
N THR D 52 39.49 -3.28 16.22
CA THR D 52 39.55 -2.06 17.00
C THR D 52 41.02 -1.62 17.11
N GLY D 53 41.26 -0.36 16.78
CA GLY D 53 42.61 0.21 16.83
C GLY D 53 42.50 1.70 17.13
N THR D 54 43.56 2.46 16.83
CA THR D 54 43.51 3.89 17.07
C THR D 54 43.89 4.66 15.81
N TYR D 55 43.37 5.88 15.71
CA TYR D 55 43.64 6.82 14.64
C TYR D 55 44.05 8.13 15.31
N LYS D 56 45.34 8.46 15.21
CA LYS D 56 45.85 9.67 15.87
C LYS D 56 45.51 9.63 17.35
N GLY D 57 45.64 8.45 17.99
CA GLY D 57 45.37 8.25 19.38
C GLY D 57 43.94 7.99 19.78
N ARG D 58 42.97 8.21 18.89
CA ARG D 58 41.56 8.04 19.15
C ARG D 58 41.11 6.61 18.83
N ARG D 59 40.48 5.95 19.79
CA ARG D 59 40.03 4.56 19.57
C ARG D 59 38.90 4.52 18.54
N ILE D 60 39.08 3.75 17.48
CA ILE D 60 38.06 3.64 16.43
C ILE D 60 37.96 2.18 16.00
N SER D 61 36.76 1.67 15.72
CA SER D 61 36.59 0.31 15.26
C SER D 61 36.16 0.32 13.79
N VAL D 62 36.37 -0.81 13.11
CA VAL D 62 35.99 -0.94 11.70
C VAL D 62 35.46 -2.35 11.51
N MET D 63 34.31 -2.49 10.86
CA MET D 63 33.70 -3.81 10.70
C MET D 63 32.79 -3.88 9.50
N GLY D 64 32.81 -5.03 8.81
CA GLY D 64 31.90 -5.11 7.63
C GLY D 64 30.46 -5.25 8.11
N HIS D 65 29.54 -4.89 7.18
CA HIS D 65 28.12 -5.00 7.48
C HIS D 65 27.38 -5.91 6.51
N GLY D 66 28.08 -6.47 5.53
CA GLY D 66 27.39 -7.36 4.57
C GLY D 66 26.64 -6.55 3.53
N MET D 67 25.83 -7.21 2.69
CA MET D 67 25.11 -6.45 1.66
C MET D 67 23.61 -6.44 1.91
N GLY D 68 23.02 -5.25 1.78
CA GLY D 68 21.58 -5.09 1.89
C GLY D 68 21.11 -4.61 3.26
N ILE D 69 19.88 -4.06 3.23
CA ILE D 69 19.30 -3.53 4.48
C ILE D 69 19.16 -4.55 5.57
N PRO D 70 18.62 -5.72 5.34
CA PRO D 70 18.46 -6.70 6.44
C PRO D 70 19.78 -7.11 7.05
N SER D 71 20.83 -7.32 6.26
CA SER D 71 22.14 -7.67 6.79
C SER D 71 22.75 -6.58 7.66
N CYS D 72 22.83 -5.35 7.13
CA CYS D 72 23.46 -4.26 7.91
C CYS D 72 22.62 -3.92 9.12
N SER D 73 21.31 -4.10 9.05
CA SER D 73 20.44 -3.82 10.19
C SER D 73 20.81 -4.71 11.38
N ILE D 74 21.09 -5.98 11.12
CA ILE D 74 21.48 -6.88 12.22
C ILE D 74 22.76 -6.38 12.89
N TYR D 75 23.80 -6.17 12.10
CA TYR D 75 25.06 -5.72 12.71
C TYR D 75 24.98 -4.38 13.40
N VAL D 76 24.34 -3.38 12.79
CA VAL D 76 24.25 -2.06 13.42
C VAL D 76 23.41 -2.11 14.68
N THR D 77 22.31 -2.88 14.66
CA THR D 77 21.49 -2.97 15.88
C THR D 77 22.28 -3.58 17.02
N GLU D 78 23.03 -4.65 16.75
CA GLU D 78 23.82 -5.28 17.81
C GLU D 78 24.90 -4.38 18.31
N LEU D 79 25.60 -3.64 17.44
CA LEU D 79 26.64 -2.72 17.89
C LEU D 79 26.08 -1.66 18.81
N ILE D 80 24.92 -1.09 18.47
CA ILE D 80 24.33 -0.06 19.34
C ILE D 80 23.80 -0.64 20.64
N LYS D 81 22.92 -1.64 20.55
CA LYS D 81 22.31 -2.12 21.79
C LYS D 81 23.15 -3.05 22.61
N ASP D 82 24.08 -3.80 22.06
CA ASP D 82 24.86 -4.73 22.88
C ASP D 82 26.28 -4.27 23.13
N TYR D 83 26.83 -3.38 22.28
CA TYR D 83 28.21 -2.95 22.40
C TYR D 83 28.38 -1.47 22.66
N GLY D 84 27.28 -0.76 22.93
CA GLY D 84 27.34 0.64 23.28
C GLY D 84 27.85 1.60 22.24
N VAL D 85 27.78 1.20 20.95
CA VAL D 85 28.24 2.08 19.89
C VAL D 85 27.31 3.27 19.74
N LYS D 86 27.91 4.47 19.64
CA LYS D 86 27.13 5.70 19.53
C LYS D 86 27.05 6.24 18.11
N LYS D 87 28.09 6.08 17.31
CA LYS D 87 28.11 6.60 15.95
C LYS D 87 28.57 5.54 14.96
N ILE D 88 27.85 5.42 13.86
CA ILE D 88 28.19 4.47 12.80
C ILE D 88 28.46 5.25 11.51
N ILE D 89 29.63 5.03 10.89
CA ILE D 89 29.92 5.68 9.62
C ILE D 89 30.08 4.58 8.55
N ARG D 90 29.05 4.43 7.69
CA ARG D 90 29.16 3.47 6.60
C ARG D 90 30.12 4.10 5.57
N VAL D 91 31.13 3.35 5.16
CA VAL D 91 32.12 3.85 4.18
C VAL D 91 32.04 2.93 2.99
N GLY D 92 31.30 3.30 1.94
CA GLY D 92 31.17 2.37 0.83
C GLY D 92 31.33 2.89 -0.56
N SER D 93 30.84 2.08 -1.51
CA SER D 93 30.86 2.42 -2.92
C SER D 93 29.40 2.58 -3.38
N CYS D 94 29.18 3.30 -4.46
CA CYS D 94 27.84 3.49 -4.97
C CYS D 94 27.89 3.77 -6.49
N GLY D 95 26.72 3.66 -7.08
CA GLY D 95 26.57 3.93 -8.51
C GLY D 95 25.88 5.27 -8.70
N ALA D 96 26.30 6.06 -9.69
CA ALA D 96 25.68 7.36 -9.91
C ALA D 96 24.62 7.30 -11.02
N VAL D 97 23.58 8.09 -10.91
CA VAL D 97 22.51 8.14 -11.90
C VAL D 97 22.32 9.53 -12.49
N ASN D 98 22.88 10.54 -11.86
CA ASN D 98 22.73 11.93 -12.32
C ASN D 98 24.00 12.43 -13.00
N GLU D 99 23.81 13.34 -13.96
CA GLU D 99 24.88 13.94 -14.72
C GLU D 99 25.73 14.87 -13.88
N GLY D 100 25.19 15.41 -12.79
CA GLY D 100 25.89 16.29 -11.88
C GLY D 100 26.91 15.56 -11.01
N ILE D 101 26.88 14.23 -11.02
CA ILE D 101 27.79 13.39 -10.26
C ILE D 101 28.69 12.59 -11.19
N LYS D 102 30.00 12.52 -10.89
CA LYS D 102 30.92 11.76 -11.74
C LYS D 102 31.64 10.66 -11.00
N VAL D 103 32.12 9.66 -11.76
CA VAL D 103 32.86 8.55 -11.18
C VAL D 103 34.06 9.12 -10.42
N ARG D 104 34.34 8.59 -9.25
CA ARG D 104 35.40 8.98 -8.35
C ARG D 104 34.97 10.09 -7.40
N ASP D 105 33.75 10.60 -7.54
CA ASP D 105 33.26 11.64 -6.66
C ASP D 105 32.96 11.02 -5.27
N VAL D 106 33.07 11.85 -4.25
CA VAL D 106 32.75 11.40 -2.90
C VAL D 106 31.40 12.02 -2.57
N VAL D 107 30.43 11.18 -2.18
CA VAL D 107 29.09 11.65 -1.88
C VAL D 107 28.71 11.30 -0.44
N ILE D 108 27.92 12.18 0.15
CA ILE D 108 27.47 11.96 1.53
C ILE D 108 25.96 11.91 1.52
N GLY D 109 25.40 10.84 2.13
CA GLY D 109 23.97 10.71 2.18
C GLY D 109 23.34 11.43 3.38
N MET D 110 22.98 12.72 3.23
CA MET D 110 22.29 13.41 4.33
C MET D 110 20.97 12.66 4.55
N GLY D 111 20.40 12.17 3.44
CA GLY D 111 19.20 11.35 3.48
C GLY D 111 19.44 10.09 2.63
N ALA D 112 18.55 9.11 2.78
CA ALA D 112 18.59 7.91 1.98
C ALA D 112 17.16 7.43 1.65
N CYS D 113 16.83 7.52 0.37
CA CYS D 113 15.55 7.01 -0.13
C CYS D 113 15.70 5.49 -0.22
N THR D 114 14.59 4.81 -0.42
CA THR D 114 14.67 3.34 -0.55
C THR D 114 13.38 2.73 -1.08
N ASP D 115 13.52 1.52 -1.62
CA ASP D 115 12.34 0.77 -2.05
C ASP D 115 12.07 -0.35 -1.04
N SER D 116 12.81 -0.39 0.07
CA SER D 116 12.56 -1.36 1.14
C SER D 116 11.30 -0.96 1.93
N LYS D 117 10.72 -1.97 2.59
CA LYS D 117 9.57 -1.74 3.45
C LYS D 117 9.98 -1.60 4.91
N VAL D 118 11.25 -1.64 5.29
CA VAL D 118 11.60 -1.60 6.72
C VAL D 118 11.15 -0.37 7.48
N ASN D 119 11.27 0.80 6.88
CA ASN D 119 10.85 2.02 7.59
C ASN D 119 9.34 2.13 7.64
N ARG D 120 8.63 1.56 6.66
CA ARG D 120 7.16 1.56 6.73
C ARG D 120 6.72 0.62 7.86
N ILE D 121 7.46 -0.48 8.04
CA ILE D 121 7.17 -1.42 9.13
C ILE D 121 7.35 -0.71 10.48
N ARG D 122 8.35 0.16 10.60
CA ARG D 122 8.60 0.89 11.83
C ARG D 122 7.67 2.08 12.06
N PHE D 123 7.32 2.76 10.99
CA PHE D 123 6.63 4.04 11.10
C PHE D 123 5.20 4.10 10.67
N LYS D 124 4.43 3.07 11.04
CA LYS D 124 2.99 2.98 10.80
C LYS D 124 2.61 3.19 9.36
N ASP D 125 3.45 2.70 8.44
CA ASP D 125 3.25 2.78 7.01
C ASP D 125 3.21 4.19 6.46
N HIS D 126 3.80 5.14 7.16
CA HIS D 126 3.90 6.52 6.66
C HIS D 126 5.32 6.71 6.13
N ASP D 127 5.64 7.93 5.73
CA ASP D 127 6.97 8.20 5.16
C ASP D 127 7.96 8.66 6.22
N PHE D 128 8.88 7.78 6.55
CA PHE D 128 9.96 8.15 7.48
C PHE D 128 11.10 8.65 6.59
N ALA D 129 11.56 9.87 6.83
CA ALA D 129 12.70 10.40 6.05
C ALA D 129 13.95 9.81 6.69
N ALA D 130 14.57 8.82 6.05
CA ALA D 130 15.76 8.20 6.66
C ALA D 130 16.94 9.15 6.54
N ILE D 131 17.33 9.78 7.65
CA ILE D 131 18.38 10.77 7.62
C ILE D 131 19.58 10.44 8.50
N ALA D 132 20.72 11.00 8.06
CA ALA D 132 21.94 10.88 8.85
C ALA D 132 21.86 11.89 10.00
N ASP D 133 22.85 11.84 10.89
CA ASP D 133 22.96 12.82 11.99
C ASP D 133 23.62 14.06 11.38
N TYR D 134 23.05 15.24 11.56
CA TYR D 134 23.60 16.45 10.96
C TYR D 134 25.04 16.75 11.36
N LYS D 135 25.35 16.65 12.66
CA LYS D 135 26.74 16.95 13.08
C LYS D 135 27.71 16.00 12.43
N MET D 136 27.35 14.73 12.20
CA MET D 136 28.26 13.82 11.48
C MET D 136 28.42 14.25 10.03
N VAL D 137 27.31 14.62 9.37
CA VAL D 137 27.41 15.09 7.99
C VAL D 137 28.37 16.28 7.92
N LYS D 138 28.16 17.25 8.81
CA LYS D 138 28.98 18.46 8.83
C LYS D 138 30.45 18.13 9.09
N ALA D 139 30.73 17.24 10.02
CA ALA D 139 32.12 16.87 10.32
C ALA D 139 32.79 16.25 9.11
N ALA D 140 32.03 15.41 8.35
CA ALA D 140 32.61 14.78 7.17
C ALA D 140 32.87 15.77 6.05
N GLU D 141 31.93 16.70 5.86
CA GLU D 141 32.11 17.72 4.83
C GLU D 141 33.29 18.62 5.19
N GLU D 142 33.40 18.97 6.48
CA GLU D 142 34.55 19.82 6.88
C GLU D 142 35.83 19.05 6.79
N ALA D 143 35.83 17.75 7.07
CA ALA D 143 37.04 16.93 6.95
C ALA D 143 37.50 16.87 5.50
N ALA D 144 36.55 16.77 4.57
CA ALA D 144 36.87 16.73 3.15
C ALA D 144 37.41 18.09 2.72
N LYS D 145 36.83 19.17 3.24
CA LYS D 145 37.28 20.53 2.88
C LYS D 145 38.72 20.73 3.31
N ALA D 146 39.06 20.25 4.51
CA ALA D 146 40.43 20.40 5.00
C ALA D 146 41.44 19.70 4.12
N ARG D 147 41.04 18.62 3.47
CA ARG D 147 41.87 17.86 2.56
C ARG D 147 41.79 18.33 1.13
N GLY D 148 40.98 19.34 0.84
CA GLY D 148 40.83 19.87 -0.50
C GLY D 148 40.01 18.91 -1.37
N ILE D 149 39.13 18.15 -0.74
CA ILE D 149 38.31 17.19 -1.47
C ILE D 149 36.86 17.67 -1.54
N ASP D 150 36.34 17.76 -2.75
CA ASP D 150 34.97 18.19 -2.94
C ASP D 150 34.03 17.01 -2.58
N VAL D 151 32.92 17.35 -1.98
CA VAL D 151 31.92 16.35 -1.60
C VAL D 151 30.54 16.85 -2.05
N LYS D 152 29.70 15.89 -2.39
CA LYS D 152 28.32 16.20 -2.82
C LYS D 152 27.40 15.63 -1.73
N VAL D 153 26.64 16.51 -1.07
CA VAL D 153 25.76 16.05 0.00
C VAL D 153 24.32 16.04 -0.49
N GLY D 154 23.67 14.87 -0.38
CA GLY D 154 22.28 14.80 -0.84
C GLY D 154 21.65 13.45 -0.45
N ASN D 155 20.74 12.97 -1.27
CA ASN D 155 20.07 11.71 -1.01
C ASN D 155 20.69 10.51 -1.72
N LEU D 156 20.99 9.47 -0.95
CA LEU D 156 21.39 8.21 -1.57
C LEU D 156 20.04 7.48 -1.87
N PHE D 157 20.16 6.39 -2.60
CA PHE D 157 19.02 5.52 -2.84
C PHE D 157 19.51 4.14 -2.40
N SER D 158 18.91 3.59 -1.35
CA SER D 158 19.30 2.25 -0.87
C SER D 158 18.39 1.22 -1.50
N ALA D 159 18.96 0.50 -2.49
CA ALA D 159 18.16 -0.46 -3.23
C ALA D 159 18.02 -1.84 -2.61
N GLU D 160 16.88 -2.45 -2.85
CA GLU D 160 16.61 -3.82 -2.41
C GLU D 160 17.19 -4.85 -3.38
N LEU D 161 17.03 -4.55 -4.68
CA LEU D 161 17.49 -5.49 -5.71
C LEU D 161 18.58 -4.90 -6.58
N PHE D 162 19.80 -5.38 -6.31
CA PHE D 162 20.97 -4.97 -7.11
C PHE D 162 20.64 -5.22 -8.58
N TYR D 163 20.11 -6.41 -8.88
CA TYR D 163 19.71 -6.75 -10.26
C TYR D 163 18.24 -6.35 -10.38
N THR D 164 18.02 -5.03 -10.50
CA THR D 164 16.64 -4.55 -10.46
C THR D 164 15.79 -4.97 -11.64
N PRO D 165 14.57 -5.38 -11.35
CA PRO D 165 13.63 -5.69 -12.43
C PRO D 165 13.01 -4.42 -12.95
N ASP D 166 13.31 -3.24 -12.36
CA ASP D 166 12.77 -1.97 -12.76
C ASP D 166 13.84 -0.92 -12.97
N PRO D 167 14.65 -1.05 -14.02
CA PRO D 167 15.69 -0.06 -14.33
C PRO D 167 15.13 1.30 -14.64
N SER D 168 13.83 1.44 -14.98
CA SER D 168 13.28 2.77 -15.22
C SER D 168 13.32 3.62 -13.96
N MET D 169 13.40 2.99 -12.76
CA MET D 169 13.47 3.75 -11.52
C MET D 169 14.73 4.59 -11.45
N PHE D 170 15.80 4.21 -12.15
CA PHE D 170 17.03 5.01 -12.16
C PHE D 170 16.78 6.40 -12.73
N ASP D 171 15.88 6.53 -13.71
CA ASP D 171 15.56 7.83 -14.28
C ASP D 171 14.78 8.69 -13.28
N VAL D 172 13.96 8.06 -12.44
CA VAL D 172 13.21 8.77 -11.40
C VAL D 172 14.22 9.25 -10.35
N MET D 173 15.16 8.38 -9.98
CA MET D 173 16.20 8.78 -9.04
C MET D 173 16.98 9.99 -9.57
N ASP D 174 17.29 9.95 -10.87
CA ASP D 174 18.03 11.03 -11.52
C ASP D 174 17.29 12.34 -11.39
N LYS D 175 16.02 12.35 -11.80
CA LYS D 175 15.16 13.52 -11.74
C LYS D 175 15.05 14.08 -10.34
N TYR D 176 15.02 13.22 -9.32
CA TYR D 176 14.89 13.65 -7.95
C TYR D 176 16.18 13.99 -7.24
N GLY D 177 17.28 14.02 -7.96
CA GLY D 177 18.58 14.40 -7.44
C GLY D 177 19.34 13.41 -6.60
N ILE D 178 19.03 12.13 -6.74
CA ILE D 178 19.75 11.11 -5.94
C ILE D 178 21.21 11.19 -6.34
N VAL D 179 22.11 11.19 -5.35
CA VAL D 179 23.54 11.30 -5.61
C VAL D 179 24.26 9.99 -5.82
N GLY D 180 23.70 8.89 -5.33
CA GLY D 180 24.34 7.59 -5.49
C GLY D 180 23.37 6.48 -5.07
N VAL D 181 23.60 5.31 -5.66
CA VAL D 181 22.79 4.13 -5.38
C VAL D 181 23.64 3.10 -4.65
N GLU D 182 23.21 2.72 -3.46
CA GLU D 182 23.88 1.68 -2.67
C GLU D 182 22.78 0.80 -2.08
N MET D 183 22.99 0.03 -1.01
CA MET D 183 21.93 -0.85 -0.55
C MET D 183 21.75 -0.88 0.95
N GLU D 184 22.26 0.13 1.67
CA GLU D 184 22.24 0.03 3.12
C GLU D 184 21.89 1.27 3.91
N ALA D 185 22.27 2.46 3.44
CA ALA D 185 22.07 3.69 4.21
C ALA D 185 20.69 3.88 4.79
N ALA D 186 19.62 3.67 4.03
CA ALA D 186 18.28 3.88 4.58
C ALA D 186 18.00 2.94 5.75
N GLY D 187 18.54 1.72 5.70
CA GLY D 187 18.33 0.76 6.78
C GLY D 187 19.15 1.15 8.01
N ILE D 188 20.38 1.60 7.79
CA ILE D 188 21.24 2.03 8.91
C ILE D 188 20.61 3.26 9.58
N TYR D 189 20.11 4.19 8.79
CA TYR D 189 19.45 5.39 9.34
C TYR D 189 18.21 5.01 10.11
N GLY D 190 17.44 4.04 9.66
CA GLY D 190 16.23 3.60 10.35
C GLY D 190 16.62 3.00 11.71
N VAL D 191 17.65 2.13 11.73
CA VAL D 191 18.08 1.55 13.00
C VAL D 191 18.56 2.65 13.93
N ALA D 192 19.36 3.61 13.44
CA ALA D 192 19.86 4.67 14.31
C ALA D 192 18.72 5.44 14.96
N ALA D 193 17.64 5.71 14.21
CA ALA D 193 16.52 6.44 14.78
C ALA D 193 15.78 5.55 15.77
N GLU D 194 15.56 4.29 15.42
CA GLU D 194 14.84 3.39 16.33
C GLU D 194 15.56 3.18 17.65
N TYR D 195 16.88 3.04 17.60
CA TYR D 195 17.67 2.77 18.78
C TYR D 195 18.34 3.96 19.40
N GLY D 196 18.04 5.16 18.93
CA GLY D 196 18.58 6.39 19.48
C GLY D 196 20.06 6.61 19.35
N ALA D 197 20.63 6.24 18.20
CA ALA D 197 22.04 6.43 17.92
C ALA D 197 22.17 7.34 16.70
N LYS D 198 23.39 7.51 16.22
CA LYS D 198 23.70 8.42 15.12
C LYS D 198 24.42 7.72 13.99
N ALA D 199 24.11 8.05 12.75
CA ALA D 199 24.79 7.39 11.64
C ALA D 199 25.00 8.33 10.46
N LEU D 200 25.89 7.88 9.59
CA LEU D 200 26.25 8.59 8.38
C LEU D 200 26.75 7.60 7.32
N ALA D 201 26.42 7.87 6.07
CA ALA D 201 26.91 7.04 4.97
C ALA D 201 27.68 7.93 3.99
N ILE D 202 28.95 7.62 3.83
CA ILE D 202 29.84 8.32 2.90
C ILE D 202 30.21 7.30 1.82
N CYS D 203 30.10 7.64 0.55
CA CYS D 203 30.43 6.65 -0.48
C CYS D 203 31.22 7.28 -1.63
N THR D 204 31.97 6.42 -2.32
CA THR D 204 32.67 6.92 -3.50
C THR D 204 31.90 6.38 -4.71
N VAL D 205 31.80 7.15 -5.79
CA VAL D 205 31.10 6.68 -6.99
C VAL D 205 32.02 5.74 -7.76
N SER D 206 31.68 4.45 -7.85
CA SER D 206 32.52 3.49 -8.55
C SER D 206 32.11 3.28 -9.99
N ASP D 207 30.85 3.56 -10.30
CA ASP D 207 30.36 3.42 -11.66
C ASP D 207 29.20 4.41 -11.90
N HIS D 208 29.01 4.69 -13.18
CA HIS D 208 27.93 5.59 -13.58
C HIS D 208 26.93 4.69 -14.31
N ILE D 209 25.81 4.43 -13.63
CA ILE D 209 24.76 3.58 -14.14
C ILE D 209 24.29 3.99 -15.51
N LYS D 210 24.35 5.26 -15.87
CA LYS D 210 23.95 5.75 -17.17
C LYS D 210 25.05 5.79 -18.22
N THR D 211 26.18 6.44 -17.97
CA THR D 211 27.24 6.50 -18.97
C THR D 211 28.21 5.34 -18.88
N GLY D 212 28.66 5.07 -17.67
CA GLY D 212 29.60 4.02 -17.36
C GLY D 212 31.04 4.48 -17.42
N GLU D 213 31.38 5.63 -16.86
CA GLU D 213 32.77 6.09 -16.93
C GLU D 213 33.71 4.98 -16.48
N GLN D 214 34.99 5.07 -16.85
CA GLN D 214 35.95 4.05 -16.47
C GLN D 214 37.26 4.60 -15.91
N THR D 215 37.80 3.82 -14.98
CA THR D 215 39.01 4.11 -14.26
C THR D 215 39.96 2.91 -14.21
N THR D 216 41.13 3.17 -13.64
CA THR D 216 42.15 2.13 -13.45
C THR D 216 42.04 1.66 -12.00
N SER D 217 42.63 0.52 -11.67
CA SER D 217 42.58 0.02 -10.30
C SER D 217 43.21 1.02 -9.33
N GLU D 218 44.35 1.59 -9.69
CA GLU D 218 45.05 2.56 -8.90
C GLU D 218 44.18 3.77 -8.57
N GLU D 219 43.50 4.32 -9.57
CA GLU D 219 42.63 5.48 -9.37
C GLU D 219 41.52 5.13 -8.37
N ARG D 220 40.96 3.93 -8.53
CA ARG D 220 39.92 3.41 -7.67
C ARG D 220 40.40 3.32 -6.23
N GLN D 221 41.58 2.74 -6.06
CA GLN D 221 42.17 2.57 -4.73
C GLN D 221 42.44 3.92 -4.09
N ASN D 222 42.93 4.88 -4.90
CA ASN D 222 43.23 6.21 -4.41
C ASN D 222 41.98 6.92 -3.90
N THR D 223 40.87 6.78 -4.61
CA THR D 223 39.62 7.42 -4.19
C THR D 223 39.09 6.82 -2.90
N PHE D 224 39.20 5.50 -2.77
CA PHE D 224 38.78 4.82 -1.56
C PHE D 224 39.61 5.33 -0.38
N ASN D 225 40.93 5.43 -0.58
CA ASN D 225 41.78 5.93 0.51
C ASN D 225 41.35 7.33 0.92
N GLU D 226 41.00 8.19 -0.03
CA GLU D 226 40.54 9.53 0.25
C GLU D 226 39.28 9.49 1.12
N MET D 227 38.33 8.64 0.77
CA MET D 227 37.09 8.49 1.53
C MET D 227 37.39 8.06 2.97
N ILE D 228 38.30 7.09 3.13
CA ILE D 228 38.63 6.62 4.48
C ILE D 228 39.28 7.70 5.31
N GLU D 229 40.20 8.48 4.71
CA GLU D 229 40.82 9.58 5.45
C GLU D 229 39.78 10.60 5.87
N ILE D 230 38.86 10.92 4.99
CA ILE D 230 37.78 11.87 5.33
C ILE D 230 36.97 11.31 6.50
N ALA D 231 36.56 10.05 6.41
CA ALA D 231 35.77 9.44 7.45
C ALA D 231 36.48 9.44 8.79
N LEU D 232 37.73 9.01 8.81
CA LEU D 232 38.49 8.97 10.06
C LEU D 232 38.71 10.36 10.62
N ASP D 233 39.05 11.31 9.76
CA ASP D 233 39.23 12.69 10.19
C ASP D 233 37.93 13.26 10.75
N SER D 234 36.79 12.84 10.17
CA SER D 234 35.50 13.33 10.66
C SER D 234 35.23 12.89 12.09
N VAL D 235 35.75 11.73 12.51
CA VAL D 235 35.55 11.27 13.87
C VAL D 235 36.24 12.25 14.83
N LEU D 236 37.48 12.61 14.51
CA LEU D 236 38.22 13.55 15.35
C LEU D 236 37.51 14.89 15.39
N ILE D 237 37.07 15.40 14.24
CA ILE D 237 36.34 16.69 14.21
C ILE D 237 35.08 16.58 15.04
N GLY D 238 34.36 15.48 14.92
CA GLY D 238 33.14 15.24 15.65
C GLY D 238 33.27 15.21 17.16
N ASP D 239 34.45 14.87 17.65
CA ASP D 239 34.76 14.81 19.05
C ASP D 239 35.05 16.21 19.64
N GLN D 240 35.36 17.18 18.81
CA GLN D 240 35.68 18.52 19.31
C GLN D 240 34.48 19.22 19.92
N THR E 5 -26.33 -23.87 8.31
CA THR E 5 -25.56 -22.60 8.22
C THR E 5 -26.29 -21.68 7.28
N PRO E 6 -25.89 -20.41 7.18
CA PRO E 6 -26.60 -19.48 6.34
C PRO E 6 -26.54 -19.77 4.86
N HIS E 7 -25.50 -20.46 4.38
CA HIS E 7 -25.38 -20.71 2.95
C HIS E 7 -25.43 -22.17 2.57
N ILE E 8 -25.60 -23.06 3.56
CA ILE E 8 -25.62 -24.50 3.32
C ILE E 8 -26.75 -25.10 4.15
N ASN E 9 -27.73 -25.71 3.51
CA ASN E 9 -28.87 -26.29 4.23
C ASN E 9 -28.68 -27.80 4.43
N ALA E 10 -27.66 -28.15 5.19
CA ALA E 10 -27.32 -29.53 5.48
C ALA E 10 -27.08 -29.66 7.00
N GLN E 11 -26.73 -30.86 7.40
CA GLN E 11 -26.45 -31.07 8.83
C GLN E 11 -25.11 -31.78 8.98
N MET E 12 -24.52 -31.61 10.16
CA MET E 12 -23.24 -32.25 10.42
C MET E 12 -23.37 -33.75 10.13
N GLY E 13 -22.40 -34.24 9.37
CA GLY E 13 -22.35 -35.62 8.94
C GLY E 13 -22.79 -35.79 7.49
N ASP E 14 -23.48 -34.81 6.93
CA ASP E 14 -23.95 -34.94 5.55
C ASP E 14 -22.78 -34.92 4.56
N PHE E 15 -21.71 -34.22 4.92
CA PHE E 15 -20.55 -34.16 4.05
C PHE E 15 -19.46 -35.12 4.56
N ALA E 16 -18.75 -35.67 3.59
CA ALA E 16 -17.58 -36.52 3.89
C ALA E 16 -16.50 -35.56 4.40
N ASP E 17 -15.37 -36.08 4.86
CA ASP E 17 -14.30 -35.20 5.35
C ASP E 17 -13.46 -34.66 4.20
N VAL E 18 -13.72 -35.09 2.98
CA VAL E 18 -13.05 -34.61 1.78
C VAL E 18 -14.12 -34.13 0.79
N VAL E 19 -14.00 -32.90 0.31
CA VAL E 19 -14.96 -32.32 -0.62
C VAL E 19 -14.29 -31.78 -1.89
N LEU E 20 -14.72 -32.28 -3.04
CA LEU E 20 -14.25 -31.78 -4.32
C LEU E 20 -15.14 -30.59 -4.67
N MET E 21 -14.54 -29.52 -5.19
CA MET E 21 -15.38 -28.37 -5.50
C MET E 21 -15.07 -27.67 -6.81
N PRO E 22 -15.95 -27.76 -7.79
CA PRO E 22 -15.82 -26.98 -9.01
C PRO E 22 -16.53 -25.66 -8.72
N GLY E 23 -16.41 -24.64 -9.55
CA GLY E 23 -17.15 -23.39 -9.27
C GLY E 23 -18.64 -23.53 -9.63
N ASP E 24 -18.94 -24.27 -10.68
CA ASP E 24 -20.32 -24.42 -11.15
C ASP E 24 -21.04 -25.55 -10.45
N PRO E 25 -22.16 -25.23 -9.80
CA PRO E 25 -22.94 -26.26 -9.13
C PRO E 25 -23.44 -27.35 -10.07
N LEU E 26 -23.60 -27.03 -11.36
CA LEU E 26 -24.01 -28.04 -12.33
C LEU E 26 -22.86 -28.97 -12.66
N ARG E 27 -21.60 -28.55 -12.51
CA ARG E 27 -20.46 -29.43 -12.70
C ARG E 27 -20.38 -30.35 -11.46
N ALA E 28 -20.81 -29.83 -10.29
CA ALA E 28 -20.84 -30.67 -9.09
C ALA E 28 -21.88 -31.78 -9.31
N LYS E 29 -23.00 -31.43 -9.92
CA LYS E 29 -24.06 -32.41 -10.22
C LYS E 29 -23.53 -33.46 -11.19
N TYR E 30 -22.83 -33.03 -12.23
CA TYR E 30 -22.25 -33.94 -13.21
C TYR E 30 -21.28 -34.90 -12.57
N ILE E 31 -20.40 -34.39 -11.69
CA ILE E 31 -19.43 -35.25 -11.01
C ILE E 31 -20.13 -36.25 -10.12
N ALA E 32 -21.15 -35.79 -9.37
CA ALA E 32 -21.86 -36.72 -8.50
C ALA E 32 -22.53 -37.84 -9.27
N GLU E 33 -23.17 -37.50 -10.38
CA GLU E 33 -23.91 -38.46 -11.17
C GLU E 33 -23.04 -39.41 -11.97
N ASN E 34 -21.90 -38.96 -12.45
CA ASN E 34 -21.07 -39.78 -13.32
C ASN E 34 -19.83 -40.38 -12.73
N PHE E 35 -19.34 -39.86 -11.61
CA PHE E 35 -18.11 -40.39 -11.03
C PHE E 35 -18.28 -41.02 -9.67
N LEU E 36 -19.36 -40.64 -8.96
CA LEU E 36 -19.60 -41.22 -7.65
C LEU E 36 -20.74 -42.25 -7.71
N ASP E 37 -20.68 -43.17 -6.75
CA ASP E 37 -21.72 -44.20 -6.65
C ASP E 37 -22.73 -43.75 -5.58
N ASN E 38 -24.01 -43.88 -5.92
CA ASN E 38 -25.09 -43.56 -5.00
C ASN E 38 -24.98 -42.19 -4.34
N ALA E 39 -24.66 -41.18 -5.12
CA ALA E 39 -24.55 -39.83 -4.59
C ALA E 39 -25.92 -39.23 -4.37
N VAL E 40 -26.12 -38.61 -3.22
CA VAL E 40 -27.36 -37.94 -2.85
C VAL E 40 -27.10 -36.47 -2.60
N GLN E 41 -28.02 -35.61 -3.02
CA GLN E 41 -27.87 -34.17 -2.82
C GLN E 41 -28.03 -33.81 -1.35
N VAL E 42 -27.12 -33.00 -0.81
CA VAL E 42 -27.15 -32.59 0.58
C VAL E 42 -27.40 -31.10 0.78
N CYS E 43 -27.34 -30.32 -0.29
CA CYS E 43 -27.62 -28.87 -0.12
C CYS E 43 -28.00 -28.24 -1.45
N ASP E 44 -28.78 -27.16 -1.35
CA ASP E 44 -29.20 -26.45 -2.56
C ASP E 44 -29.51 -24.99 -2.35
N VAL E 45 -29.09 -24.40 -1.22
CA VAL E 45 -29.34 -22.96 -0.99
C VAL E 45 -28.62 -22.16 -2.06
N ARG E 46 -29.29 -21.14 -2.59
CA ARG E 46 -28.77 -20.31 -3.67
C ARG E 46 -28.39 -21.13 -4.88
N ASN E 47 -29.00 -22.30 -5.08
CA ASN E 47 -28.72 -23.22 -6.14
C ASN E 47 -27.28 -23.74 -6.09
N MET E 48 -26.62 -23.66 -4.93
CA MET E 48 -25.24 -24.14 -4.84
C MET E 48 -25.30 -25.61 -4.37
N PHE E 49 -25.49 -26.46 -5.35
CA PHE E 49 -25.67 -27.89 -5.14
C PHE E 49 -24.45 -28.59 -4.57
N GLY E 50 -24.69 -29.49 -3.62
CA GLY E 50 -23.64 -30.29 -2.98
C GLY E 50 -24.19 -31.71 -2.82
N TYR E 51 -23.33 -32.70 -2.99
CA TYR E 51 -23.70 -34.11 -2.95
C TYR E 51 -22.66 -34.94 -2.21
N THR E 52 -23.13 -36.10 -1.70
CA THR E 52 -22.23 -37.04 -1.03
C THR E 52 -22.50 -38.45 -1.56
N GLY E 53 -21.44 -39.10 -1.97
CA GLY E 53 -21.57 -40.49 -2.48
C GLY E 53 -20.26 -41.21 -2.17
N THR E 54 -19.97 -42.28 -2.91
CA THR E 54 -18.72 -43.00 -2.68
C THR E 54 -17.94 -43.19 -3.97
N TYR E 55 -16.62 -43.29 -3.79
CA TYR E 55 -15.72 -43.56 -4.92
C TYR E 55 -14.89 -44.77 -4.49
N LYS E 56 -15.10 -45.90 -5.16
CA LYS E 56 -14.41 -47.14 -4.79
C LYS E 56 -14.58 -47.45 -3.30
N GLY E 57 -15.78 -47.20 -2.77
CA GLY E 57 -16.16 -47.41 -1.41
C GLY E 57 -15.86 -46.31 -0.43
N ARG E 58 -15.08 -45.31 -0.83
CA ARG E 58 -14.71 -44.22 0.06
C ARG E 58 -15.70 -43.07 -0.04
N ARG E 59 -16.20 -42.60 1.09
CA ARG E 59 -17.15 -41.50 1.10
C ARG E 59 -16.53 -40.20 0.66
N ILE E 60 -17.08 -39.55 -0.36
CA ILE E 60 -16.52 -38.29 -0.89
C ILE E 60 -17.67 -37.35 -1.21
N SER E 61 -17.54 -36.05 -0.98
CA SER E 61 -18.58 -35.10 -1.31
C SER E 61 -18.08 -34.21 -2.46
N VAL E 62 -19.04 -33.61 -3.14
CA VAL E 62 -18.72 -32.68 -4.24
C VAL E 62 -19.75 -31.54 -4.17
N MET E 63 -19.25 -30.30 -4.24
CA MET E 63 -20.13 -29.15 -4.11
C MET E 63 -19.57 -27.95 -4.85
N GLY E 64 -20.47 -27.15 -5.43
CA GLY E 64 -19.97 -25.93 -6.10
C GLY E 64 -19.53 -24.88 -5.10
N HIS E 65 -18.61 -23.99 -5.54
CA HIS E 65 -18.13 -22.91 -4.68
C HIS E 65 -18.45 -21.53 -5.23
N GLY E 66 -19.04 -21.46 -6.43
CA GLY E 66 -19.35 -20.11 -6.97
C GLY E 66 -18.10 -19.51 -7.61
N MET E 67 -18.21 -18.26 -8.07
CA MET E 67 -17.04 -17.63 -8.70
C MET E 67 -16.45 -16.52 -7.84
N GLY E 68 -15.12 -16.53 -7.71
CA GLY E 68 -14.40 -15.52 -6.98
C GLY E 68 -14.05 -15.87 -5.55
N ILE E 69 -13.00 -15.19 -5.08
CA ILE E 69 -12.51 -15.41 -3.72
C ILE E 69 -13.56 -15.21 -2.67
N PRO E 70 -14.34 -14.14 -2.64
CA PRO E 70 -15.35 -13.96 -1.59
C PRO E 70 -16.38 -15.07 -1.56
N SER E 71 -16.82 -15.51 -2.74
CA SER E 71 -17.81 -16.60 -2.78
C SER E 71 -17.26 -17.90 -2.26
N CYS E 72 -16.13 -18.37 -2.80
CA CYS E 72 -15.59 -19.65 -2.34
C CYS E 72 -15.16 -19.60 -0.88
N SER E 73 -14.75 -18.43 -0.40
CA SER E 73 -14.35 -18.35 1.02
C SER E 73 -15.52 -18.67 1.93
N ILE E 74 -16.71 -18.18 1.60
CA ILE E 74 -17.88 -18.46 2.45
C ILE E 74 -18.12 -19.96 2.50
N TYR E 75 -18.18 -20.61 1.34
CA TYR E 75 -18.48 -22.04 1.32
C TYR E 75 -17.42 -22.90 1.98
N VAL E 76 -16.14 -22.63 1.70
CA VAL E 76 -15.08 -23.43 2.29
C VAL E 76 -15.01 -23.20 3.79
N THR E 77 -15.17 -21.96 4.25
CA THR E 77 -15.15 -21.69 5.69
C THR E 77 -16.24 -22.50 6.38
N GLU E 78 -17.46 -22.46 5.84
CA GLU E 78 -18.56 -23.20 6.46
C GLU E 78 -18.32 -24.68 6.44
N LEU E 79 -17.79 -25.22 5.34
CA LEU E 79 -17.54 -26.66 5.28
C LEU E 79 -16.55 -27.07 6.37
N ILE E 80 -15.46 -26.32 6.52
CA ILE E 80 -14.47 -26.67 7.54
C ILE E 80 -14.99 -26.45 8.95
N LYS E 81 -15.52 -25.27 9.25
CA LYS E 81 -15.92 -25.01 10.63
C LYS E 81 -17.21 -25.60 11.08
N ASP E 82 -18.19 -25.75 10.20
CA ASP E 82 -19.49 -26.27 10.58
C ASP E 82 -19.74 -27.69 10.16
N TYR E 83 -19.03 -28.25 9.19
CA TYR E 83 -19.30 -29.62 8.75
C TYR E 83 -18.14 -30.57 8.92
N GLY E 84 -17.10 -30.14 9.62
CA GLY E 84 -15.95 -30.98 9.89
C GLY E 84 -15.10 -31.41 8.72
N VAL E 85 -15.20 -30.68 7.62
CA VAL E 85 -14.38 -31.05 6.44
C VAL E 85 -12.90 -30.80 6.69
N LYS E 86 -12.08 -31.79 6.36
CA LYS E 86 -10.65 -31.68 6.59
C LYS E 86 -9.88 -31.33 5.32
N LYS E 87 -10.34 -31.76 4.16
CA LYS E 87 -9.59 -31.53 2.92
C LYS E 87 -10.51 -31.04 1.81
N ILE E 88 -10.09 -30.00 1.11
CA ILE E 88 -10.87 -29.41 0.02
C ILE E 88 -10.06 -29.52 -1.29
N ILE E 89 -10.65 -30.12 -2.30
CA ILE E 89 -9.96 -30.20 -3.59
C ILE E 89 -10.76 -29.39 -4.61
N ARG E 90 -10.29 -28.18 -4.92
CA ARG E 90 -10.96 -27.42 -6.00
C ARG E 90 -10.61 -28.13 -7.31
N VAL E 91 -11.62 -28.42 -8.10
CA VAL E 91 -11.43 -29.11 -9.39
C VAL E 91 -12.00 -28.17 -10.46
N GLY E 92 -11.12 -27.34 -11.04
CA GLY E 92 -11.68 -26.36 -11.97
C GLY E 92 -11.03 -26.26 -13.32
N SER E 93 -11.29 -25.10 -13.93
CA SER E 93 -10.77 -24.75 -15.23
C SER E 93 -9.96 -23.47 -15.07
N CYS E 94 -9.04 -23.26 -16.02
CA CYS E 94 -8.22 -22.05 -15.93
C CYS E 94 -7.70 -21.66 -17.31
N GLY E 95 -7.22 -20.43 -17.40
CA GLY E 95 -6.66 -19.95 -18.68
C GLY E 95 -5.15 -19.93 -18.58
N ALA E 96 -4.43 -20.37 -19.61
CA ALA E 96 -2.96 -20.36 -19.54
C ALA E 96 -2.38 -19.05 -20.07
N VAL E 97 -1.23 -18.66 -19.52
CA VAL E 97 -0.57 -17.43 -19.95
C VAL E 97 0.86 -17.67 -20.42
N ASN E 98 1.40 -18.83 -20.16
CA ASN E 98 2.80 -19.14 -20.51
C ASN E 98 2.83 -20.16 -21.64
N GLU E 99 3.81 -20.01 -22.54
CA GLU E 99 3.99 -20.89 -23.68
C GLU E 99 4.30 -22.32 -23.29
N GLY E 100 4.86 -22.54 -22.10
CA GLY E 100 5.19 -23.85 -21.59
C GLY E 100 3.96 -24.67 -21.21
N ILE E 101 2.81 -24.02 -21.12
CA ILE E 101 1.56 -24.70 -20.75
C ILE E 101 0.64 -24.76 -21.97
N LYS E 102 0.04 -25.92 -22.23
CA LYS E 102 -0.84 -26.05 -23.37
C LYS E 102 -2.30 -26.28 -23.02
N VAL E 103 -3.22 -25.93 -23.93
CA VAL E 103 -4.64 -26.19 -23.64
C VAL E 103 -4.75 -27.71 -23.47
N ARG E 104 -5.59 -28.14 -22.55
CA ARG E 104 -5.85 -29.52 -22.19
C ARG E 104 -4.85 -30.04 -21.16
N ASP E 105 -3.87 -29.24 -20.76
CA ASP E 105 -2.92 -29.65 -19.76
C ASP E 105 -3.65 -29.64 -18.39
N VAL E 106 -3.16 -30.47 -17.51
CA VAL E 106 -3.73 -30.52 -16.14
C VAL E 106 -2.66 -29.83 -15.27
N VAL E 107 -3.07 -28.78 -14.56
CA VAL E 107 -2.14 -28.06 -13.72
C VAL E 107 -2.57 -28.13 -12.25
N ILE E 108 -1.55 -28.02 -11.39
CA ILE E 108 -1.82 -28.08 -9.94
C ILE E 108 -1.19 -26.85 -9.32
N GLY E 109 -1.99 -26.11 -8.56
CA GLY E 109 -1.50 -24.92 -7.89
C GLY E 109 -0.88 -25.23 -6.54
N MET E 110 0.45 -25.46 -6.51
CA MET E 110 1.09 -25.70 -5.20
C MET E 110 1.00 -24.39 -4.43
N GLY E 111 1.04 -23.27 -5.15
CA GLY E 111 0.81 -21.93 -4.63
C GLY E 111 -0.25 -21.24 -5.50
N ALA E 112 -0.78 -20.14 -5.02
CA ALA E 112 -1.70 -19.33 -5.79
C ALA E 112 -1.43 -17.86 -5.49
N CYS E 113 -0.99 -17.15 -6.55
CA CYS E 113 -0.78 -15.72 -6.47
C CYS E 113 -2.18 -15.06 -6.59
N THR E 114 -2.24 -13.76 -6.29
CA THR E 114 -3.55 -13.09 -6.45
C THR E 114 -3.42 -11.58 -6.41
N ASP E 115 -4.43 -10.89 -6.92
CA ASP E 115 -4.54 -9.43 -6.81
C ASP E 115 -5.62 -9.06 -5.77
N SER E 116 -6.18 -10.06 -5.08
CA SER E 116 -7.12 -9.80 -4.00
C SER E 116 -6.37 -9.24 -2.78
N LYS E 117 -7.11 -8.55 -1.93
CA LYS E 117 -6.55 -8.03 -0.67
C LYS E 117 -6.89 -8.98 0.48
N VAL E 118 -7.55 -10.12 0.27
CA VAL E 118 -7.95 -10.93 1.43
C VAL E 118 -6.81 -11.43 2.29
N ASN E 119 -5.69 -11.84 1.71
CA ASN E 119 -4.61 -12.36 2.55
C ASN E 119 -3.87 -11.23 3.23
N ARG E 120 -3.86 -10.04 2.65
CA ARG E 120 -3.27 -8.87 3.27
C ARG E 120 -4.08 -8.48 4.50
N ILE E 121 -5.42 -8.63 4.38
CA ILE E 121 -6.31 -8.34 5.51
C ILE E 121 -5.99 -9.28 6.65
N ARG E 122 -5.73 -10.56 6.35
CA ARG E 122 -5.39 -11.53 7.35
C ARG E 122 -3.97 -11.42 7.93
N PHE E 123 -3.03 -11.03 7.08
CA PHE E 123 -1.62 -11.12 7.44
C PHE E 123 -0.85 -9.84 7.62
N LYS E 124 -1.49 -8.87 8.25
CA LYS E 124 -0.90 -7.58 8.59
C LYS E 124 -0.30 -6.85 7.41
N ASP E 125 -0.93 -6.99 6.23
CA ASP E 125 -0.52 -6.34 5.01
C ASP E 125 0.85 -6.79 4.51
N HIS E 126 1.27 -7.99 4.95
CA HIS E 126 2.52 -8.54 4.44
C HIS E 126 2.20 -9.56 3.36
N ASP E 127 3.18 -10.29 2.85
CA ASP E 127 2.92 -11.27 1.81
C ASP E 127 2.74 -12.68 2.37
N PHE E 128 1.48 -13.13 2.37
CA PHE E 128 1.20 -14.50 2.74
C PHE E 128 1.28 -15.35 1.45
N ALA E 129 2.13 -16.36 1.47
CA ALA E 129 2.24 -17.25 0.30
C ALA E 129 1.08 -18.23 0.38
N ALA E 130 0.06 -18.02 -0.43
CA ALA E 130 -1.13 -18.90 -0.37
C ALA E 130 -0.75 -20.25 -0.94
N ILE E 131 -0.64 -21.28 -0.13
CA ILE E 131 -0.19 -22.58 -0.58
C ILE E 131 -1.16 -23.72 -0.28
N ALA E 132 -1.04 -24.75 -1.12
CA ALA E 132 -1.82 -25.97 -0.94
C ALA E 132 -1.13 -26.81 0.16
N ASP E 133 -1.79 -27.90 0.52
CA ASP E 133 -1.19 -28.87 1.47
C ASP E 133 -0.27 -29.77 0.64
N TYR E 134 0.98 -29.91 1.07
CA TYR E 134 1.95 -30.71 0.36
C TYR E 134 1.49 -32.14 0.10
N LYS E 135 1.02 -32.84 1.14
CA LYS E 135 0.63 -34.23 0.92
C LYS E 135 -0.50 -34.36 -0.10
N MET E 136 -1.40 -33.39 -0.17
CA MET E 136 -2.46 -33.39 -1.17
C MET E 136 -1.87 -33.18 -2.57
N VAL E 137 -0.90 -32.26 -2.70
CA VAL E 137 -0.27 -32.07 -4.02
C VAL E 137 0.41 -33.36 -4.47
N LYS E 138 1.17 -33.95 -3.56
CA LYS E 138 1.90 -35.19 -3.89
C LYS E 138 0.95 -36.30 -4.31
N ALA E 139 -0.14 -36.47 -3.57
CA ALA E 139 -1.11 -37.51 -3.92
C ALA E 139 -1.71 -37.26 -5.30
N ALA E 140 -2.03 -36.01 -5.63
CA ALA E 140 -2.61 -35.71 -6.94
C ALA E 140 -1.56 -35.95 -8.04
N GLU E 141 -0.31 -35.55 -7.81
CA GLU E 141 0.71 -35.79 -8.84
C GLU E 141 0.93 -37.28 -9.02
N GLU E 142 0.95 -38.05 -7.93
CA GLU E 142 1.11 -39.51 -8.06
C GLU E 142 -0.09 -40.14 -8.73
N ALA E 143 -1.30 -39.64 -8.45
CA ALA E 143 -2.50 -40.20 -9.08
C ALA E 143 -2.44 -39.95 -10.58
N ALA E 144 -1.99 -38.77 -10.98
CA ALA E 144 -1.89 -38.43 -12.41
C ALA E 144 -0.84 -39.33 -13.05
N LYS E 145 0.31 -39.50 -12.40
CA LYS E 145 1.36 -40.37 -12.98
C LYS E 145 0.84 -41.78 -13.21
N ALA E 146 0.03 -42.30 -12.28
CA ALA E 146 -0.52 -43.64 -12.40
C ALA E 146 -1.48 -43.77 -13.57
N ARG E 147 -2.06 -42.66 -14.01
CA ARG E 147 -2.96 -42.59 -15.13
C ARG E 147 -2.24 -42.22 -16.43
N GLY E 148 -0.94 -42.01 -16.36
CA GLY E 148 -0.16 -41.64 -17.54
C GLY E 148 -0.34 -40.20 -17.96
N ILE E 149 -0.71 -39.34 -17.02
CA ILE E 149 -0.92 -37.92 -17.31
C ILE E 149 0.14 -37.07 -16.63
N ASP E 150 0.79 -36.19 -17.40
CA ASP E 150 1.81 -35.32 -16.85
C ASP E 150 1.15 -34.06 -16.30
N VAL E 151 1.33 -33.78 -15.02
CA VAL E 151 0.73 -32.58 -14.44
C VAL E 151 1.83 -31.52 -14.31
N LYS E 152 1.44 -30.28 -14.44
CA LYS E 152 2.39 -29.16 -14.30
C LYS E 152 2.07 -28.58 -12.91
N VAL E 153 3.03 -28.58 -12.02
CA VAL E 153 2.84 -28.09 -10.66
C VAL E 153 3.55 -26.76 -10.47
N GLY E 154 2.77 -25.72 -10.07
CA GLY E 154 3.38 -24.42 -9.88
C GLY E 154 2.39 -23.43 -9.27
N ASN E 155 2.47 -22.18 -9.70
CA ASN E 155 1.59 -21.17 -9.17
C ASN E 155 0.41 -20.85 -10.08
N LEU E 156 -0.78 -20.87 -9.48
CA LEU E 156 -1.95 -20.38 -10.18
C LEU E 156 -1.98 -18.86 -9.88
N PHE E 157 -2.81 -18.15 -10.63
CA PHE E 157 -3.07 -16.74 -10.32
C PHE E 157 -4.59 -16.66 -10.13
N SER E 158 -5.01 -16.27 -8.92
CA SER E 158 -6.45 -16.16 -8.62
C SER E 158 -6.87 -14.71 -8.80
N ALA E 159 -7.49 -14.42 -9.95
CA ALA E 159 -7.90 -13.08 -10.28
C ALA E 159 -9.16 -12.57 -9.64
N GLU E 160 -9.17 -11.26 -9.40
CA GLU E 160 -10.32 -10.55 -8.87
C GLU E 160 -11.30 -10.14 -9.99
N LEU E 161 -10.75 -9.70 -11.12
CA LEU E 161 -11.57 -9.22 -12.22
C LEU E 161 -11.35 -10.04 -13.48
N PHE E 162 -12.36 -10.86 -13.78
CA PHE E 162 -12.33 -11.71 -14.98
C PHE E 162 -12.12 -10.79 -16.18
N TYR E 163 -12.89 -9.71 -16.21
CA TYR E 163 -12.74 -8.71 -17.29
C TYR E 163 -11.75 -7.68 -16.78
N THR E 164 -10.48 -8.09 -16.76
CA THR E 164 -9.47 -7.23 -16.17
C THR E 164 -9.27 -5.91 -16.88
N PRO E 165 -9.13 -4.83 -16.14
CA PRO E 165 -8.81 -3.53 -16.73
C PRO E 165 -7.31 -3.46 -16.97
N ASP E 166 -6.53 -4.46 -16.56
CA ASP E 166 -5.09 -4.51 -16.75
C ASP E 166 -4.61 -5.80 -17.40
N PRO E 167 -4.85 -5.97 -18.70
CA PRO E 167 -4.40 -7.14 -19.43
C PRO E 167 -2.89 -7.25 -19.49
N SER E 168 -2.14 -6.16 -19.26
CA SER E 168 -0.68 -6.23 -19.25
C SER E 168 -0.19 -7.11 -18.11
N MET E 169 -1.02 -7.35 -17.08
CA MET E 169 -0.60 -8.23 -15.99
C MET E 169 -0.43 -9.66 -16.46
N PHE E 170 -1.12 -10.07 -17.54
CA PHE E 170 -0.92 -11.43 -18.03
C PHE E 170 0.52 -11.66 -18.44
N ASP E 171 1.19 -10.63 -18.97
CA ASP E 171 2.58 -10.75 -19.38
C ASP E 171 3.48 -10.95 -18.16
N VAL E 172 3.15 -10.30 -17.06
CA VAL E 172 3.91 -10.45 -15.82
C VAL E 172 3.70 -11.87 -15.30
N MET E 173 2.46 -12.36 -15.35
CA MET E 173 2.21 -13.73 -14.92
C MET E 173 3.01 -14.72 -15.76
N ASP E 174 3.04 -14.49 -17.08
CA ASP E 174 3.80 -15.37 -17.97
C ASP E 174 5.28 -15.37 -17.58
N LYS E 175 5.85 -14.17 -17.41
CA LYS E 175 7.25 -14.04 -17.03
C LYS E 175 7.59 -14.77 -15.74
N TYR E 176 6.68 -14.75 -14.76
CA TYR E 176 6.91 -15.39 -13.49
C TYR E 176 6.49 -16.85 -13.39
N GLY E 177 6.14 -17.44 -14.50
CA GLY E 177 5.78 -18.81 -14.64
C GLY E 177 4.44 -19.28 -14.13
N ILE E 178 3.48 -18.36 -13.99
CA ILE E 178 2.14 -18.81 -13.55
C ILE E 178 1.63 -19.89 -14.50
N VAL E 179 1.09 -20.97 -13.96
CA VAL E 179 0.61 -22.09 -14.77
C VAL E 179 -0.81 -21.93 -15.26
N GLY E 180 -1.64 -21.13 -14.60
CA GLY E 180 -3.03 -20.95 -15.06
C GLY E 180 -3.69 -19.84 -14.23
N VAL E 181 -4.67 -19.22 -14.84
CA VAL E 181 -5.43 -18.14 -14.22
C VAL E 181 -6.84 -18.63 -13.90
N GLU E 182 -7.21 -18.51 -12.62
CA GLU E 182 -8.56 -18.87 -12.18
C GLU E 182 -9.00 -17.80 -11.19
N MET E 183 -9.97 -18.01 -10.28
CA MET E 183 -10.38 -16.88 -9.43
C MET E 183 -10.61 -17.29 -7.98
N GLU E 184 -10.05 -18.43 -7.55
CA GLU E 184 -10.39 -18.92 -6.23
C GLU E 184 -9.31 -19.53 -5.39
N ALA E 185 -8.34 -20.24 -5.97
CA ALA E 185 -7.34 -20.95 -5.17
C ALA E 185 -6.68 -20.14 -4.07
N ALA E 186 -6.27 -18.89 -4.31
CA ALA E 186 -5.62 -18.12 -3.26
C ALA E 186 -6.55 -17.89 -2.08
N GLY E 187 -7.84 -17.76 -2.36
CA GLY E 187 -8.83 -17.53 -1.28
C GLY E 187 -9.04 -18.85 -0.52
N ILE E 188 -9.14 -19.95 -1.22
CA ILE E 188 -9.34 -21.26 -0.56
C ILE E 188 -8.13 -21.57 0.32
N TYR E 189 -6.92 -21.30 -0.20
CA TYR E 189 -5.71 -21.55 0.57
C TYR E 189 -5.62 -20.66 1.79
N GLY E 190 -6.08 -19.42 1.69
CA GLY E 190 -6.07 -18.51 2.84
C GLY E 190 -7.05 -19.01 3.90
N VAL E 191 -8.23 -19.48 3.50
CA VAL E 191 -9.18 -20.01 4.50
C VAL E 191 -8.59 -21.26 5.12
N ALA E 192 -7.98 -22.13 4.33
CA ALA E 192 -7.41 -23.36 4.91
C ALA E 192 -6.37 -23.03 5.95
N ALA E 193 -5.52 -22.03 5.74
CA ALA E 193 -4.52 -21.66 6.73
C ALA E 193 -5.19 -21.04 7.96
N GLU E 194 -6.18 -20.19 7.74
CA GLU E 194 -6.84 -19.53 8.86
C GLU E 194 -7.61 -20.50 9.76
N TYR E 195 -8.24 -21.49 9.15
CA TYR E 195 -9.06 -22.45 9.90
C TYR E 195 -8.39 -23.76 10.16
N GLY E 196 -7.11 -23.90 9.85
CA GLY E 196 -6.36 -25.12 10.12
C GLY E 196 -6.78 -26.34 9.38
N ALA E 197 -7.10 -26.20 8.09
CA ALA E 197 -7.48 -27.35 7.28
C ALA E 197 -6.52 -27.44 6.10
N LYS E 198 -6.82 -28.30 5.16
CA LYS E 198 -5.95 -28.56 4.00
C LYS E 198 -6.67 -28.41 2.69
N ALA E 199 -5.98 -27.84 1.69
CA ALA E 199 -6.61 -27.65 0.39
C ALA E 199 -5.65 -27.83 -0.76
N LEU E 200 -6.27 -27.99 -1.92
CA LEU E 200 -5.55 -28.19 -3.17
C LEU E 200 -6.43 -27.70 -4.31
N ALA E 201 -5.83 -27.13 -5.33
CA ALA E 201 -6.56 -26.70 -6.54
C ALA E 201 -5.88 -27.37 -7.75
N ILE E 202 -6.68 -28.16 -8.45
CA ILE E 202 -6.23 -28.86 -9.67
C ILE E 202 -7.10 -28.30 -10.79
N CYS E 203 -6.54 -27.88 -11.92
CA CYS E 203 -7.40 -27.33 -12.97
C CYS E 203 -6.99 -27.83 -14.36
N THR E 204 -7.99 -27.81 -15.25
CA THR E 204 -7.67 -28.15 -16.65
C THR E 204 -7.52 -26.81 -17.37
N VAL E 205 -6.60 -26.76 -18.31
CA VAL E 205 -6.41 -25.53 -19.10
C VAL E 205 -7.44 -25.54 -20.22
N SER E 206 -8.42 -24.65 -20.13
CA SER E 206 -9.49 -24.64 -21.14
C SER E 206 -9.23 -23.67 -22.25
N ASP E 207 -8.39 -22.67 -22.01
CA ASP E 207 -8.10 -21.66 -23.02
C ASP E 207 -6.71 -21.07 -22.81
N HIS E 208 -6.13 -20.54 -23.86
CA HIS E 208 -4.80 -19.91 -23.76
C HIS E 208 -5.01 -18.41 -23.94
N ILE E 209 -4.83 -17.67 -22.84
CA ILE E 209 -5.02 -16.24 -22.81
C ILE E 209 -4.09 -15.48 -23.75
N LYS E 210 -2.89 -15.99 -23.95
CA LYS E 210 -1.91 -15.38 -24.82
C LYS E 210 -2.06 -15.76 -26.28
N THR E 211 -2.25 -17.06 -26.55
CA THR E 211 -2.35 -17.51 -27.93
C THR E 211 -3.75 -17.65 -28.48
N GLY E 212 -4.72 -18.00 -27.64
CA GLY E 212 -6.09 -18.19 -28.06
C GLY E 212 -6.38 -19.55 -28.66
N GLU E 213 -5.52 -20.53 -28.43
CA GLU E 213 -5.73 -21.86 -28.97
C GLU E 213 -7.14 -22.40 -28.69
N GLN E 214 -7.69 -23.12 -29.66
CA GLN E 214 -9.01 -23.70 -29.53
C GLN E 214 -8.97 -25.22 -29.51
N THR E 215 -10.07 -25.80 -29.05
CA THR E 215 -10.21 -27.25 -28.99
C THR E 215 -11.69 -27.61 -29.08
N THR E 216 -12.01 -28.82 -29.47
CA THR E 216 -13.43 -29.21 -29.56
C THR E 216 -14.02 -29.35 -28.17
N SER E 217 -15.34 -29.33 -28.09
CA SER E 217 -16.05 -29.47 -26.81
C SER E 217 -15.75 -30.84 -26.23
N GLU E 218 -15.69 -31.84 -27.11
CA GLU E 218 -15.39 -33.21 -26.75
C GLU E 218 -14.02 -33.33 -26.09
N GLU E 219 -13.02 -32.70 -26.71
CA GLU E 219 -11.66 -32.75 -26.14
C GLU E 219 -11.63 -32.14 -24.75
N ARG E 220 -12.30 -31.02 -24.55
CA ARG E 220 -12.36 -30.37 -23.25
C ARG E 220 -13.05 -31.25 -22.21
N GLN E 221 -14.11 -31.93 -22.64
CA GLN E 221 -14.83 -32.81 -21.71
C GLN E 221 -13.98 -34.00 -21.31
N ASN E 222 -13.23 -34.56 -22.26
CA ASN E 222 -12.36 -35.69 -21.98
C ASN E 222 -11.30 -35.28 -20.93
N THR E 223 -10.70 -34.11 -21.12
CA THR E 223 -9.68 -33.64 -20.19
C THR E 223 -10.28 -33.39 -18.81
N PHE E 224 -11.47 -32.81 -18.74
CA PHE E 224 -12.12 -32.56 -17.46
C PHE E 224 -12.33 -33.90 -16.75
N ASN E 225 -12.83 -34.90 -17.49
CA ASN E 225 -13.06 -36.22 -16.94
C ASN E 225 -11.80 -36.84 -16.36
N GLU E 226 -10.69 -36.71 -17.09
CA GLU E 226 -9.40 -37.21 -16.66
C GLU E 226 -8.98 -36.56 -15.35
N MET E 227 -9.16 -35.25 -15.27
CA MET E 227 -8.81 -34.51 -14.06
C MET E 227 -9.66 -34.92 -12.86
N ILE E 228 -10.96 -35.15 -13.06
CA ILE E 228 -11.79 -35.59 -11.94
C ILE E 228 -11.35 -36.94 -11.43
N GLU E 229 -10.98 -37.86 -12.34
CA GLU E 229 -10.52 -39.18 -11.93
C GLU E 229 -9.24 -39.07 -11.12
N ILE E 230 -8.34 -38.19 -11.56
CA ILE E 230 -7.09 -37.95 -10.81
C ILE E 230 -7.41 -37.43 -9.42
N ALA E 231 -8.33 -36.44 -9.33
CA ALA E 231 -8.66 -35.91 -8.00
C ALA E 231 -9.21 -36.98 -7.08
N LEU E 232 -10.15 -37.79 -7.59
CA LEU E 232 -10.74 -38.86 -6.76
C LEU E 232 -9.70 -39.92 -6.41
N ASP E 233 -8.86 -40.32 -7.36
CA ASP E 233 -7.82 -41.29 -7.04
C ASP E 233 -6.88 -40.69 -5.98
N SER E 234 -6.61 -39.37 -6.05
CA SER E 234 -5.74 -38.74 -5.08
C SER E 234 -6.27 -38.82 -3.66
N VAL E 235 -7.60 -38.89 -3.51
CA VAL E 235 -8.16 -39.01 -2.15
C VAL E 235 -7.78 -40.37 -1.59
N LEU E 236 -7.89 -41.43 -2.40
CA LEU E 236 -7.52 -42.77 -1.93
C LEU E 236 -6.05 -42.84 -1.60
N ILE E 237 -5.19 -42.23 -2.44
CA ILE E 237 -3.75 -42.25 -2.13
C ILE E 237 -3.50 -41.49 -0.83
N GLY E 238 -4.16 -40.35 -0.67
CA GLY E 238 -4.01 -39.55 0.54
C GLY E 238 -4.44 -40.28 1.80
N ASP E 239 -5.37 -41.23 1.70
CA ASP E 239 -5.82 -41.97 2.87
C ASP E 239 -4.79 -42.94 3.41
N GLN E 240 -3.88 -43.40 2.59
CA GLN E 240 -2.85 -44.35 3.02
C GLN E 240 -1.99 -43.82 4.15
N ALA F 4 -12.37 30.57 21.77
CA ALA F 4 -11.74 30.82 20.48
C ALA F 4 -10.80 29.68 20.12
N THR F 5 -10.70 29.39 18.82
CA THR F 5 -9.86 28.33 18.31
C THR F 5 -8.57 28.89 17.74
N PRO F 6 -7.60 28.03 17.45
CA PRO F 6 -6.35 28.47 16.89
C PRO F 6 -6.47 29.12 15.52
N HIS F 7 -7.47 28.76 14.71
CA HIS F 7 -7.58 29.31 13.37
C HIS F 7 -8.78 30.19 13.15
N ILE F 8 -9.66 30.30 14.13
CA ILE F 8 -10.89 31.12 13.97
C ILE F 8 -11.02 31.97 15.23
N ASN F 9 -11.05 33.29 15.09
CA ASN F 9 -11.16 34.18 16.25
C ASN F 9 -12.60 34.63 16.47
N ALA F 10 -13.50 33.67 16.60
CA ALA F 10 -14.92 33.96 16.82
C ALA F 10 -15.37 33.35 18.13
N GLN F 11 -16.62 33.56 18.51
CA GLN F 11 -17.17 32.99 19.74
C GLN F 11 -18.37 32.12 19.38
N MET F 12 -18.70 31.16 20.24
CA MET F 12 -19.84 30.29 19.94
C MET F 12 -21.08 31.15 19.70
N GLY F 13 -21.83 30.78 18.67
CA GLY F 13 -23.03 31.51 18.30
C GLY F 13 -22.76 32.50 17.18
N ASP F 14 -21.49 32.79 16.87
CA ASP F 14 -21.19 33.74 15.81
C ASP F 14 -21.50 33.18 14.44
N PHE F 15 -21.44 31.84 14.31
CA PHE F 15 -21.74 31.21 13.03
C PHE F 15 -23.14 30.57 13.06
N ALA F 16 -23.78 30.57 11.90
CA ALA F 16 -25.09 29.91 11.78
C ALA F 16 -24.78 28.40 11.77
N ASP F 17 -25.81 27.57 11.71
CA ASP F 17 -25.58 26.12 11.69
C ASP F 17 -25.29 25.62 10.28
N VAL F 18 -25.35 26.48 9.30
CA VAL F 18 -25.05 26.19 7.91
C VAL F 18 -24.01 27.20 7.43
N VAL F 19 -22.90 26.71 6.87
CA VAL F 19 -21.85 27.59 6.39
C VAL F 19 -21.46 27.30 4.95
N LEU F 20 -21.53 28.29 4.07
CA LEU F 20 -21.12 28.20 2.68
C LEU F 20 -19.62 28.48 2.62
N MET F 21 -18.86 27.66 1.87
CA MET F 21 -17.42 27.92 1.86
C MET F 21 -16.72 27.82 0.52
N PRO F 22 -16.24 28.94 0.00
CA PRO F 22 -15.40 28.95 -1.19
C PRO F 22 -13.94 28.80 -0.68
N GLY F 23 -12.97 28.64 -1.55
CA GLY F 23 -11.58 28.52 -1.05
C GLY F 23 -11.02 29.90 -0.73
N ASP F 24 -11.39 30.88 -1.55
CA ASP F 24 -10.87 32.24 -1.39
C ASP F 24 -11.64 33.05 -0.37
N PRO F 25 -10.98 33.61 0.62
CA PRO F 25 -11.62 34.44 1.63
C PRO F 25 -12.24 35.67 1.00
N LEU F 26 -11.68 36.16 -0.11
CA LEU F 26 -12.25 37.33 -0.78
C LEU F 26 -13.56 36.94 -1.46
N ARG F 27 -13.72 35.66 -1.82
CA ARG F 27 -14.99 35.22 -2.39
C ARG F 27 -16.03 35.10 -1.29
N ALA F 28 -15.60 34.79 -0.07
CA ALA F 28 -16.50 34.72 1.06
C ALA F 28 -17.04 36.14 1.32
N LYS F 29 -16.10 37.10 1.21
CA LYS F 29 -16.48 38.50 1.41
C LYS F 29 -17.52 38.90 0.36
N TYR F 30 -17.25 38.59 -0.90
CA TYR F 30 -18.17 38.91 -1.99
C TYR F 30 -19.54 38.30 -1.75
N ILE F 31 -19.58 37.04 -1.31
CA ILE F 31 -20.86 36.39 -1.07
C ILE F 31 -21.63 37.07 0.05
N ALA F 32 -20.98 37.36 1.16
CA ALA F 32 -21.61 38.00 2.31
C ALA F 32 -22.17 39.37 1.98
N GLU F 33 -21.42 40.17 1.23
CA GLU F 33 -21.85 41.51 0.87
C GLU F 33 -22.91 41.57 -0.21
N ASN F 34 -22.92 40.64 -1.16
CA ASN F 34 -23.89 40.72 -2.24
C ASN F 34 -25.06 39.76 -2.18
N PHE F 35 -25.01 38.71 -1.37
CA PHE F 35 -26.11 37.75 -1.33
C PHE F 35 -26.77 37.64 0.02
N LEU F 36 -26.12 38.13 1.08
CA LEU F 36 -26.70 38.06 2.41
C LEU F 36 -27.10 39.46 2.91
N ASP F 37 -28.02 39.47 3.87
CA ASP F 37 -28.46 40.74 4.44
C ASP F 37 -27.79 40.94 5.79
N ASN F 38 -27.37 42.17 6.06
CA ASN F 38 -26.75 42.55 7.32
C ASN F 38 -25.61 41.63 7.73
N ALA F 39 -24.74 41.32 6.77
CA ALA F 39 -23.63 40.42 7.03
C ALA F 39 -22.57 41.14 7.88
N VAL F 40 -22.04 40.43 8.87
CA VAL F 40 -21.00 40.99 9.73
C VAL F 40 -19.81 40.02 9.69
N GLN F 41 -18.60 40.56 9.73
CA GLN F 41 -17.41 39.70 9.73
C GLN F 41 -17.23 39.12 11.12
N VAL F 42 -17.04 37.80 11.22
CA VAL F 42 -16.89 37.16 12.52
C VAL F 42 -15.48 36.58 12.74
N CYS F 43 -14.67 36.56 11.70
CA CYS F 43 -13.30 36.02 11.90
C CYS F 43 -12.38 36.48 10.80
N ASP F 44 -11.07 36.54 11.12
CA ASP F 44 -10.08 37.00 10.16
C ASP F 44 -8.68 36.47 10.43
N VAL F 45 -8.54 35.44 11.24
CA VAL F 45 -7.19 34.88 11.51
C VAL F 45 -6.58 34.41 10.21
N ARG F 46 -5.32 34.71 9.95
CA ARG F 46 -4.63 34.34 8.73
C ARG F 46 -5.32 34.89 7.48
N ASN F 47 -6.08 35.97 7.61
CA ASN F 47 -6.84 36.56 6.54
C ASN F 47 -7.94 35.61 6.02
N MET F 48 -8.33 34.63 6.81
CA MET F 48 -9.39 33.68 6.37
C MET F 48 -10.72 34.23 6.90
N PHE F 49 -11.28 35.13 6.10
CA PHE F 49 -12.50 35.84 6.45
C PHE F 49 -13.73 34.94 6.50
N GLY F 50 -14.53 35.15 7.53
CA GLY F 50 -15.78 34.44 7.78
C GLY F 50 -16.83 35.50 8.17
N TYR F 51 -18.05 35.31 7.69
CA TYR F 51 -19.15 36.25 7.93
C TYR F 51 -20.45 35.53 8.28
N THR F 52 -21.40 36.27 8.87
CA THR F 52 -22.70 35.72 9.23
C THR F 52 -23.76 36.80 8.96
N GLY F 53 -24.79 36.40 8.23
CA GLY F 53 -25.88 37.31 7.89
C GLY F 53 -27.13 36.47 7.65
N THR F 54 -28.12 37.05 6.97
CA THR F 54 -29.35 36.30 6.73
C THR F 54 -29.72 36.26 5.25
N TYR F 55 -30.47 35.22 4.91
CA TYR F 55 -31.01 34.97 3.59
C TYR F 55 -32.50 34.66 3.78
N LYS F 56 -33.36 35.63 3.44
CA LYS F 56 -34.80 35.50 3.65
C LYS F 56 -35.11 35.30 5.12
N GLY F 57 -34.36 35.97 6.00
CA GLY F 57 -34.54 35.88 7.43
C GLY F 57 -33.84 34.71 8.09
N ARG F 58 -33.30 33.78 7.31
CA ARG F 58 -32.61 32.61 7.85
C ARG F 58 -31.11 32.88 8.01
N ARG F 59 -30.59 32.57 9.20
CA ARG F 59 -29.17 32.80 9.45
C ARG F 59 -28.29 31.88 8.59
N ILE F 60 -27.32 32.46 7.91
CA ILE F 60 -26.39 31.72 7.07
C ILE F 60 -24.99 32.33 7.20
N SER F 61 -23.97 31.48 7.30
CA SER F 61 -22.60 31.96 7.40
C SER F 61 -21.83 31.63 6.12
N VAL F 62 -20.74 32.37 5.88
CA VAL F 62 -19.91 32.14 4.69
C VAL F 62 -18.46 32.36 5.11
N MET F 63 -17.58 31.41 4.78
CA MET F 63 -16.18 31.56 5.21
C MET F 63 -15.26 30.82 4.24
N GLY F 64 -14.05 31.35 4.06
CA GLY F 64 -13.11 30.69 3.16
C GLY F 64 -12.51 29.46 3.83
N HIS F 65 -12.09 28.49 2.99
CA HIS F 65 -11.50 27.29 3.57
C HIS F 65 -10.04 27.10 3.16
N GLY F 66 -9.52 27.98 2.31
CA GLY F 66 -8.13 27.84 1.86
C GLY F 66 -8.00 26.78 0.78
N MET F 67 -6.78 26.42 0.38
CA MET F 67 -6.63 25.42 -0.67
C MET F 67 -6.09 24.09 -0.17
N GLY F 68 -6.74 23.01 -0.64
CA GLY F 68 -6.26 21.67 -0.27
C GLY F 68 -6.95 21.02 0.89
N ILE F 69 -6.87 19.66 0.89
CA ILE F 69 -7.52 18.88 1.94
C ILE F 69 -7.10 19.22 3.33
N PRO F 70 -5.81 19.32 3.65
CA PRO F 70 -5.41 19.63 5.01
C PRO F 70 -5.91 20.99 5.49
N SER F 71 -5.90 21.98 4.61
CA SER F 71 -6.38 23.32 4.96
C SER F 71 -7.87 23.33 5.26
N CYS F 72 -8.69 22.84 4.30
CA CYS F 72 -10.12 22.85 4.55
C CYS F 72 -10.50 21.95 5.71
N SER F 73 -9.74 20.89 5.97
CA SER F 73 -10.06 20.02 7.10
C SER F 73 -9.98 20.77 8.42
N ILE F 74 -8.96 21.61 8.57
CA ILE F 74 -8.83 22.37 9.83
C ILE F 74 -10.07 23.26 10.05
N TYR F 75 -10.43 24.01 9.03
CA TYR F 75 -11.57 24.94 9.16
C TYR F 75 -12.89 24.24 9.37
N VAL F 76 -13.17 23.21 8.57
CA VAL F 76 -14.43 22.48 8.72
C VAL F 76 -14.50 21.75 10.04
N THR F 77 -13.41 21.15 10.53
CA THR F 77 -13.43 20.45 11.80
C THR F 77 -13.75 21.42 12.94
N GLU F 78 -13.08 22.57 12.92
CA GLU F 78 -13.32 23.57 13.97
C GLU F 78 -14.74 24.11 13.92
N LEU F 79 -15.26 24.33 12.73
CA LEU F 79 -16.65 24.83 12.63
C LEU F 79 -17.62 23.85 13.24
N ILE F 80 -17.44 22.55 12.97
CA ILE F 80 -18.31 21.51 13.49
C ILE F 80 -18.14 21.28 14.99
N LYS F 81 -16.92 20.97 15.42
CA LYS F 81 -16.71 20.67 16.83
C LYS F 81 -16.67 21.86 17.76
N ASP F 82 -16.28 23.05 17.34
CA ASP F 82 -16.21 24.19 18.26
C ASP F 82 -17.30 25.22 18.06
N TYR F 83 -17.93 25.27 16.88
CA TYR F 83 -18.95 26.27 16.64
C TYR F 83 -20.33 25.70 16.38
N GLY F 84 -20.54 24.41 16.56
CA GLY F 84 -21.82 23.76 16.39
C GLY F 84 -22.39 23.71 15.00
N VAL F 85 -21.58 23.86 13.96
CA VAL F 85 -22.08 23.85 12.58
C VAL F 85 -22.56 22.46 12.21
N LYS F 86 -23.74 22.37 11.61
CA LYS F 86 -24.32 21.11 11.22
C LYS F 86 -24.13 20.78 9.75
N LYS F 87 -24.18 21.78 8.88
CA LYS F 87 -24.06 21.57 7.44
C LYS F 87 -23.04 22.49 6.80
N ILE F 88 -22.22 21.93 5.89
CA ILE F 88 -21.21 22.68 5.18
C ILE F 88 -21.48 22.57 3.68
N ILE F 89 -21.56 23.69 3.00
CA ILE F 89 -21.74 23.70 1.56
C ILE F 89 -20.51 24.35 0.90
N ARG F 90 -19.61 23.52 0.37
CA ARG F 90 -18.46 24.07 -0.36
C ARG F 90 -19.03 24.65 -1.66
N VAL F 91 -18.74 25.91 -1.94
CA VAL F 91 -19.21 26.56 -3.18
C VAL F 91 -17.94 26.93 -3.93
N GLY F 92 -17.51 26.05 -4.84
CA GLY F 92 -16.24 26.31 -5.48
C GLY F 92 -16.17 26.32 -6.98
N SER F 93 -14.93 26.22 -7.45
CA SER F 93 -14.58 26.17 -8.84
C SER F 93 -13.83 24.86 -9.08
N CYS F 94 -13.93 24.36 -10.30
CA CYS F 94 -13.24 23.12 -10.65
C CYS F 94 -12.91 23.09 -12.13
N GLY F 95 -12.06 22.15 -12.52
CA GLY F 95 -11.71 21.96 -13.91
C GLY F 95 -12.37 20.68 -14.43
N ALA F 96 -12.88 20.66 -15.66
CA ALA F 96 -13.52 19.45 -16.18
C ALA F 96 -12.55 18.56 -16.95
N VAL F 97 -12.80 17.26 -16.96
CA VAL F 97 -11.97 16.29 -17.66
C VAL F 97 -12.78 15.40 -18.59
N ASN F 98 -14.10 15.46 -18.49
CA ASN F 98 -14.95 14.60 -19.33
C ASN F 98 -15.70 15.43 -20.36
N GLU F 99 -15.89 14.90 -21.56
CA GLU F 99 -16.58 15.61 -22.63
C GLU F 99 -18.06 15.81 -22.37
N GLY F 100 -18.65 15.09 -21.42
CA GLY F 100 -20.06 15.25 -21.07
C GLY F 100 -20.26 16.52 -20.25
N ILE F 101 -19.20 17.05 -19.67
CA ILE F 101 -19.24 18.27 -18.86
C ILE F 101 -18.67 19.43 -19.66
N LYS F 102 -19.36 20.57 -19.62
CA LYS F 102 -18.92 21.75 -20.36
C LYS F 102 -18.51 22.88 -19.42
N VAL F 103 -17.67 23.79 -19.92
CA VAL F 103 -17.27 24.93 -19.09
C VAL F 103 -18.54 25.72 -18.79
N ARG F 104 -18.64 26.27 -17.59
CA ARG F 104 -19.77 27.03 -17.11
C ARG F 104 -20.85 26.13 -16.54
N ASP F 105 -20.63 24.81 -16.56
CA ASP F 105 -21.59 23.89 -16.00
C ASP F 105 -21.53 23.95 -14.46
N VAL F 106 -22.64 23.60 -13.85
CA VAL F 106 -22.67 23.52 -12.38
C VAL F 106 -22.65 22.03 -12.06
N VAL F 107 -21.67 21.60 -11.27
CA VAL F 107 -21.57 20.19 -10.92
C VAL F 107 -21.70 19.98 -9.42
N ILE F 108 -22.21 18.82 -9.02
CA ILE F 108 -22.36 18.50 -7.62
C ILE F 108 -21.62 17.19 -7.35
N GLY F 109 -20.79 17.21 -6.30
CA GLY F 109 -20.04 15.98 -5.99
C GLY F 109 -20.86 15.12 -5.02
N MET F 110 -21.64 14.16 -5.54
CA MET F 110 -22.36 13.27 -4.62
C MET F 110 -21.28 12.42 -3.93
N GLY F 111 -20.20 12.18 -4.66
CA GLY F 111 -19.01 11.49 -4.13
C GLY F 111 -17.80 12.37 -4.52
N ALA F 112 -16.68 12.11 -3.87
CA ALA F 112 -15.43 12.79 -4.20
C ALA F 112 -14.27 11.78 -4.09
N CYS F 113 -13.68 11.45 -5.23
CA CYS F 113 -12.50 10.58 -5.28
C CYS F 113 -11.30 11.45 -4.86
N THR F 114 -10.17 10.80 -4.57
CA THR F 114 -8.99 11.59 -4.19
C THR F 114 -7.73 10.76 -4.25
N ASP F 115 -6.59 11.46 -4.33
CA ASP F 115 -5.30 10.77 -4.25
C ASP F 115 -4.69 11.04 -2.87
N SER F 116 -5.44 11.67 -1.96
CA SER F 116 -4.95 11.91 -0.61
C SER F 116 -5.01 10.63 0.22
N LYS F 117 -4.21 10.56 1.28
CA LYS F 117 -4.24 9.41 2.18
C LYS F 117 -5.11 9.68 3.39
N VAL F 118 -5.78 10.84 3.49
CA VAL F 118 -6.53 11.12 4.73
C VAL F 118 -7.63 10.13 5.05
N ASN F 119 -8.40 9.67 4.07
CA ASN F 119 -9.48 8.73 4.42
C ASN F 119 -8.95 7.34 4.69
N ARG F 120 -7.80 6.96 4.11
CA ARG F 120 -7.18 5.69 4.46
C ARG F 120 -6.69 5.75 5.92
N ILE F 121 -6.16 6.92 6.33
CA ILE F 121 -5.74 7.09 7.73
C ILE F 121 -6.92 6.90 8.66
N ARG F 122 -8.10 7.38 8.27
CA ARG F 122 -9.29 7.23 9.06
C ARG F 122 -9.94 5.86 9.04
N PHE F 123 -9.90 5.21 7.88
CA PHE F 123 -10.65 3.98 7.64
C PHE F 123 -9.90 2.70 7.49
N LYS F 124 -8.91 2.50 8.37
CA LYS F 124 -8.10 1.29 8.41
C LYS F 124 -7.51 0.89 7.07
N ASP F 125 -7.09 1.86 6.27
CA ASP F 125 -6.47 1.65 4.98
C ASP F 125 -7.37 0.96 3.96
N HIS F 126 -8.69 1.03 4.20
CA HIS F 126 -9.63 0.45 3.22
C HIS F 126 -10.18 1.62 2.39
N ASP F 127 -11.14 1.36 1.53
CA ASP F 127 -11.71 2.37 0.69
C ASP F 127 -12.96 3.00 1.32
N PHE F 128 -12.79 4.24 1.77
CA PHE F 128 -13.96 4.99 2.28
C PHE F 128 -14.54 5.76 1.09
N ALA F 129 -15.81 5.59 0.79
CA ALA F 129 -16.43 6.35 -0.33
C ALA F 129 -16.79 7.72 0.27
N ALA F 130 -16.00 8.73 -0.06
CA ALA F 130 -16.27 10.07 0.51
C ALA F 130 -17.51 10.63 -0.13
N ILE F 131 -18.61 10.69 0.64
CA ILE F 131 -19.88 11.14 0.06
C ILE F 131 -20.48 12.33 0.75
N ALA F 132 -21.28 13.07 -0.06
CA ALA F 132 -22.05 14.21 0.47
C ALA F 132 -23.28 13.64 1.19
N ASP F 133 -24.01 14.53 1.86
CA ASP F 133 -25.28 14.13 2.49
C ASP F 133 -26.32 14.07 1.38
N TYR F 134 -27.11 12.98 1.30
CA TYR F 134 -28.08 12.86 0.23
C TYR F 134 -29.12 13.98 0.19
N LYS F 135 -29.70 14.28 1.34
CA LYS F 135 -30.73 15.34 1.38
C LYS F 135 -30.19 16.67 0.94
N MET F 136 -28.91 16.96 1.20
CA MET F 136 -28.33 18.23 0.74
C MET F 136 -28.16 18.19 -0.77
N VAL F 137 -27.69 17.04 -1.30
CA VAL F 137 -27.54 16.90 -2.74
C VAL F 137 -28.91 17.15 -3.41
N LYS F 138 -29.93 16.45 -2.94
CA LYS F 138 -31.29 16.58 -3.50
C LYS F 138 -31.79 18.02 -3.44
N ALA F 139 -31.58 18.69 -2.32
CA ALA F 139 -32.04 20.08 -2.19
C ALA F 139 -31.36 20.99 -3.20
N ALA F 140 -30.03 20.82 -3.37
CA ALA F 140 -29.31 21.62 -4.36
C ALA F 140 -29.75 21.29 -5.77
N GLU F 141 -29.95 20.02 -6.11
CA GLU F 141 -30.40 19.66 -7.46
C GLU F 141 -31.79 20.21 -7.73
N GLU F 142 -32.65 20.16 -6.73
CA GLU F 142 -34.01 20.70 -6.95
C GLU F 142 -34.01 22.20 -7.07
N ALA F 143 -33.16 22.88 -6.30
CA ALA F 143 -33.04 24.34 -6.37
C ALA F 143 -32.56 24.74 -7.76
N ALA F 144 -31.58 24.01 -8.30
CA ALA F 144 -31.07 24.29 -9.63
C ALA F 144 -32.13 24.03 -10.71
N LYS F 145 -32.87 22.93 -10.59
CA LYS F 145 -33.88 22.58 -11.58
C LYS F 145 -34.95 23.66 -11.69
N ALA F 146 -35.34 24.22 -10.56
CA ALA F 146 -36.35 25.29 -10.53
C ALA F 146 -35.86 26.52 -11.28
N ARG F 147 -34.57 26.76 -11.26
CA ARG F 147 -33.92 27.89 -11.92
C ARG F 147 -33.56 27.58 -13.37
N GLY F 148 -33.92 26.41 -13.87
CA GLY F 148 -33.62 26.01 -15.24
C GLY F 148 -32.18 25.63 -15.47
N ILE F 149 -31.45 25.32 -14.41
CA ILE F 149 -30.04 24.93 -14.49
C ILE F 149 -29.93 23.42 -14.33
N ASP F 150 -29.34 22.73 -15.30
CA ASP F 150 -29.20 21.28 -15.22
C ASP F 150 -27.84 20.89 -14.62
N VAL F 151 -27.86 20.58 -13.33
CA VAL F 151 -26.63 20.20 -12.64
C VAL F 151 -26.18 18.79 -12.97
N LYS F 152 -24.86 18.61 -13.04
CA LYS F 152 -24.27 17.30 -13.31
C LYS F 152 -23.85 16.72 -11.95
N VAL F 153 -24.54 15.71 -11.49
CA VAL F 153 -24.28 15.10 -10.19
C VAL F 153 -23.45 13.84 -10.37
N GLY F 154 -22.27 13.82 -9.74
CA GLY F 154 -21.41 12.63 -9.86
C GLY F 154 -20.23 12.76 -8.88
N ASN F 155 -19.10 12.25 -9.35
CA ASN F 155 -17.90 12.27 -8.54
C ASN F 155 -16.95 13.41 -8.87
N LEU F 156 -16.55 14.15 -7.83
CA LEU F 156 -15.49 15.14 -8.05
C LEU F 156 -14.17 14.36 -7.78
N PHE F 157 -13.06 14.95 -8.19
CA PHE F 157 -11.75 14.37 -7.84
C PHE F 157 -11.04 15.48 -7.06
N SER F 158 -10.73 15.21 -5.80
CA SER F 158 -10.06 16.21 -4.95
C SER F 158 -8.56 15.91 -5.01
N ALA F 159 -7.84 16.70 -5.78
CA ALA F 159 -6.43 16.51 -6.00
C ALA F 159 -5.51 17.04 -4.91
N GLU F 160 -4.39 16.34 -4.73
CA GLU F 160 -3.38 16.76 -3.77
C GLU F 160 -2.40 17.75 -4.42
N LEU F 161 -2.08 17.48 -5.69
CA LEU F 161 -1.10 18.31 -6.39
C LEU F 161 -1.70 19.00 -7.60
N PHE F 162 -1.93 20.29 -7.43
CA PHE F 162 -2.48 21.13 -8.51
C PHE F 162 -1.59 20.99 -9.74
N TYR F 163 -0.28 21.07 -9.50
CA TYR F 163 0.73 20.90 -10.55
C TYR F 163 1.14 19.43 -10.50
N THR F 164 0.21 18.57 -10.95
CA THR F 164 0.44 17.14 -10.87
C THR F 164 1.62 16.64 -11.65
N PRO F 165 2.41 15.77 -11.03
CA PRO F 165 3.49 15.10 -11.71
C PRO F 165 2.95 13.94 -12.56
N ASP F 166 1.64 13.64 -12.48
CA ASP F 166 1.00 12.59 -13.24
C ASP F 166 -0.24 13.05 -13.98
N PRO F 167 -0.07 13.79 -15.07
CA PRO F 167 -1.18 14.25 -15.88
C PRO F 167 -1.95 13.13 -16.53
N SER F 168 -1.37 11.92 -16.69
CA SER F 168 -2.09 10.80 -17.27
C SER F 168 -3.29 10.41 -16.41
N MET F 169 -3.28 10.78 -15.12
CA MET F 169 -4.41 10.47 -14.25
C MET F 169 -5.67 11.21 -14.70
N PHE F 170 -5.54 12.34 -15.41
CA PHE F 170 -6.74 13.03 -15.91
C PHE F 170 -7.50 12.17 -16.90
N ASP F 171 -6.81 11.31 -17.66
CA ASP F 171 -7.49 10.43 -18.62
C ASP F 171 -8.25 9.34 -17.87
N VAL F 172 -7.72 8.92 -16.72
CA VAL F 172 -8.40 7.92 -15.89
C VAL F 172 -9.64 8.55 -15.28
N MET F 173 -9.53 9.80 -14.82
CA MET F 173 -10.69 10.50 -14.25
C MET F 173 -11.79 10.60 -15.31
N ASP F 174 -11.37 10.94 -16.54
CA ASP F 174 -12.32 11.07 -17.64
C ASP F 174 -13.04 9.75 -17.89
N LYS F 175 -12.27 8.66 -17.99
CA LYS F 175 -12.88 7.35 -18.24
C LYS F 175 -13.85 6.94 -17.14
N TYR F 176 -13.56 7.28 -15.89
CA TYR F 176 -14.42 6.93 -14.78
C TYR F 176 -15.53 7.91 -14.50
N GLY F 177 -15.74 8.90 -15.36
CA GLY F 177 -16.81 9.85 -15.26
C GLY F 177 -16.71 10.97 -14.26
N ILE F 178 -15.49 11.32 -13.83
CA ILE F 178 -15.34 12.41 -12.86
C ILE F 178 -15.92 13.70 -13.47
N VAL F 179 -16.71 14.42 -12.69
CA VAL F 179 -17.39 15.62 -13.16
C VAL F 179 -16.57 16.88 -13.01
N GLY F 180 -15.59 16.87 -12.13
CA GLY F 180 -14.76 18.07 -11.96
C GLY F 180 -13.61 17.77 -10.99
N VAL F 181 -12.53 18.50 -11.22
CA VAL F 181 -11.32 18.41 -10.41
C VAL F 181 -11.17 19.62 -9.51
N GLU F 182 -11.17 19.40 -8.20
CA GLU F 182 -10.95 20.48 -7.23
C GLU F 182 -9.96 19.94 -6.19
N MET F 183 -9.85 20.44 -4.98
CA MET F 183 -8.82 19.91 -4.05
C MET F 183 -9.32 19.77 -2.64
N GLU F 184 -10.66 19.73 -2.42
CA GLU F 184 -11.16 19.73 -1.05
C GLU F 184 -12.29 18.80 -0.68
N ALA F 185 -13.26 18.63 -1.57
CA ALA F 185 -14.44 17.85 -1.28
C ALA F 185 -14.19 16.52 -0.59
N ALA F 186 -13.26 15.68 -1.04
CA ALA F 186 -13.06 14.41 -0.35
C ALA F 186 -12.63 14.57 1.10
N GLY F 187 -11.89 15.63 1.38
CA GLY F 187 -11.45 15.93 2.76
C GLY F 187 -12.62 16.44 3.60
N ILE F 188 -13.45 17.31 3.02
CA ILE F 188 -14.61 17.84 3.76
C ILE F 188 -15.58 16.71 4.09
N TYR F 189 -15.78 15.81 3.12
CA TYR F 189 -16.66 14.67 3.30
C TYR F 189 -16.12 13.72 4.37
N GLY F 190 -14.80 13.59 4.43
CA GLY F 190 -14.15 12.73 5.43
C GLY F 190 -14.35 13.31 6.82
N VAL F 191 -14.18 14.63 6.96
CA VAL F 191 -14.41 15.29 8.25
C VAL F 191 -15.89 15.15 8.65
N ALA F 192 -16.80 15.37 7.71
CA ALA F 192 -18.23 15.27 8.04
C ALA F 192 -18.58 13.89 8.53
N ALA F 193 -18.04 12.83 7.93
CA ALA F 193 -18.34 11.49 8.42
C ALA F 193 -17.70 11.24 9.79
N GLU F 194 -16.44 11.66 9.95
CA GLU F 194 -15.76 11.44 11.22
C GLU F 194 -16.46 12.12 12.39
N TYR F 195 -16.94 13.34 12.16
CA TYR F 195 -17.58 14.14 13.21
C TYR F 195 -19.07 14.06 13.25
N GLY F 196 -19.71 13.30 12.37
CA GLY F 196 -21.16 13.17 12.38
C GLY F 196 -21.90 14.39 11.90
N ALA F 197 -21.37 15.10 10.92
CA ALA F 197 -22.04 16.28 10.37
C ALA F 197 -22.39 16.00 8.90
N LYS F 198 -22.88 17.03 8.22
CA LYS F 198 -23.33 16.86 6.83
C LYS F 198 -22.66 17.85 5.90
N ALA F 199 -22.29 17.38 4.70
CA ALA F 199 -21.65 18.29 3.75
C ALA F 199 -22.03 18.02 2.31
N LEU F 200 -21.73 19.02 1.49
CA LEU F 200 -22.00 19.04 0.08
C LEU F 200 -21.02 19.96 -0.63
N ALA F 201 -20.54 19.55 -1.80
CA ALA F 201 -19.66 20.42 -2.58
C ALA F 201 -20.30 20.63 -3.97
N ILE F 202 -20.61 21.90 -4.26
CA ILE F 202 -21.16 22.33 -5.53
C ILE F 202 -20.05 23.17 -6.19
N CYS F 203 -19.79 22.96 -7.46
CA CYS F 203 -18.73 23.75 -8.10
C CYS F 203 -19.13 24.17 -9.51
N THR F 204 -18.53 25.27 -9.95
CA THR F 204 -18.77 25.73 -11.33
C THR F 204 -17.52 25.33 -12.13
N VAL F 205 -17.69 24.95 -13.37
CA VAL F 205 -16.56 24.55 -14.20
C VAL F 205 -15.90 25.78 -14.81
N SER F 206 -14.70 26.12 -14.34
CA SER F 206 -14.04 27.31 -14.86
C SER F 206 -13.33 27.02 -16.17
N ASP F 207 -12.94 25.78 -16.42
CA ASP F 207 -12.27 25.43 -17.67
C ASP F 207 -12.19 23.93 -17.89
N HIS F 208 -11.84 23.52 -19.11
CA HIS F 208 -11.74 22.11 -19.47
C HIS F 208 -10.30 21.66 -19.64
N ILE F 209 -9.95 20.59 -18.95
CA ILE F 209 -8.59 20.03 -18.99
C ILE F 209 -8.36 19.16 -20.21
N LYS F 210 -9.37 18.42 -20.66
CA LYS F 210 -9.24 17.55 -21.81
C LYS F 210 -9.33 18.26 -23.15
N THR F 211 -10.39 19.03 -23.37
CA THR F 211 -10.59 19.71 -24.64
C THR F 211 -9.82 21.02 -24.75
N GLY F 212 -9.60 21.70 -23.63
CA GLY F 212 -8.87 22.96 -23.63
C GLY F 212 -9.81 24.16 -23.62
N GLU F 213 -11.11 23.93 -23.68
CA GLU F 213 -12.07 25.04 -23.68
C GLU F 213 -11.85 25.89 -22.43
N GLN F 214 -11.75 27.20 -22.65
CA GLN F 214 -11.55 28.15 -21.57
C GLN F 214 -12.82 28.99 -21.36
N THR F 215 -12.78 29.86 -20.37
CA THR F 215 -13.91 30.73 -20.07
C THR F 215 -13.47 32.17 -19.86
N GLU F 219 -18.22 35.53 -17.89
CA GLU F 219 -18.99 34.29 -17.86
C GLU F 219 -18.85 33.60 -16.50
N ARG F 220 -17.66 33.70 -15.92
CA ARG F 220 -17.36 33.11 -14.63
C ARG F 220 -18.18 33.72 -13.50
N GLN F 221 -18.30 35.05 -13.49
CA GLN F 221 -19.06 35.77 -12.49
C GLN F 221 -20.54 35.40 -12.52
N ASN F 222 -21.12 35.39 -13.72
CA ASN F 222 -22.52 35.05 -13.92
C ASN F 222 -22.82 33.65 -13.41
N THR F 223 -22.01 32.68 -13.82
CA THR F 223 -22.19 31.29 -13.39
C THR F 223 -21.99 31.17 -11.89
N PHE F 224 -20.99 31.85 -11.33
CA PHE F 224 -20.74 31.83 -9.90
C PHE F 224 -21.95 32.34 -9.14
N ASN F 225 -22.53 33.45 -9.60
CA ASN F 225 -23.71 34.01 -8.93
C ASN F 225 -24.85 33.00 -8.87
N GLU F 226 -25.05 32.29 -9.97
CA GLU F 226 -26.08 31.26 -10.08
C GLU F 226 -25.84 30.14 -9.06
N MET F 227 -24.58 29.69 -8.96
CA MET F 227 -24.24 28.65 -7.99
C MET F 227 -24.60 29.09 -6.59
N ILE F 228 -24.27 30.36 -6.23
CA ILE F 228 -24.58 30.83 -4.89
C ILE F 228 -26.09 30.90 -4.68
N GLU F 229 -26.84 31.32 -5.69
CA GLU F 229 -28.30 31.37 -5.57
C GLU F 229 -28.85 29.96 -5.34
N ILE F 230 -28.29 28.99 -6.04
CA ILE F 230 -28.72 27.60 -5.84
C ILE F 230 -28.39 27.12 -4.44
N ALA F 231 -27.17 27.39 -3.97
CA ALA F 231 -26.78 26.96 -2.63
C ALA F 231 -27.69 27.53 -1.55
N LEU F 232 -27.93 28.84 -1.60
CA LEU F 232 -28.79 29.50 -0.63
C LEU F 232 -30.21 28.96 -0.64
N ASP F 233 -30.77 28.79 -1.84
CA ASP F 233 -32.13 28.24 -1.93
C ASP F 233 -32.15 26.81 -1.38
N SER F 234 -31.05 26.06 -1.59
CA SER F 234 -30.98 24.69 -1.10
C SER F 234 -31.02 24.61 0.40
N VAL F 235 -30.48 25.63 1.09
CA VAL F 235 -30.53 25.68 2.54
C VAL F 235 -31.98 25.75 3.03
N LEU F 236 -32.79 26.59 2.40
CA LEU F 236 -34.18 26.72 2.82
C LEU F 236 -34.96 25.44 2.52
N ILE F 237 -34.72 24.82 1.38
CA ILE F 237 -35.39 23.56 1.03
C ILE F 237 -35.04 22.49 2.06
N GLY F 238 -33.76 22.44 2.43
CA GLY F 238 -33.25 21.50 3.40
C GLY F 238 -33.91 21.65 4.76
N ASP F 239 -34.25 22.87 5.14
CA ASP F 239 -34.90 23.18 6.40
C ASP F 239 -36.35 22.66 6.43
N GLN F 240 -37.02 22.73 5.30
CA GLN F 240 -38.41 22.29 5.17
C GLN F 240 -38.52 20.78 5.19
#